data_2VR5
#
_entry.id   2VR5
#
_cell.length_a   204.814
_cell.length_b   204.814
_cell.length_c   89.558
_cell.angle_alpha   90.00
_cell.angle_beta   90.00
_cell.angle_gamma   120.00
#
_symmetry.space_group_name_H-M   'P 3 2 1'
#
loop_
_entity.id
_entity.type
_entity.pdbx_description
1 polymer 'GLYCOGEN OPERON PROTEIN GLGX'
2 non-polymer alpha-D-glucopyranose
3 non-polymer 4-O-(4,6-dideoxy-4-{[(1S,2S,3S,4R,5S)-2,3,4-trihydroxy-5-(hydroxymethyl)cyclohexyl]amino}-alpha-D-glucopyranosyl)-beta-D-glucopyranose
4 non-polymer 'SULFATE ION'
5 non-polymer GLYCEROL
6 water water
#
_entity_poly.entity_id   1
_entity_poly.type   'polypeptide(L)'
_entity_poly.pdbx_seq_one_letter_code
;MALFFRTRDRPLRPGDPYPLGSNWIEDDDGVNFSLFSENAEKVELLLYSLTNQKYPKEIIEVKNKTGDIWHVFVPGLRPG
QLYAYRVYGPYKPELGLRFNPNKVLIDPYAKAINGSVIWNDAVFGYKIGDQNQDLTYDERDSGEYVPKSVVINPYFEWDD
EDFIKGKKVPLKDTVIYEVHVKGFTKLRLDLPENIRGTYEGLASEQMISYLKDLGITTVELMPVFHFIDQRFLTDKGLTN
YWGYDPINFFSPECRYSSTGCLGGQVLSFKKMVNELHNAGIEVIIDVVYNHTAEGNHLGPTLSFRGIDNTAYYMLQPDNK
RYYLDFTGTGNTLNLSHPRVIQMVLDSLRYWVTEMHVDGFRFDLAAALARELYSVNMLNTFFIALQQDPILSQVKLIAEP
WDVGQGGYQVGNFPYQWAEWNGKYRDSIRRFWRGEALPYSEIANRLLGSPDIYLGNNKTPFASINYVTSHDGFTLEDLVS
YNQKHNEANGFNNQDGMNENYSWNCGAEGPTNDQNVVICREKQKRNFMITLLVSQGTPMILGGDELSRTQRGNNNAFCQD
NEITWFDWNLDERKSKFLEFVKKMIQFYRAHPAFRRERYFQGKKLFGMPLKDVTFYTLEGREVDEKTWSSPTQLVIFVLE
GSVMDEINMYGERIADDSFLIILNANPNNVKVKFPKGKWELVISSYLREIKPEERIIEGEKELEIEGRTALVYRRIEL
;
_entity_poly.pdbx_strand_id   A,B
#
# COMPACT_ATOMS: atom_id res chain seq x y z
N PHE A 4 9.68 46.82 4.23
CA PHE A 4 9.79 46.72 2.79
C PHE A 4 10.84 45.68 2.40
N PHE A 5 10.49 44.41 2.54
CA PHE A 5 11.37 43.32 2.12
C PHE A 5 10.68 42.43 1.09
N ARG A 6 11.27 41.27 0.83
CA ARG A 6 10.69 40.31 -0.10
C ARG A 6 10.52 38.93 0.54
N THR A 7 9.86 38.03 -0.17
CA THR A 7 9.67 36.67 0.31
C THR A 7 10.97 35.89 0.30
N ARG A 8 12.04 36.53 -0.15
CA ARG A 8 13.31 35.86 -0.36
C ARG A 8 14.43 36.52 0.43
N ASP A 9 14.09 37.61 1.13
CA ASP A 9 14.97 38.16 2.16
C ASP A 9 14.71 37.51 3.52
N ARG A 10 14.19 36.27 3.49
CA ARG A 10 13.98 35.51 4.72
C ARG A 10 14.48 34.08 4.57
N PRO A 11 15.45 33.72 5.40
CA PRO A 11 16.21 32.48 5.19
C PRO A 11 15.31 31.26 5.10
N LEU A 12 15.51 30.44 4.07
CA LEU A 12 14.56 29.38 3.74
C LEU A 12 15.25 28.24 3.00
N ARG A 13 14.59 27.08 2.96
CA ARG A 13 15.02 25.99 2.12
C ARG A 13 13.86 25.39 1.33
N PRO A 14 14.18 24.67 0.27
CA PRO A 14 13.17 24.16 -0.66
C PRO A 14 12.28 23.09 0.00
N GLY A 15 12.86 22.33 0.92
CA GLY A 15 12.09 21.39 1.72
C GLY A 15 11.82 20.10 0.97
N ASP A 16 10.88 19.31 1.49
CA ASP A 16 10.63 17.97 0.97
C ASP A 16 9.15 17.71 0.80
N PRO A 17 8.80 16.92 -0.21
CA PRO A 17 7.39 16.60 -0.50
C PRO A 17 6.83 15.59 0.50
N TYR A 18 7.70 15.04 1.34
CA TYR A 18 7.34 13.88 2.15
C TYR A 18 8.17 13.83 3.43
N PRO A 19 7.49 13.81 4.57
CA PRO A 19 6.09 13.37 4.61
C PRO A 19 5.13 14.54 4.39
N LEU A 20 3.85 14.24 4.21
CA LEU A 20 2.82 15.27 4.19
C LEU A 20 2.58 15.83 5.59
N GLY A 21 2.31 17.13 5.66
CA GLY A 21 2.13 17.80 6.93
C GLY A 21 3.36 18.59 7.35
N SER A 22 3.53 18.76 8.66
CA SER A 22 4.65 19.52 9.19
C SER A 22 5.53 18.65 10.09
N ASN A 23 6.84 18.77 9.93
CA ASN A 23 7.79 17.84 10.53
C ASN A 23 8.95 18.56 11.20
N TRP A 24 9.00 18.48 12.53
CA TRP A 24 10.14 19.00 13.28
C TRP A 24 11.40 18.20 12.98
N ILE A 25 12.30 18.80 12.21
CA ILE A 25 13.53 18.13 11.81
C ILE A 25 14.70 18.56 12.69
N GLU A 26 14.85 17.88 13.83
CA GLU A 26 15.74 18.34 14.89
C GLU A 26 17.08 18.80 14.32
N ASP A 27 17.59 18.06 13.34
CA ASP A 27 18.99 18.16 12.96
C ASP A 27 19.28 19.47 12.23
N ASP A 28 18.36 19.87 11.37
CA ASP A 28 18.50 21.11 10.61
C ASP A 28 17.78 22.26 11.30
N ASP A 29 17.52 22.09 12.59
CA ASP A 29 16.84 23.12 13.38
C ASP A 29 15.83 23.89 12.54
N GLY A 30 14.76 23.21 12.16
CA GLY A 30 13.65 23.86 11.47
C GLY A 30 12.46 22.93 11.29
N VAL A 31 11.46 23.41 10.57
CA VAL A 31 10.27 22.61 10.27
C VAL A 31 10.08 22.44 8.77
N ASN A 32 9.56 21.30 8.36
CA ASN A 32 9.31 21.02 6.95
C ASN A 32 7.82 20.92 6.63
N PHE A 33 7.34 21.82 5.80
CA PHE A 33 5.90 21.96 5.56
C PHE A 33 5.51 21.36 4.21
N SER A 34 4.75 20.28 4.24
CA SER A 34 4.30 19.62 3.02
C SER A 34 2.78 19.66 2.90
N LEU A 35 2.28 20.03 1.73
CA LEU A 35 0.85 20.19 1.52
C LEU A 35 0.46 19.80 0.10
N PHE A 36 -0.47 18.85 -0.01
CA PHE A 36 -0.97 18.41 -1.31
C PHE A 36 -2.00 19.40 -1.86
N SER A 37 -1.86 19.75 -3.13
CA SER A 37 -2.92 20.42 -3.87
C SER A 37 -2.57 20.56 -5.35
N GLU A 38 -3.32 19.87 -6.19
CA GLU A 38 -3.00 19.78 -7.61
C GLU A 38 -3.75 20.83 -8.42
N ASN A 39 -4.54 21.65 -7.74
CA ASN A 39 -5.39 22.64 -8.40
C ASN A 39 -5.05 24.06 -7.97
N ALA A 40 -4.48 24.20 -6.78
CA ALA A 40 -4.07 25.50 -6.28
C ALA A 40 -3.11 26.19 -7.24
N GLU A 41 -3.19 27.51 -7.31
CA GLU A 41 -2.26 28.29 -8.12
C GLU A 41 -1.18 28.92 -7.26
N LYS A 42 -1.48 29.12 -5.98
CA LYS A 42 -0.49 29.64 -5.03
C LYS A 42 -0.83 29.22 -3.61
N VAL A 43 0.20 29.10 -2.77
CA VAL A 43 0.03 28.66 -1.40
C VAL A 43 0.84 29.51 -0.44
N GLU A 44 0.24 29.85 0.70
CA GLU A 44 0.90 30.69 1.70
C GLU A 44 0.92 30.00 3.06
N LEU A 45 2.12 29.81 3.60
CA LEU A 45 2.28 29.39 4.99
C LEU A 45 2.02 30.54 5.95
N LEU A 46 1.11 30.33 6.89
CA LEU A 46 0.75 31.35 7.88
C LEU A 46 1.23 30.97 9.28
N LEU A 47 2.23 31.69 9.77
CA LEU A 47 2.78 31.43 11.10
C LEU A 47 2.15 32.35 12.14
N TYR A 48 1.61 31.77 13.19
CA TYR A 48 1.05 32.53 14.30
C TYR A 48 1.88 32.38 15.56
N SER A 49 1.52 33.13 16.60
CA SER A 49 2.16 33.00 17.90
C SER A 49 1.13 32.65 18.98
N LEU A 50 1.63 32.18 20.11
CA LEU A 50 0.77 31.90 21.27
C LEU A 50 -0.28 33.00 21.45
N THR A 51 0.18 34.21 21.70
CA THR A 51 -0.69 35.28 22.17
C THR A 51 -1.60 35.78 21.05
N ASN A 52 -0.99 36.23 19.95
CA ASN A 52 -1.73 36.80 18.83
C ASN A 52 -2.11 35.76 17.79
N GLN A 53 -3.42 35.53 17.63
CA GLN A 53 -3.91 34.49 16.73
C GLN A 53 -5.01 35.04 15.82
N LYS A 54 -5.07 36.37 15.70
CA LYS A 54 -5.96 37.00 14.75
C LYS A 54 -5.24 37.25 13.42
N TYR A 55 -3.92 37.37 13.47
CA TYR A 55 -3.12 37.64 12.28
C TYR A 55 -1.86 36.79 12.26
N PRO A 56 -1.40 36.44 11.06
CA PRO A 56 -0.03 35.96 10.88
C PRO A 56 0.99 36.86 11.58
N LYS A 57 1.70 36.30 12.55
CA LYS A 57 3.08 36.70 12.82
C LYS A 57 3.85 36.91 11.52
N GLU A 58 3.78 35.92 10.64
CA GLU A 58 4.57 35.94 9.41
C GLU A 58 3.83 35.24 8.28
N ILE A 59 4.12 35.65 7.04
CA ILE A 59 3.56 34.99 5.86
C ILE A 59 4.65 34.54 4.91
N ILE A 60 4.92 33.24 4.88
CA ILE A 60 5.79 32.66 3.86
C ILE A 60 4.97 32.12 2.69
N GLU A 61 5.45 32.36 1.48
CA GLU A 61 4.84 31.78 0.28
C GLU A 61 5.53 30.48 -0.12
N VAL A 62 4.81 29.38 0.00
CA VAL A 62 5.30 28.09 -0.49
C VAL A 62 5.50 28.12 -2.00
N LYS A 63 6.76 28.17 -2.42
CA LYS A 63 7.09 28.49 -3.80
C LYS A 63 7.59 27.26 -4.55
N ASN A 64 8.08 26.28 -3.81
CA ASN A 64 8.47 25.00 -4.37
C ASN A 64 7.31 24.02 -4.45
N LYS A 65 7.37 23.10 -5.41
CA LYS A 65 6.26 22.19 -5.67
C LYS A 65 6.72 20.99 -6.49
N THR A 66 6.96 19.87 -5.82
CA THR A 66 7.31 18.62 -6.50
C THR A 66 6.05 17.86 -6.91
N GLY A 67 5.73 17.91 -8.19
CA GLY A 67 4.49 17.31 -8.69
C GLY A 67 3.26 18.12 -8.27
N ASP A 68 2.41 17.49 -7.47
CA ASP A 68 1.25 18.17 -6.92
C ASP A 68 1.40 18.40 -5.42
N ILE A 69 2.62 18.74 -4.99
CA ILE A 69 2.91 18.93 -3.58
C ILE A 69 3.82 20.12 -3.37
N TRP A 70 3.26 21.21 -2.86
CA TRP A 70 4.05 22.36 -2.44
C TRP A 70 4.76 22.09 -1.12
N HIS A 71 6.04 22.45 -1.05
CA HIS A 71 6.84 22.19 0.14
C HIS A 71 7.77 23.37 0.44
N VAL A 72 7.91 23.69 1.72
CA VAL A 72 8.92 24.64 2.17
C VAL A 72 9.53 24.21 3.50
N PHE A 73 10.74 24.68 3.75
CA PHE A 73 11.38 24.48 5.05
C PHE A 73 11.79 25.80 5.68
N VAL A 74 11.15 26.16 6.79
CA VAL A 74 11.49 27.36 7.53
C VAL A 74 12.44 27.04 8.69
N PRO A 75 13.63 27.64 8.66
CA PRO A 75 14.58 27.53 9.76
C PRO A 75 14.04 28.16 11.04
N GLY A 76 14.38 27.59 12.19
CA GLY A 76 14.17 28.25 13.46
C GLY A 76 12.87 27.83 14.12
N LEU A 77 11.88 27.48 13.31
CA LEU A 77 10.67 26.83 13.80
C LEU A 77 11.00 25.55 14.56
N ARG A 78 10.48 25.45 15.78
CA ARG A 78 10.49 24.18 16.50
C ARG A 78 9.06 23.71 16.80
N PRO A 79 8.95 22.62 17.54
CA PRO A 79 7.64 22.09 17.93
C PRO A 79 6.85 23.10 18.76
N GLY A 80 5.52 23.08 18.63
CA GLY A 80 4.67 24.01 19.33
C GLY A 80 4.19 25.14 18.45
N GLN A 81 4.87 25.34 17.33
CA GLN A 81 4.60 26.48 16.45
C GLN A 81 3.24 26.34 15.78
N LEU A 82 2.37 27.32 16.01
CA LEU A 82 1.08 27.37 15.33
C LEU A 82 1.23 27.82 13.88
N TYR A 83 0.47 27.19 12.98
CA TYR A 83 0.43 27.60 11.59
C TYR A 83 -0.92 27.29 10.96
N ALA A 84 -1.23 27.96 9.86
CA ALA A 84 -2.37 27.60 9.03
C ALA A 84 -2.09 27.90 7.55
N TYR A 85 -3.05 27.57 6.70
CA TYR A 85 -2.84 27.62 5.26
C TYR A 85 -3.84 28.56 4.58
N ARG A 86 -3.34 29.46 3.75
CA ARG A 86 -4.12 30.02 2.66
C ARG A 86 -3.85 29.29 1.35
N VAL A 87 -4.91 29.07 0.57
CA VAL A 87 -4.77 28.52 -0.78
C VAL A 87 -5.48 29.40 -1.80
N TYR A 88 -4.72 29.87 -2.78
CA TYR A 88 -5.28 30.59 -3.92
C TYR A 88 -5.63 29.64 -5.05
N GLY A 89 -6.56 30.06 -5.92
CA GLY A 89 -6.86 29.31 -7.12
C GLY A 89 -8.16 29.76 -7.76
N PRO A 90 -8.62 29.01 -8.75
CA PRO A 90 -9.83 29.37 -9.50
C PRO A 90 -11.09 29.22 -8.66
N TYR A 91 -11.94 30.24 -8.66
CA TYR A 91 -13.25 30.14 -8.03
C TYR A 91 -14.36 30.05 -9.07
N LYS A 92 -15.03 28.90 -9.12
CA LYS A 92 -16.08 28.67 -10.10
C LYS A 92 -17.03 27.57 -9.64
N PRO A 93 -17.89 27.91 -8.68
CA PRO A 93 -18.70 26.91 -7.98
C PRO A 93 -19.50 26.05 -8.96
N GLU A 94 -19.70 26.57 -10.17
CA GLU A 94 -20.38 25.81 -11.22
C GLU A 94 -19.56 24.57 -11.62
N LEU A 95 -18.24 24.68 -11.50
CA LEU A 95 -17.34 23.66 -12.02
C LEU A 95 -16.65 22.90 -10.89
N GLY A 96 -16.99 23.26 -9.65
CA GLY A 96 -16.44 22.58 -8.49
C GLY A 96 -15.32 23.36 -7.83
N LEU A 97 -14.65 24.19 -8.62
CA LEU A 97 -13.57 25.03 -8.10
C LEU A 97 -14.10 26.00 -7.05
N ARG A 98 -13.58 25.88 -5.82
CA ARG A 98 -14.07 26.67 -4.71
C ARG A 98 -12.90 27.24 -3.90
N PHE A 99 -11.94 27.82 -4.58
CA PHE A 99 -10.77 28.42 -3.93
C PHE A 99 -11.11 29.80 -3.36
N ASN A 100 -10.81 30.01 -2.08
CA ASN A 100 -11.03 31.29 -1.45
C ASN A 100 -9.88 31.67 -0.52
N PRO A 101 -8.91 32.43 -1.04
CA PRO A 101 -7.64 32.63 -0.35
C PRO A 101 -7.79 33.50 0.89
N ASN A 102 -8.95 34.16 1.02
CA ASN A 102 -9.30 34.84 2.26
C ASN A 102 -9.56 33.86 3.39
N LYS A 103 -10.06 32.68 3.05
CA LYS A 103 -10.37 31.66 4.06
C LYS A 103 -9.10 30.93 4.51
N VAL A 104 -8.80 31.04 5.80
CA VAL A 104 -7.65 30.35 6.38
C VAL A 104 -7.96 28.89 6.66
N LEU A 105 -7.08 28.00 6.19
CA LEU A 105 -7.38 26.58 6.15
C LEU A 105 -6.52 25.80 7.14
N ILE A 106 -7.01 24.65 7.57
CA ILE A 106 -6.24 23.77 8.44
C ILE A 106 -5.43 22.75 7.64
N ASP A 107 -4.20 22.53 8.04
CA ASP A 107 -3.38 21.46 7.46
C ASP A 107 -3.99 20.09 7.73
N PRO A 108 -4.49 19.46 6.67
CA PRO A 108 -5.20 18.18 6.80
C PRO A 108 -4.30 17.08 7.35
N TYR A 109 -3.02 17.41 7.57
CA TYR A 109 -2.07 16.45 8.09
C TYR A 109 -1.54 16.88 9.46
N ALA A 110 -2.13 17.93 10.01
CA ALA A 110 -1.88 18.33 11.39
C ALA A 110 -2.05 17.15 12.35
N LYS A 111 -1.15 17.05 13.31
CA LYS A 111 -1.27 16.04 14.36
C LYS A 111 -1.78 16.66 15.66
N ALA A 112 -1.94 17.98 15.65
CA ALA A 112 -2.61 18.68 16.75
C ALA A 112 -3.29 19.95 16.26
N ILE A 113 -4.47 20.23 16.81
CA ILE A 113 -5.26 21.38 16.39
C ILE A 113 -5.75 22.18 17.59
N ASN A 114 -5.57 23.50 17.52
CA ASN A 114 -5.47 24.32 18.73
C ASN A 114 -6.80 24.42 19.48
N GLY A 115 -7.71 25.22 18.95
CA GLY A 115 -9.07 25.28 19.47
C GLY A 115 -10.07 24.61 18.57
N SER A 116 -11.33 24.99 18.70
CA SER A 116 -12.33 24.71 17.66
C SER A 116 -12.75 26.00 16.96
N VAL A 117 -13.77 25.89 16.11
CA VAL A 117 -14.21 27.02 15.29
C VAL A 117 -15.13 27.95 16.08
N ILE A 118 -14.78 29.23 16.11
CA ILE A 118 -15.70 30.26 16.57
C ILE A 118 -16.69 30.66 15.48
N TRP A 119 -17.87 30.06 15.51
CA TRP A 119 -18.80 30.13 14.39
C TRP A 119 -19.09 31.58 14.01
N ASN A 120 -19.10 31.85 12.70
CA ASN A 120 -19.17 33.21 12.20
C ASN A 120 -19.20 33.27 10.68
N ASP A 121 -20.17 34.01 10.14
CA ASP A 121 -20.49 33.94 8.72
C ASP A 121 -19.22 33.86 7.87
N ALA A 122 -18.11 34.32 8.43
CA ALA A 122 -16.95 34.67 7.64
C ALA A 122 -16.10 33.44 7.30
N VAL A 123 -16.63 32.27 7.66
CA VAL A 123 -15.87 31.03 7.54
C VAL A 123 -16.43 30.13 6.44
N PHE A 124 -16.98 30.76 5.40
CA PHE A 124 -17.94 30.09 4.53
C PHE A 124 -17.62 30.33 3.06
N GLY A 125 -16.91 31.42 2.80
CA GLY A 125 -16.30 31.63 1.48
C GLY A 125 -17.34 31.77 0.39
N TYR A 126 -18.61 31.69 0.76
CA TYR A 126 -19.67 32.39 0.06
C TYR A 126 -20.40 33.35 0.99
N LYS A 127 -21.07 34.35 0.39
CA LYS A 127 -21.92 35.25 1.15
C LYS A 127 -23.16 34.52 1.68
N ILE A 128 -23.34 34.56 3.00
CA ILE A 128 -24.39 33.78 3.64
C ILE A 128 -25.77 34.26 3.22
N GLY A 129 -26.12 35.48 3.62
CA GLY A 129 -27.47 35.99 3.42
C GLY A 129 -27.79 36.27 1.97
N ASP A 130 -26.84 35.95 1.09
CA ASP A 130 -26.98 36.27 -0.32
C ASP A 130 -27.91 35.29 -1.02
N GLN A 131 -28.58 35.75 -2.07
CA GLN A 131 -29.59 34.95 -2.76
C GLN A 131 -28.93 33.84 -3.57
N ASN A 132 -27.75 34.12 -4.11
CA ASN A 132 -27.00 33.13 -4.87
C ASN A 132 -26.06 32.31 -4.00
N GLN A 133 -26.54 31.93 -2.81
CA GLN A 133 -25.73 31.17 -1.87
C GLN A 133 -24.74 30.27 -2.60
N ASP A 134 -23.50 30.25 -2.13
CA ASP A 134 -22.54 29.22 -2.52
C ASP A 134 -22.20 29.32 -4.00
N LEU A 135 -22.91 30.18 -4.72
CA LEU A 135 -22.46 30.66 -6.02
C LEU A 135 -21.65 31.94 -5.88
N THR A 136 -21.65 32.52 -4.69
CA THR A 136 -21.04 33.83 -4.46
C THR A 136 -19.67 33.70 -3.80
N TYR A 137 -18.94 34.81 -3.74
CA TYR A 137 -17.56 34.79 -3.31
C TYR A 137 -17.32 35.77 -2.17
N ASP A 138 -17.42 35.29 -0.94
CA ASP A 138 -17.22 36.12 0.24
C ASP A 138 -15.74 36.26 0.56
N GLU A 139 -15.31 37.50 0.83
CA GLU A 139 -13.89 37.79 0.95
C GLU A 139 -13.57 38.43 2.30
N ARG A 140 -14.34 38.07 3.32
CA ARG A 140 -13.97 38.33 4.70
C ARG A 140 -12.89 37.37 5.17
N ASP A 141 -11.80 37.92 5.71
CA ASP A 141 -10.80 37.12 6.39
C ASP A 141 -11.38 36.38 7.58
N SER A 142 -11.01 35.11 7.72
CA SER A 142 -11.61 34.24 8.73
C SER A 142 -10.57 33.69 9.68
N GLY A 143 -9.35 34.21 9.59
CA GLY A 143 -8.25 33.72 10.40
C GLY A 143 -8.61 33.59 11.86
N GLU A 144 -9.33 34.58 12.39
CA GLU A 144 -9.43 34.77 13.83
C GLU A 144 -10.40 33.77 14.45
N TYR A 145 -11.10 33.02 13.59
CA TYR A 145 -12.15 32.12 14.04
C TYR A 145 -11.71 30.66 13.94
N VAL A 146 -10.94 30.35 12.92
CA VAL A 146 -10.47 28.99 12.69
C VAL A 146 -9.26 28.67 13.55
N PRO A 147 -9.32 27.54 14.27
CA PRO A 147 -8.18 27.07 15.06
C PRO A 147 -6.92 26.92 14.21
N LYS A 148 -5.76 26.99 14.85
CA LYS A 148 -4.49 26.87 14.14
C LYS A 148 -3.91 25.47 14.28
N SER A 149 -3.26 25.00 13.22
CA SER A 149 -2.51 23.75 13.27
C SER A 149 -1.26 23.88 14.13
N VAL A 150 -0.94 22.84 14.88
CA VAL A 150 0.25 22.84 15.73
C VAL A 150 1.28 21.82 15.25
N VAL A 151 2.50 22.29 15.01
CA VAL A 151 3.65 21.41 14.89
C VAL A 151 3.98 20.76 16.23
N ILE A 152 4.41 19.50 16.18
CA ILE A 152 4.50 18.68 17.38
C ILE A 152 5.85 17.96 17.45
N ASN A 153 6.21 17.51 18.65
CA ASN A 153 7.38 16.65 18.83
C ASN A 153 6.99 15.21 19.08
N PRO A 154 7.19 14.36 18.08
CA PRO A 154 6.53 13.05 18.04
C PRO A 154 7.15 12.07 19.03
N TYR A 155 8.24 12.48 19.67
CA TYR A 155 8.95 11.62 20.61
C TYR A 155 8.08 11.28 21.82
N PHE A 156 7.83 10.00 22.02
CA PHE A 156 7.15 9.53 23.23
C PHE A 156 7.66 8.16 23.64
N GLU A 157 8.05 8.03 24.91
CA GLU A 157 8.68 6.81 25.40
C GLU A 157 7.65 5.76 25.80
N TRP A 158 7.40 4.81 24.91
CA TRP A 158 6.44 3.75 25.17
C TRP A 158 7.00 2.73 26.15
N ASP A 159 7.26 3.18 27.38
CA ASP A 159 7.70 2.28 28.44
C ASP A 159 6.78 1.06 28.55
N ASP A 160 7.39 -0.11 28.76
CA ASP A 160 6.64 -1.36 28.78
C ASP A 160 5.91 -1.59 27.46
N GLU A 161 5.95 -0.59 26.59
CA GLU A 161 5.33 -0.70 25.27
C GLU A 161 5.54 -2.09 24.68
N ASP A 162 6.78 -2.37 24.29
CA ASP A 162 7.06 -3.11 23.07
C ASP A 162 6.65 -4.58 23.21
N PHE A 163 6.46 -5.01 24.45
CA PHE A 163 6.36 -6.43 24.75
C PHE A 163 4.94 -6.95 24.49
N ILE A 164 3.97 -6.05 24.57
CA ILE A 164 2.57 -6.42 24.37
C ILE A 164 2.30 -6.74 22.91
N LYS A 165 3.33 -7.13 22.19
CA LYS A 165 3.38 -6.95 20.74
C LYS A 165 3.92 -8.18 20.04
N GLY A 166 3.09 -9.20 19.91
CA GLY A 166 3.01 -10.25 20.91
C GLY A 166 1.61 -10.85 21.00
N LYS A 167 1.53 -12.07 21.52
CA LYS A 167 0.37 -12.93 21.30
C LYS A 167 -0.85 -12.39 22.04
N LYS A 168 -1.33 -11.23 21.59
CA LYS A 168 -2.33 -10.48 22.34
C LYS A 168 -3.71 -11.10 22.21
N VAL A 169 -4.75 -10.30 22.48
CA VAL A 169 -6.11 -10.74 22.30
C VAL A 169 -6.42 -11.03 20.83
N PRO A 170 -6.47 -12.31 20.48
CA PRO A 170 -7.10 -12.74 19.23
C PRO A 170 -8.58 -12.38 19.19
N LEU A 171 -9.10 -12.15 17.98
CA LEU A 171 -10.51 -11.77 17.82
C LEU A 171 -11.43 -12.78 18.48
N LYS A 172 -10.90 -13.96 18.79
CA LYS A 172 -11.71 -15.13 19.04
C LYS A 172 -12.04 -15.27 20.52
N ASP A 173 -11.24 -14.64 21.37
CA ASP A 173 -11.53 -14.57 22.79
C ASP A 173 -11.78 -13.12 23.23
N THR A 174 -12.01 -12.25 22.26
CA THR A 174 -12.17 -10.82 22.53
C THR A 174 -13.55 -10.50 23.05
N VAL A 175 -13.64 -9.47 23.89
CA VAL A 175 -14.93 -8.97 24.35
C VAL A 175 -14.93 -7.44 24.42
N ILE A 176 -15.69 -6.82 23.51
CA ILE A 176 -15.50 -5.41 23.20
C ILE A 176 -16.33 -4.52 24.12
N TYR A 177 -15.82 -3.34 24.42
CA TYR A 177 -16.46 -2.44 25.36
C TYR A 177 -16.51 -1.01 24.83
N GLU A 178 -17.64 -0.64 24.23
CA GLU A 178 -17.75 0.63 23.51
C GLU A 178 -17.97 1.78 24.48
N VAL A 179 -17.05 2.74 24.48
CA VAL A 179 -17.02 3.77 25.50
C VAL A 179 -16.86 5.16 24.87
N HIS A 180 -17.47 6.16 25.52
CA HIS A 180 -17.21 7.55 25.18
C HIS A 180 -16.19 8.17 26.14
N VAL A 181 -15.04 8.57 25.60
CA VAL A 181 -13.94 9.05 26.43
C VAL A 181 -14.44 9.93 27.56
N LYS A 182 -15.23 10.95 27.20
CA LYS A 182 -15.77 11.87 28.18
C LYS A 182 -16.83 11.20 29.06
N GLY A 183 -17.97 10.89 28.45
CA GLY A 183 -19.08 10.29 29.17
C GLY A 183 -18.63 9.21 30.15
N PHE A 184 -17.46 8.62 29.86
CA PHE A 184 -16.96 7.51 30.67
C PHE A 184 -16.84 7.91 32.14
N THR A 185 -16.45 9.15 32.38
CA THR A 185 -15.70 9.51 33.57
C THR A 185 -15.92 10.96 33.96
N LYS A 186 -16.83 11.62 33.26
CA LYS A 186 -17.24 12.98 33.61
C LYS A 186 -17.83 13.03 35.01
N LEU A 187 -18.74 12.11 35.30
CA LEU A 187 -19.41 12.08 36.59
C LEU A 187 -18.73 11.11 37.54
N ARG A 188 -17.41 10.96 37.38
CA ARG A 188 -16.63 10.11 38.26
C ARG A 188 -15.81 10.94 39.25
N LEU A 189 -16.47 11.45 40.28
CA LEU A 189 -15.80 12.20 41.34
C LEU A 189 -14.72 11.36 42.02
N ASP A 190 -14.73 10.06 41.74
CA ASP A 190 -13.68 9.17 42.21
C ASP A 190 -12.30 9.69 41.81
N LEU A 191 -12.20 10.24 40.61
CA LEU A 191 -11.04 11.02 40.22
C LEU A 191 -11.27 12.50 40.48
N PRO A 192 -10.20 13.21 40.87
CA PRO A 192 -10.14 14.66 40.72
C PRO A 192 -10.72 15.13 39.39
N GLU A 193 -11.58 16.15 39.44
CA GLU A 193 -12.04 16.81 38.22
C GLU A 193 -10.88 17.16 37.30
N ASN A 194 -11.19 17.50 36.06
CA ASN A 194 -10.19 18.03 35.13
C ASN A 194 -9.38 16.92 34.47
N ILE A 195 -9.55 15.69 34.95
CA ILE A 195 -9.32 14.50 34.15
C ILE A 195 -10.59 13.69 33.98
N ARG A 196 -11.65 14.11 34.66
CA ARG A 196 -13.00 13.59 34.39
C ARG A 196 -13.43 13.89 32.96
N GLY A 197 -13.63 12.83 32.18
CA GLY A 197 -14.10 12.97 30.82
C GLY A 197 -12.98 13.33 29.85
N THR A 198 -11.76 12.96 30.22
CA THR A 198 -10.63 13.06 29.30
C THR A 198 -9.97 11.70 29.08
N TYR A 199 -9.04 11.65 28.12
CA TYR A 199 -8.16 10.50 27.99
C TYR A 199 -7.55 10.10 29.33
N GLU A 200 -6.75 10.99 29.90
CA GLU A 200 -6.07 10.71 31.16
C GLU A 200 -7.01 10.07 32.17
N GLY A 201 -8.25 10.56 32.22
CA GLY A 201 -9.26 9.99 33.07
C GLY A 201 -9.56 8.53 32.74
N LEU A 202 -9.53 8.22 31.45
CA LEU A 202 -9.92 6.89 30.97
C LEU A 202 -8.90 5.84 31.42
N ALA A 203 -7.63 6.23 31.46
CA ALA A 203 -6.55 5.28 31.70
C ALA A 203 -6.00 5.41 33.11
N SER A 204 -6.87 5.77 34.05
CA SER A 204 -6.48 5.89 35.45
C SER A 204 -6.61 4.57 36.18
N GLU A 205 -5.83 4.39 37.24
CA GLU A 205 -5.99 3.25 38.14
C GLU A 205 -7.47 2.92 38.34
N GLN A 206 -8.18 3.80 39.04
CA GLN A 206 -9.61 3.63 39.26
C GLN A 206 -10.27 2.91 38.08
N MET A 207 -10.14 3.51 36.90
CA MET A 207 -10.86 3.03 35.72
C MET A 207 -10.25 1.74 35.20
N ILE A 208 -8.95 1.74 34.96
CA ILE A 208 -8.23 0.55 34.54
C ILE A 208 -8.62 -0.65 35.40
N SER A 209 -8.72 -0.43 36.70
CA SER A 209 -9.12 -1.49 37.62
C SER A 209 -10.56 -1.92 37.37
N TYR A 210 -11.44 -0.95 37.13
CA TYR A 210 -12.82 -1.24 36.77
C TYR A 210 -12.89 -2.18 35.57
N LEU A 211 -12.28 -1.78 34.46
CA LEU A 211 -12.28 -2.58 33.25
C LEU A 211 -11.68 -3.97 33.49
N LYS A 212 -10.56 -4.00 34.19
CA LYS A 212 -9.92 -5.25 34.56
C LYS A 212 -10.87 -6.14 35.34
N ASP A 213 -11.56 -5.56 36.32
CA ASP A 213 -12.63 -6.25 37.02
C ASP A 213 -13.71 -6.73 36.06
N LEU A 214 -14.34 -5.79 35.36
CA LEU A 214 -15.47 -6.09 34.49
C LEU A 214 -15.19 -7.32 33.63
N GLY A 215 -14.01 -7.36 33.02
CA GLY A 215 -13.52 -8.57 32.38
C GLY A 215 -13.41 -8.42 30.88
N ILE A 216 -13.71 -7.22 30.38
CA ILE A 216 -13.52 -6.92 28.97
C ILE A 216 -12.04 -6.90 28.60
N THR A 217 -11.75 -7.14 27.33
CA THR A 217 -10.37 -7.29 26.88
C THR A 217 -9.93 -6.08 26.05
N THR A 218 -10.85 -5.57 25.23
CA THR A 218 -10.54 -4.44 24.35
C THR A 218 -11.58 -3.34 24.49
N VAL A 219 -11.15 -2.09 24.36
CA VAL A 219 -12.04 -0.95 24.46
C VAL A 219 -12.15 -0.21 23.13
N GLU A 220 -13.38 0.03 22.69
CA GLU A 220 -13.62 0.77 21.46
C GLU A 220 -14.07 2.20 21.76
N LEU A 221 -13.15 3.15 21.63
CA LEU A 221 -13.46 4.55 21.88
C LEU A 221 -14.23 5.16 20.73
N MET A 222 -15.22 5.99 21.07
CA MET A 222 -15.95 6.76 20.07
C MET A 222 -15.03 7.80 19.41
N PRO A 223 -15.46 8.32 18.27
CA PRO A 223 -14.59 9.13 17.41
C PRO A 223 -13.69 10.05 18.23
N VAL A 224 -12.39 10.03 17.95
CA VAL A 224 -11.44 10.86 18.66
C VAL A 224 -10.57 11.67 17.69
N PHE A 225 -10.88 11.55 16.40
CA PHE A 225 -10.48 12.55 15.42
C PHE A 225 -11.07 13.92 15.79
N HIS A 226 -10.20 14.88 16.03
CA HIS A 226 -10.61 16.28 16.12
C HIS A 226 -11.82 16.56 15.24
N PHE A 227 -12.91 17.00 15.86
CA PHE A 227 -14.16 17.24 15.14
C PHE A 227 -14.75 18.59 15.49
N ILE A 228 -15.70 19.05 14.68
CA ILE A 228 -16.32 20.35 14.89
C ILE A 228 -17.77 20.20 15.32
N ASP A 229 -18.27 21.19 16.05
CA ASP A 229 -19.69 21.28 16.36
C ASP A 229 -20.45 21.98 15.24
N GLN A 230 -21.15 21.20 14.42
CA GLN A 230 -22.11 21.75 13.47
C GLN A 230 -22.73 23.04 14.00
N ARG A 231 -22.86 24.03 13.12
CA ARG A 231 -23.43 25.32 13.49
C ARG A 231 -24.89 25.15 13.95
N PHE A 232 -25.66 24.36 13.21
CA PHE A 232 -27.07 24.18 13.51
C PHE A 232 -27.28 23.53 14.86
N LEU A 233 -26.22 22.90 15.37
CA LEU A 233 -26.23 22.40 16.75
C LEU A 233 -25.81 23.49 17.73
N THR A 234 -24.89 24.35 17.31
CA THR A 234 -24.46 25.49 18.13
C THR A 234 -25.61 26.48 18.31
N ASP A 235 -26.32 26.77 17.23
CA ASP A 235 -27.39 27.76 17.27
C ASP A 235 -28.59 27.25 18.06
N LYS A 236 -28.41 26.10 18.70
CA LYS A 236 -29.47 25.52 19.54
C LYS A 236 -28.98 25.29 20.96
N GLY A 237 -27.89 25.96 21.32
CA GLY A 237 -27.25 25.74 22.61
C GLY A 237 -26.80 24.31 22.80
N LEU A 238 -26.39 23.67 21.71
CA LEU A 238 -26.11 22.25 21.72
C LEU A 238 -24.66 21.97 21.29
N THR A 239 -24.28 20.69 21.32
CA THR A 239 -22.92 20.30 20.96
C THR A 239 -22.92 18.98 20.20
N ASN A 240 -21.84 18.73 19.45
CA ASN A 240 -21.56 17.41 18.92
C ASN A 240 -20.87 16.52 19.95
N TYR A 241 -21.66 15.70 20.63
CA TYR A 241 -21.16 14.92 21.76
C TYR A 241 -20.49 13.63 21.29
N TRP A 242 -21.03 13.05 20.21
CA TRP A 242 -20.54 11.77 19.70
C TRP A 242 -19.22 11.94 18.98
N GLY A 243 -19.16 12.93 18.08
CA GLY A 243 -17.91 13.33 17.47
C GLY A 243 -17.82 12.92 16.01
N TYR A 244 -18.91 12.36 15.49
CA TYR A 244 -18.91 11.78 14.15
C TYR A 244 -18.94 12.86 13.08
N ASP A 245 -18.10 13.88 13.24
CA ASP A 245 -17.97 14.93 12.25
C ASP A 245 -16.54 15.46 12.17
N PRO A 246 -15.63 14.61 11.71
CA PRO A 246 -14.20 14.92 11.75
C PRO A 246 -13.82 16.04 10.79
N ILE A 247 -12.82 16.83 11.15
CA ILE A 247 -12.28 17.85 10.26
C ILE A 247 -10.82 17.57 9.92
N ASN A 248 -10.15 16.84 10.81
CA ASN A 248 -8.79 16.36 10.54
C ASN A 248 -8.57 14.94 11.03
N PHE A 249 -7.71 14.20 10.34
CA PHE A 249 -7.71 12.75 10.42
C PHE A 249 -6.52 12.23 11.21
N PHE A 250 -5.70 13.15 11.70
CA PHE A 250 -4.43 12.81 12.33
C PHE A 250 -4.35 13.34 13.76
N SER A 251 -5.23 14.29 14.08
CA SER A 251 -5.21 14.95 15.38
C SER A 251 -6.33 14.44 16.27
N PRO A 252 -5.99 14.08 17.51
CA PRO A 252 -6.98 13.67 18.50
C PRO A 252 -7.75 14.86 19.07
N GLU A 253 -9.05 14.69 19.26
CA GLU A 253 -9.91 15.79 19.66
C GLU A 253 -9.35 16.50 20.90
N CYS A 254 -9.32 17.82 20.84
CA CYS A 254 -8.68 18.62 21.90
C CYS A 254 -9.54 18.65 23.15
N ARG A 255 -10.84 18.41 22.98
CA ARG A 255 -11.79 18.60 24.07
C ARG A 255 -11.78 17.41 25.03
N TYR A 256 -10.84 16.50 24.82
CA TYR A 256 -10.68 15.35 25.71
C TYR A 256 -9.32 15.37 26.41
N SER A 257 -8.49 16.35 26.04
CA SER A 257 -7.13 16.44 26.57
C SER A 257 -7.10 17.21 27.88
N SER A 258 -6.39 16.65 28.86
CA SER A 258 -6.31 17.27 30.18
C SER A 258 -5.20 18.30 30.25
N THR A 259 -4.39 18.37 29.19
CA THR A 259 -3.09 19.00 29.26
C THR A 259 -2.91 20.03 28.15
N GLY A 260 -3.97 20.78 27.87
CA GLY A 260 -4.67 20.66 26.61
C GLY A 260 -3.76 20.86 25.41
N CYS A 261 -4.26 20.53 24.23
CA CYS A 261 -4.85 21.53 23.35
C CYS A 261 -3.80 22.20 22.47
N LEU A 262 -2.53 21.97 22.80
CA LEU A 262 -1.44 22.72 22.19
C LEU A 262 -0.34 21.77 21.69
N GLY A 263 -0.64 20.47 21.68
CA GLY A 263 0.39 19.46 21.69
C GLY A 263 0.18 18.42 22.78
N GLY A 264 -0.69 18.75 23.74
CA GLY A 264 -0.90 17.91 24.90
C GLY A 264 -1.99 16.88 24.69
N GLN A 265 -2.79 17.08 23.65
CA GLN A 265 -3.84 16.13 23.30
C GLN A 265 -3.24 14.80 22.81
N VAL A 266 -2.19 14.90 22.01
CA VAL A 266 -1.53 13.72 21.46
C VAL A 266 -0.61 13.07 22.50
N LEU A 267 0.03 13.91 23.32
CA LEU A 267 0.77 13.42 24.47
C LEU A 267 -0.15 12.76 25.49
N SER A 268 -1.31 13.36 25.71
CA SER A 268 -2.28 12.84 26.67
C SER A 268 -2.87 11.53 26.18
N PHE A 269 -3.00 11.40 24.86
CA PHE A 269 -3.55 10.19 24.25
C PHE A 269 -2.58 9.02 24.41
N LYS A 270 -1.32 9.24 24.05
CA LYS A 270 -0.32 8.17 24.01
C LYS A 270 -0.17 7.52 25.38
N LYS A 271 -0.07 8.35 26.41
CA LYS A 271 -0.03 7.86 27.79
C LYS A 271 -1.20 6.92 28.08
N MET A 272 -2.38 7.30 27.59
CA MET A 272 -3.59 6.52 27.84
C MET A 272 -3.50 5.13 27.24
N VAL A 273 -3.01 5.05 26.02
CA VAL A 273 -2.81 3.77 25.35
C VAL A 273 -1.71 2.97 26.01
N ASN A 274 -0.55 3.60 26.22
CA ASN A 274 0.49 3.05 27.07
C ASN A 274 -0.08 2.45 28.36
N GLU A 275 -0.84 3.25 29.08
CA GLU A 275 -1.40 2.82 30.36
C GLU A 275 -2.30 1.60 30.19
N LEU A 276 -3.07 1.58 29.10
CA LEU A 276 -4.00 0.49 28.84
C LEU A 276 -3.25 -0.80 28.51
N HIS A 277 -2.28 -0.71 27.60
CA HIS A 277 -1.50 -1.86 27.19
C HIS A 277 -0.81 -2.51 28.39
N ASN A 278 -0.19 -1.69 29.23
CA ASN A 278 0.38 -2.17 30.48
C ASN A 278 -0.59 -3.04 31.26
N ALA A 279 -1.88 -2.84 31.03
CA ALA A 279 -2.91 -3.57 31.76
C ALA A 279 -3.48 -4.71 30.93
N GLY A 280 -2.86 -4.96 29.78
CA GLY A 280 -3.33 -5.99 28.87
C GLY A 280 -4.69 -5.66 28.28
N ILE A 281 -4.81 -4.46 27.71
CA ILE A 281 -6.07 -4.02 27.12
C ILE A 281 -5.83 -3.43 25.73
N GLU A 282 -6.51 -3.99 24.73
CA GLU A 282 -6.43 -3.46 23.37
C GLU A 282 -7.22 -2.16 23.23
N VAL A 283 -6.92 -1.40 22.20
CA VAL A 283 -7.65 -0.17 21.90
C VAL A 283 -8.16 -0.15 20.47
N ILE A 284 -9.48 -0.07 20.31
CA ILE A 284 -10.08 0.14 18.99
C ILE A 284 -10.80 1.48 18.93
N ILE A 285 -10.42 2.31 17.97
CA ILE A 285 -11.03 3.62 17.81
C ILE A 285 -12.08 3.62 16.69
N ASP A 286 -13.26 4.11 16.99
CA ASP A 286 -14.21 4.52 15.96
C ASP A 286 -13.58 5.50 14.98
N VAL A 287 -13.72 5.21 13.69
CA VAL A 287 -13.05 5.99 12.65
C VAL A 287 -14.06 6.48 11.61
N VAL A 288 -14.13 7.80 11.44
CA VAL A 288 -14.89 8.39 10.35
C VAL A 288 -13.98 8.81 9.19
N TYR A 289 -14.15 8.15 8.06
CA TYR A 289 -13.36 8.46 6.87
C TYR A 289 -14.27 8.77 5.68
N ASN A 290 -15.58 8.60 5.87
CA ASN A 290 -16.52 8.59 4.76
C ASN A 290 -17.02 9.99 4.43
N HIS A 291 -17.01 10.87 5.43
CA HIS A 291 -17.47 12.24 5.25
C HIS A 291 -16.67 13.20 6.13
N THR A 292 -16.86 14.50 5.89
CA THR A 292 -16.18 15.53 6.67
C THR A 292 -17.18 16.35 7.47
N ALA A 293 -16.68 17.37 8.16
CA ALA A 293 -17.53 18.35 8.83
C ALA A 293 -17.82 19.54 7.93
N GLU A 294 -17.20 19.56 6.76
CA GLU A 294 -17.40 20.64 5.79
C GLU A 294 -18.76 20.52 5.12
N GLY A 295 -19.47 19.44 5.40
CA GLY A 295 -20.79 19.21 4.82
C GLY A 295 -20.84 19.56 3.35
N ASN A 296 -22.04 19.84 2.86
CA ASN A 296 -22.24 20.12 1.44
C ASN A 296 -21.68 21.48 1.04
N HIS A 297 -22.11 21.97 -0.13
CA HIS A 297 -22.22 23.40 -0.35
C HIS A 297 -23.02 24.07 0.78
N LEU A 298 -22.96 25.41 0.81
CA LEU A 298 -23.58 26.17 1.89
C LEU A 298 -22.83 25.96 3.20
N GLY A 299 -22.15 24.82 3.32
CA GLY A 299 -21.29 24.56 4.46
C GLY A 299 -20.00 25.35 4.42
N PRO A 300 -19.22 25.25 5.48
CA PRO A 300 -18.09 26.16 5.69
C PRO A 300 -16.88 25.75 4.86
N THR A 301 -15.83 26.56 4.90
CA THR A 301 -14.63 26.31 4.10
C THR A 301 -13.37 26.38 4.96
N LEU A 302 -12.93 25.25 5.47
CA LEU A 302 -12.08 25.20 6.65
C LEU A 302 -10.76 24.51 6.36
N SER A 303 -10.79 23.52 5.48
CA SER A 303 -9.69 22.57 5.34
C SER A 303 -9.57 22.05 3.92
N PHE A 304 -10.44 21.10 3.57
CA PHE A 304 -10.32 20.37 2.32
C PHE A 304 -10.90 21.17 1.15
N ARG A 305 -12.10 21.71 1.37
CA ARG A 305 -12.78 22.47 0.33
C ARG A 305 -11.88 23.55 -0.26
N GLY A 306 -11.12 24.22 0.60
CA GLY A 306 -10.22 25.27 0.18
C GLY A 306 -9.02 24.73 -0.58
N ILE A 307 -8.33 23.77 0.02
CA ILE A 307 -7.05 23.31 -0.51
C ILE A 307 -7.21 22.77 -1.93
N ASP A 308 -8.17 21.87 -2.13
CA ASP A 308 -8.39 21.25 -3.42
C ASP A 308 -9.72 20.51 -3.46
N ASN A 309 -10.77 21.23 -3.87
CA ASN A 309 -12.13 20.71 -3.75
C ASN A 309 -12.41 19.58 -4.74
N THR A 310 -11.83 19.68 -5.94
CA THR A 310 -12.03 18.69 -6.97
C THR A 310 -11.72 17.28 -6.45
N ALA A 311 -10.57 17.14 -5.79
CA ALA A 311 -10.28 15.94 -5.04
C ALA A 311 -10.90 16.01 -3.64
N TYR A 312 -10.67 14.96 -2.84
CA TYR A 312 -11.19 14.90 -1.48
C TYR A 312 -12.67 14.58 -1.46
N TYR A 313 -13.42 15.16 -2.40
CA TYR A 313 -14.87 15.20 -2.31
C TYR A 313 -15.51 14.64 -3.57
N MET A 314 -16.46 13.72 -3.40
CA MET A 314 -17.26 13.22 -4.51
C MET A 314 -18.28 14.24 -4.96
N LEU A 315 -18.19 14.65 -6.22
CA LEU A 315 -19.08 15.68 -6.76
C LEU A 315 -20.03 15.11 -7.79
N GLN A 316 -21.24 15.65 -7.85
CA GLN A 316 -22.16 15.35 -8.95
C GLN A 316 -21.49 15.52 -10.30
N PRO A 317 -21.24 14.41 -10.97
CA PRO A 317 -20.37 14.40 -12.16
C PRO A 317 -20.93 15.26 -13.27
N ASP A 318 -22.24 15.52 -13.23
CA ASP A 318 -22.89 16.34 -14.24
C ASP A 318 -22.90 17.82 -13.84
N ASN A 319 -22.79 18.06 -12.54
CA ASN A 319 -22.79 19.42 -12.02
C ASN A 319 -21.42 19.84 -11.50
N LYS A 320 -20.88 19.08 -10.56
CA LYS A 320 -19.62 19.41 -9.92
C LYS A 320 -19.76 20.63 -9.03
N ARG A 321 -20.98 21.15 -8.92
CA ARG A 321 -21.28 22.21 -7.96
C ARG A 321 -21.83 21.64 -6.65
N TYR A 322 -22.50 20.49 -6.76
CA TYR A 322 -23.10 19.86 -5.59
C TYR A 322 -22.33 18.59 -5.21
N TYR A 323 -22.70 18.00 -4.08
CA TYR A 323 -21.91 16.92 -3.48
C TYR A 323 -22.73 15.63 -3.42
N LEU A 324 -22.22 14.59 -4.06
CA LEU A 324 -22.70 13.23 -3.81
C LEU A 324 -22.60 12.88 -2.33
N ASP A 325 -23.72 12.46 -1.75
CA ASP A 325 -23.81 12.23 -0.32
C ASP A 325 -24.43 10.86 -0.02
N PHE A 326 -23.57 9.87 0.20
CA PHE A 326 -24.02 8.55 0.63
C PHE A 326 -23.91 8.39 2.14
N THR A 327 -23.33 9.41 2.80
CA THR A 327 -23.13 9.37 4.24
C THR A 327 -24.30 10.02 4.97
N GLY A 328 -24.96 10.96 4.29
CA GLY A 328 -26.14 11.62 4.85
C GLY A 328 -25.77 12.81 5.71
N THR A 329 -24.60 13.39 5.45
CA THR A 329 -24.06 14.46 6.30
C THR A 329 -23.60 15.64 5.45
N GLY A 330 -23.84 15.57 4.16
CA GLY A 330 -23.63 16.71 3.27
C GLY A 330 -22.62 16.40 2.18
N ASN A 331 -21.56 15.69 2.53
CA ASN A 331 -20.55 15.29 1.56
C ASN A 331 -20.04 13.87 1.80
N THR A 332 -19.33 13.33 0.82
CA THR A 332 -18.67 12.04 0.97
C THR A 332 -17.25 12.09 0.42
N LEU A 333 -16.31 11.56 1.20
CA LEU A 333 -14.89 11.64 0.86
C LEU A 333 -14.58 10.83 -0.40
N ASN A 334 -13.86 11.45 -1.33
CA ASN A 334 -13.55 10.80 -2.60
C ASN A 334 -12.45 9.75 -2.45
N LEU A 335 -12.83 8.55 -2.03
CA LEU A 335 -11.88 7.49 -1.75
C LEU A 335 -11.34 6.87 -3.04
N SER A 336 -11.43 7.63 -4.13
CA SER A 336 -10.97 7.15 -5.43
C SER A 336 -9.74 7.93 -5.90
N HIS A 337 -9.56 9.12 -5.35
CA HIS A 337 -8.39 9.94 -5.67
C HIS A 337 -7.15 9.44 -4.93
N PRO A 338 -6.06 9.27 -5.67
CA PRO A 338 -4.85 8.65 -5.13
C PRO A 338 -4.40 9.34 -3.84
N ARG A 339 -4.52 10.66 -3.78
CA ARG A 339 -4.03 11.44 -2.66
C ARG A 339 -4.88 11.21 -1.42
N VAL A 340 -6.20 11.09 -1.63
CA VAL A 340 -7.13 10.81 -0.54
C VAL A 340 -6.94 9.39 -0.01
N ILE A 341 -6.76 8.44 -0.92
CA ILE A 341 -6.44 7.08 -0.54
C ILE A 341 -5.16 7.00 0.27
N GLN A 342 -4.18 7.83 -0.11
CA GLN A 342 -2.92 7.91 0.63
C GLN A 342 -3.14 8.52 2.01
N MET A 343 -3.86 9.63 2.06
CA MET A 343 -4.13 10.32 3.31
C MET A 343 -4.82 9.41 4.31
N VAL A 344 -5.90 8.76 3.87
CA VAL A 344 -6.63 7.83 4.71
C VAL A 344 -5.73 6.72 5.23
N LEU A 345 -4.84 6.23 4.35
CA LEU A 345 -3.97 5.11 4.69
C LEU A 345 -2.86 5.53 5.63
N ASP A 346 -2.16 6.61 5.27
CA ASP A 346 -1.27 7.30 6.20
C ASP A 346 -1.91 7.42 7.57
N SER A 347 -3.06 8.08 7.63
CA SER A 347 -3.79 8.23 8.89
C SER A 347 -3.85 6.93 9.65
N LEU A 348 -4.21 5.86 8.97
CA LEU A 348 -4.34 4.54 9.59
C LEU A 348 -3.01 4.05 10.14
N ARG A 349 -1.97 4.13 9.30
CA ARG A 349 -0.63 3.76 9.71
C ARG A 349 -0.12 4.68 10.83
N TYR A 350 -0.36 5.97 10.69
CA TYR A 350 0.00 6.94 11.72
C TYR A 350 -0.57 6.54 13.07
N TRP A 351 -1.86 6.21 13.10
CA TRP A 351 -2.54 5.88 14.35
C TRP A 351 -2.12 4.52 14.87
N VAL A 352 -1.56 3.71 13.99
CA VAL A 352 -1.07 2.38 14.37
C VAL A 352 0.33 2.45 14.97
N THR A 353 1.29 2.89 14.17
CA THR A 353 2.70 2.86 14.57
C THR A 353 3.02 3.97 15.55
N GLU A 354 2.29 5.08 15.44
CA GLU A 354 2.59 6.27 16.22
C GLU A 354 1.79 6.30 17.52
N MET A 355 0.47 6.16 17.40
CA MET A 355 -0.41 6.27 18.55
C MET A 355 -0.70 4.89 19.15
N HIS A 356 -0.29 3.85 18.43
CA HIS A 356 -0.32 2.49 18.98
C HIS A 356 -1.74 2.00 19.18
N VAL A 357 -2.65 2.47 18.33
CA VAL A 357 -3.96 1.84 18.18
C VAL A 357 -3.82 0.37 17.78
N ASP A 358 -4.83 -0.43 18.12
CA ASP A 358 -4.77 -1.86 17.91
C ASP A 358 -5.78 -2.30 16.84
N GLY A 359 -6.68 -1.40 16.48
CA GLY A 359 -7.71 -1.69 15.50
C GLY A 359 -8.65 -0.52 15.28
N PHE A 360 -9.47 -0.62 14.24
CA PHE A 360 -10.42 0.44 13.90
C PHE A 360 -11.81 -0.12 13.68
N ARG A 361 -12.81 0.57 14.20
CA ARG A 361 -14.20 0.35 13.80
C ARG A 361 -14.67 1.42 12.83
N PHE A 362 -14.72 1.07 11.54
CA PHE A 362 -15.03 2.03 10.50
C PHE A 362 -16.51 2.36 10.47
N ASP A 363 -16.83 3.64 10.59
CA ASP A 363 -18.22 4.10 10.56
C ASP A 363 -18.72 4.22 9.13
N LEU A 364 -19.89 3.66 8.86
CA LEU A 364 -20.50 3.73 7.53
C LEU A 364 -19.57 3.16 6.48
N ALA A 365 -19.03 1.99 6.73
CA ALA A 365 -17.96 1.43 5.90
C ALA A 365 -18.28 1.58 4.42
N ALA A 366 -19.46 1.11 4.02
CA ALA A 366 -19.78 0.98 2.61
C ALA A 366 -19.44 2.26 1.84
N ALA A 367 -19.52 3.39 2.53
CA ALA A 367 -19.23 4.68 1.92
C ALA A 367 -17.79 4.76 1.44
N LEU A 368 -16.96 3.83 1.92
CA LEU A 368 -15.55 3.79 1.54
C LEU A 368 -15.36 2.98 0.26
N ALA A 369 -16.37 2.22 -0.11
CA ALA A 369 -16.32 1.38 -1.31
C ALA A 369 -17.19 1.96 -2.43
N ARG A 370 -17.32 3.28 -2.45
CA ARG A 370 -18.10 3.95 -3.47
C ARG A 370 -17.22 4.48 -4.60
N GLU A 371 -17.67 4.31 -5.83
CA GLU A 371 -16.95 4.83 -6.99
C GLU A 371 -17.55 6.14 -7.48
N LEU A 372 -18.70 6.05 -8.14
CA LEU A 372 -19.46 7.23 -8.52
C LEU A 372 -20.91 7.12 -8.07
N TYR A 373 -21.52 5.96 -8.31
CA TYR A 373 -22.86 5.67 -7.80
C TYR A 373 -22.98 4.23 -7.34
N SER A 374 -21.87 3.48 -7.44
CA SER A 374 -21.91 2.04 -7.28
C SER A 374 -20.94 1.58 -6.20
N VAL A 375 -21.33 0.57 -5.44
CA VAL A 375 -20.46 -0.01 -4.42
C VAL A 375 -19.53 -1.06 -5.02
N ASN A 376 -18.32 -1.14 -4.48
CA ASN A 376 -17.31 -2.05 -5.00
C ASN A 376 -16.34 -2.52 -3.92
N MET A 377 -16.65 -3.66 -3.31
CA MET A 377 -15.82 -4.19 -2.23
C MET A 377 -14.42 -4.53 -2.73
N LEU A 378 -14.12 -4.12 -3.96
CA LEU A 378 -12.82 -4.39 -4.56
C LEU A 378 -12.22 -3.12 -5.14
N ASN A 379 -12.62 -1.97 -4.61
CA ASN A 379 -12.03 -0.69 -4.98
C ASN A 379 -10.55 -0.62 -4.61
N THR A 380 -9.86 0.36 -5.18
CA THR A 380 -8.42 0.54 -4.92
C THR A 380 -8.13 0.55 -3.43
N PHE A 381 -8.86 1.39 -2.70
CA PHE A 381 -8.52 1.68 -1.30
C PHE A 381 -8.41 0.40 -0.48
N PHE A 382 -9.39 -0.49 -0.66
CA PHE A 382 -9.48 -1.69 0.15
C PHE A 382 -8.33 -2.65 -0.15
N ILE A 383 -7.95 -2.73 -1.42
CA ILE A 383 -6.89 -3.62 -1.86
C ILE A 383 -5.53 -3.17 -1.34
N ALA A 384 -5.28 -1.87 -1.45
CA ALA A 384 -4.09 -1.27 -0.85
C ALA A 384 -4.05 -1.52 0.66
N LEU A 385 -5.19 -1.36 1.32
CA LEU A 385 -5.29 -1.61 2.75
C LEU A 385 -5.00 -3.07 3.08
N GLN A 386 -5.26 -3.95 2.12
CA GLN A 386 -5.19 -5.39 2.36
C GLN A 386 -3.76 -5.90 2.22
N GLN A 387 -2.98 -5.24 1.36
CA GLN A 387 -1.63 -5.69 1.06
C GLN A 387 -0.61 -5.03 1.99
N ASP A 388 -1.06 -4.04 2.74
CA ASP A 388 -0.16 -3.22 3.55
C ASP A 388 0.45 -4.04 4.68
N PRO A 389 1.76 -3.95 4.84
CA PRO A 389 2.48 -4.77 5.82
C PRO A 389 2.09 -4.40 7.25
N ILE A 390 1.97 -3.12 7.53
CA ILE A 390 1.59 -2.65 8.86
C ILE A 390 0.14 -2.98 9.16
N LEU A 391 -0.76 -2.60 8.25
CA LEU A 391 -2.19 -2.62 8.52
C LEU A 391 -2.75 -4.03 8.40
N SER A 392 -2.04 -4.90 7.68
CA SER A 392 -2.44 -6.29 7.54
C SER A 392 -2.44 -7.01 8.88
N GLN A 393 -2.02 -6.30 9.93
CA GLN A 393 -1.74 -6.92 11.22
C GLN A 393 -2.71 -6.44 12.29
N VAL A 394 -3.48 -5.40 11.96
CA VAL A 394 -4.39 -4.79 12.92
C VAL A 394 -5.82 -5.27 12.70
N LYS A 395 -6.65 -5.11 13.73
CA LYS A 395 -8.05 -5.53 13.65
C LYS A 395 -8.90 -4.53 12.90
N LEU A 396 -9.59 -5.00 11.86
CA LEU A 396 -10.47 -4.15 11.08
C LEU A 396 -11.93 -4.54 11.26
N ILE A 397 -12.74 -3.57 11.69
CA ILE A 397 -14.16 -3.82 11.89
C ILE A 397 -15.01 -2.76 11.18
N ALA A 398 -16.21 -3.16 10.75
CA ALA A 398 -16.96 -2.41 9.76
C ALA A 398 -18.42 -2.26 10.15
N GLU A 399 -18.95 -1.06 9.97
CA GLU A 399 -20.39 -0.89 9.78
C GLU A 399 -20.79 -1.15 8.33
N PRO A 400 -21.40 -2.31 8.09
CA PRO A 400 -21.34 -2.96 6.77
C PRO A 400 -22.27 -2.27 5.78
N TRP A 401 -22.61 -1.02 6.04
CA TRP A 401 -23.63 -0.32 5.27
C TRP A 401 -23.40 1.18 5.28
N ASP A 402 -23.75 1.84 4.17
CA ASP A 402 -24.04 3.27 4.20
C ASP A 402 -25.52 3.54 3.91
N VAL A 403 -25.87 4.81 3.80
CA VAL A 403 -27.27 5.21 3.71
C VAL A 403 -27.73 5.32 2.26
N GLY A 404 -26.77 5.40 1.35
CA GLY A 404 -27.07 5.51 -0.07
C GLY A 404 -27.74 4.26 -0.61
N GLN A 405 -28.17 4.33 -1.88
CA GLN A 405 -28.90 3.24 -2.50
C GLN A 405 -27.97 2.09 -2.86
N GLY A 406 -28.26 0.91 -2.35
CA GLY A 406 -27.47 -0.28 -2.64
C GLY A 406 -26.28 -0.42 -1.71
N GLY A 407 -26.33 0.27 -0.59
CA GLY A 407 -25.20 0.34 0.32
C GLY A 407 -25.34 -0.58 1.52
N TYR A 408 -25.93 -1.75 1.29
CA TYR A 408 -26.06 -2.76 2.33
C TYR A 408 -25.11 -3.93 2.09
N GLN A 409 -23.98 -3.91 2.78
CA GLN A 409 -22.81 -4.68 2.36
C GLN A 409 -22.50 -5.80 3.34
N VAL A 410 -23.49 -6.17 4.13
CA VAL A 410 -23.34 -7.26 5.09
C VAL A 410 -22.82 -8.52 4.42
N GLY A 411 -21.61 -8.94 4.81
CA GLY A 411 -21.08 -10.21 4.38
C GLY A 411 -20.12 -10.08 3.21
N ASN A 412 -19.82 -8.84 2.85
CA ASN A 412 -19.21 -8.54 1.55
C ASN A 412 -17.81 -7.95 1.68
N PHE A 413 -17.36 -7.82 2.92
CA PHE A 413 -16.07 -7.19 3.19
C PHE A 413 -14.93 -8.20 3.13
N PRO A 414 -13.82 -7.82 2.50
CA PRO A 414 -12.68 -8.71 2.33
C PRO A 414 -12.27 -9.36 3.65
N TYR A 415 -11.68 -10.55 3.58
CA TYR A 415 -11.16 -11.22 4.76
C TYR A 415 -10.37 -10.26 5.64
N GLN A 416 -10.20 -10.62 6.91
CA GLN A 416 -9.52 -9.76 7.86
C GLN A 416 -10.47 -8.73 8.47
N TRP A 417 -11.64 -8.60 7.87
CA TRP A 417 -12.67 -7.71 8.39
C TRP A 417 -13.67 -8.48 9.25
N ALA A 418 -13.86 -8.00 10.49
CA ALA A 418 -15.11 -8.24 11.20
C ALA A 418 -16.11 -7.11 10.96
N GLU A 419 -17.36 -7.49 10.71
CA GLU A 419 -18.42 -6.51 10.48
C GLU A 419 -19.46 -6.56 11.59
N TRP A 420 -19.99 -5.39 11.96
CA TRP A 420 -21.14 -5.32 12.86
C TRP A 420 -22.32 -6.12 12.31
N ASN A 421 -22.78 -7.08 13.10
CA ASN A 421 -23.96 -7.87 12.73
C ASN A 421 -25.26 -7.19 13.12
N GLY A 422 -25.92 -6.57 12.15
CA GLY A 422 -27.18 -5.90 12.39
C GLY A 422 -28.37 -6.83 12.23
N LYS A 423 -28.19 -7.90 11.47
CA LYS A 423 -29.08 -9.05 11.53
C LYS A 423 -29.23 -9.56 12.95
N TYR A 424 -28.09 -9.81 13.61
CA TYR A 424 -28.09 -10.34 14.97
C TYR A 424 -28.88 -9.44 15.91
N ARG A 425 -28.56 -8.16 15.92
CA ARG A 425 -29.17 -7.22 16.86
C ARG A 425 -30.67 -7.13 16.65
N ASP A 426 -31.08 -6.97 15.39
CA ASP A 426 -32.50 -6.84 15.06
C ASP A 426 -33.28 -8.10 15.43
N SER A 427 -32.86 -9.22 14.88
CA SER A 427 -33.46 -10.51 15.21
C SER A 427 -33.54 -10.70 16.73
N ILE A 428 -32.39 -10.91 17.36
CA ILE A 428 -32.34 -11.20 18.78
C ILE A 428 -33.25 -10.27 19.57
N ARG A 429 -33.31 -9.01 19.16
CA ARG A 429 -34.13 -8.02 19.82
C ARG A 429 -35.62 -8.31 19.63
N ARG A 430 -35.96 -8.84 18.46
CA ARG A 430 -37.35 -9.14 18.14
C ARG A 430 -37.77 -10.50 18.71
N PHE A 431 -36.78 -11.33 18.99
CA PHE A 431 -37.04 -12.66 19.56
C PHE A 431 -37.56 -12.55 21.00
N TRP A 432 -36.77 -11.89 21.85
CA TRP A 432 -37.17 -11.69 23.24
C TRP A 432 -38.37 -10.76 23.34
N ARG A 433 -38.40 -9.74 22.49
CA ARG A 433 -39.57 -8.89 22.36
C ARG A 433 -40.87 -9.70 22.45
N GLY A 434 -40.90 -10.83 21.75
CA GLY A 434 -42.07 -11.67 21.72
C GLY A 434 -42.32 -12.29 20.36
N GLU A 435 -41.97 -11.55 19.31
CA GLU A 435 -42.05 -12.07 17.96
C GLU A 435 -41.62 -13.53 17.88
N ALA A 436 -42.27 -14.29 17.00
CA ALA A 436 -41.82 -15.65 16.69
C ALA A 436 -41.18 -15.70 15.31
N LEU A 437 -39.87 -15.90 15.27
CA LEU A 437 -39.15 -16.10 14.02
C LEU A 437 -38.86 -17.57 13.77
N PRO A 438 -38.66 -17.93 12.50
CA PRO A 438 -38.33 -19.30 12.14
C PRO A 438 -37.15 -19.84 12.94
N TYR A 439 -37.28 -21.06 13.44
CA TYR A 439 -36.23 -21.68 14.24
C TYR A 439 -34.85 -21.44 13.63
N SER A 440 -34.81 -21.34 12.30
CA SER A 440 -33.57 -21.09 11.58
C SER A 440 -33.01 -19.72 11.92
N GLU A 441 -33.84 -18.69 11.80
CA GLU A 441 -33.36 -17.31 11.82
C GLU A 441 -32.69 -16.98 13.15
N ILE A 442 -32.83 -17.89 14.11
CA ILE A 442 -32.37 -17.63 15.48
C ILE A 442 -31.24 -18.58 15.86
N ALA A 443 -31.40 -19.86 15.52
CA ALA A 443 -30.31 -20.82 15.63
C ALA A 443 -29.08 -20.35 14.88
N ASN A 444 -29.28 -19.86 13.65
CA ASN A 444 -28.20 -19.28 12.88
C ASN A 444 -27.52 -18.13 13.61
N ARG A 445 -28.31 -17.12 14.00
CA ARG A 445 -27.81 -16.04 14.85
C ARG A 445 -27.01 -16.60 16.02
N LEU A 446 -27.57 -17.59 16.71
CA LEU A 446 -26.97 -18.11 17.93
C LEU A 446 -25.62 -18.75 17.65
N LEU A 447 -25.36 -19.05 16.39
CA LEU A 447 -24.21 -19.85 16.01
C LEU A 447 -23.23 -19.05 15.14
N GLY A 448 -23.30 -17.73 15.27
CA GLY A 448 -22.35 -16.86 14.62
C GLY A 448 -22.74 -16.52 13.19
N SER A 449 -24.01 -16.72 12.87
CA SER A 449 -24.55 -16.34 11.58
C SER A 449 -23.72 -16.94 10.44
N PRO A 450 -23.60 -18.26 10.43
CA PRO A 450 -22.87 -18.97 9.38
C PRO A 450 -23.40 -18.62 8.00
N ASP A 451 -24.72 -18.48 7.88
CA ASP A 451 -25.35 -18.17 6.60
C ASP A 451 -24.78 -16.88 6.01
N ILE A 452 -24.53 -15.90 6.88
CA ILE A 452 -24.11 -14.58 6.43
C ILE A 452 -22.67 -14.58 5.91
N TYR A 453 -21.81 -15.33 6.60
CA TYR A 453 -20.37 -15.09 6.53
C TYR A 453 -19.64 -16.31 5.96
N LEU A 454 -20.24 -17.48 6.11
CA LEU A 454 -19.63 -18.72 5.63
C LEU A 454 -19.63 -18.77 4.11
N GLY A 455 -20.45 -17.92 3.49
CA GLY A 455 -20.47 -17.81 2.04
C GLY A 455 -19.31 -17.01 1.50
N ASN A 456 -18.47 -16.52 2.40
CA ASN A 456 -17.32 -15.70 2.02
C ASN A 456 -16.04 -16.13 2.71
N ASN A 457 -16.04 -17.36 3.24
CA ASN A 457 -14.84 -17.95 3.81
C ASN A 457 -14.41 -17.27 5.11
N LYS A 458 -15.33 -16.53 5.71
CA LYS A 458 -15.08 -15.90 7.01
C LYS A 458 -15.48 -16.84 8.15
N THR A 459 -15.09 -16.47 9.36
CA THR A 459 -15.44 -17.24 10.54
C THR A 459 -16.31 -16.43 11.50
N PRO A 460 -16.68 -17.04 12.62
CA PRO A 460 -17.60 -16.42 13.57
C PRO A 460 -17.00 -15.16 14.19
N PHE A 461 -15.67 -15.07 14.21
CA PHE A 461 -14.99 -13.82 14.45
C PHE A 461 -15.66 -12.67 13.71
N ALA A 462 -15.72 -12.77 12.39
CA ALA A 462 -16.16 -11.66 11.54
C ALA A 462 -17.50 -11.11 12.02
N SER A 463 -18.27 -11.95 12.70
CA SER A 463 -19.56 -11.53 13.24
C SER A 463 -19.37 -10.83 14.59
N ILE A 464 -19.53 -9.51 14.59
CA ILE A 464 -19.57 -8.74 15.83
C ILE A 464 -21.01 -8.65 16.36
N ASN A 465 -21.33 -9.47 17.35
CA ASN A 465 -22.67 -9.52 17.90
C ASN A 465 -22.89 -8.45 18.98
N TYR A 466 -24.06 -7.82 18.94
CA TYR A 466 -24.41 -6.81 19.93
C TYR A 466 -25.93 -6.61 20.00
N VAL A 467 -26.43 -6.30 21.19
CA VAL A 467 -27.83 -5.98 21.37
C VAL A 467 -28.06 -4.47 21.34
N THR A 468 -27.18 -3.73 22.01
CA THR A 468 -27.30 -2.28 22.08
C THR A 468 -26.11 -1.59 21.41
N SER A 469 -26.07 -0.27 21.51
CA SER A 469 -25.03 0.52 20.85
C SER A 469 -25.31 2.01 20.95
N HIS A 470 -24.28 2.82 20.78
CA HIS A 470 -24.42 4.26 20.78
C HIS A 470 -25.51 4.71 19.79
N ASP A 471 -25.61 3.99 18.67
CA ASP A 471 -26.76 4.13 17.78
C ASP A 471 -27.97 3.38 18.32
N GLY A 472 -28.98 4.14 18.75
CA GLY A 472 -30.23 3.56 19.20
C GLY A 472 -30.41 3.65 20.70
N PHE A 473 -31.13 2.69 21.27
CA PHE A 473 -31.40 2.67 22.69
C PHE A 473 -30.17 2.23 23.49
N THR A 474 -30.22 2.39 24.81
CA THR A 474 -29.42 1.58 25.71
C THR A 474 -30.13 0.28 26.07
N LEU A 475 -29.44 -0.59 26.78
CA LEU A 475 -30.01 -1.85 27.23
C LEU A 475 -31.13 -1.62 28.23
N GLU A 476 -30.96 -0.61 29.08
CA GLU A 476 -32.02 -0.17 29.98
C GLU A 476 -33.22 0.35 29.19
N ASP A 477 -32.97 1.26 28.26
CA ASP A 477 -34.04 1.92 27.52
C ASP A 477 -34.60 1.02 26.43
N LEU A 478 -33.94 -0.10 26.19
CA LEU A 478 -34.44 -1.11 25.26
C LEU A 478 -35.56 -1.92 25.90
N VAL A 479 -35.56 -1.98 27.22
CA VAL A 479 -36.64 -2.63 27.96
C VAL A 479 -37.45 -1.62 28.76
N SER A 480 -37.39 -0.36 28.35
CA SER A 480 -37.94 0.74 29.14
C SER A 480 -38.75 1.69 28.27
N TYR A 481 -38.99 1.30 27.02
CA TYR A 481 -39.60 2.18 26.04
C TYR A 481 -40.14 1.40 24.85
N ASN A 482 -41.17 1.95 24.20
CA ASN A 482 -41.60 1.46 22.91
C ASN A 482 -41.29 2.43 21.77
N GLN A 483 -41.32 3.72 22.10
CA GLN A 483 -41.02 4.76 21.12
C GLN A 483 -39.86 5.64 21.58
N LYS A 484 -39.27 6.37 20.64
CA LYS A 484 -38.08 7.16 20.92
C LYS A 484 -38.45 8.55 21.46
N HIS A 485 -37.80 8.96 22.54
CA HIS A 485 -38.06 10.26 23.14
C HIS A 485 -36.87 11.19 22.98
N ASN A 486 -36.62 11.63 21.75
CA ASN A 486 -35.49 12.50 21.45
C ASN A 486 -35.91 13.95 21.25
N GLU A 487 -36.69 14.47 22.21
CA GLU A 487 -37.21 15.83 22.11
C GLU A 487 -36.17 16.84 22.59
N ALA A 488 -35.18 16.36 23.33
CA ALA A 488 -34.13 17.22 23.86
C ALA A 488 -33.09 17.56 22.78
N ASN A 489 -33.23 16.93 21.62
CA ASN A 489 -32.33 17.18 20.50
C ASN A 489 -32.70 18.46 19.74
N GLY A 490 -33.94 18.91 19.93
CA GLY A 490 -34.39 20.16 19.34
C GLY A 490 -34.69 20.02 17.86
N PHE A 491 -35.01 18.80 17.44
CA PHE A 491 -35.49 18.56 16.08
C PHE A 491 -36.95 18.12 16.07
N ASN A 492 -37.76 18.75 16.92
CA ASN A 492 -39.15 18.35 17.08
C ASN A 492 -39.33 16.84 17.02
N ASN A 493 -38.41 16.12 17.64
CA ASN A 493 -38.50 14.66 17.73
C ASN A 493 -38.66 14.01 16.36
N GLN A 494 -37.97 14.57 15.37
CA GLN A 494 -38.04 14.06 14.00
C GLN A 494 -36.74 13.39 13.59
N ASP A 495 -35.97 12.96 14.58
CA ASP A 495 -34.74 12.22 14.32
C ASP A 495 -34.67 10.94 15.15
N GLY A 496 -33.86 9.98 14.69
CA GLY A 496 -33.75 8.70 15.37
C GLY A 496 -34.56 7.62 14.68
N MET A 497 -34.06 6.38 14.75
CA MET A 497 -34.78 5.24 14.21
C MET A 497 -36.20 5.15 14.80
N ASN A 498 -37.16 4.85 13.95
CA ASN A 498 -38.54 4.65 14.39
C ASN A 498 -38.79 3.25 14.90
N GLU A 499 -38.50 2.26 14.06
CA GLU A 499 -38.41 0.87 14.51
C GLU A 499 -37.23 0.67 15.45
N ASN A 500 -37.52 0.50 16.74
CA ASN A 500 -36.50 0.16 17.72
C ASN A 500 -36.63 -1.26 18.23
N TYR A 501 -37.49 -2.04 17.59
CA TYR A 501 -37.75 -3.42 18.00
C TYR A 501 -37.64 -3.56 19.51
N SER A 502 -38.28 -2.65 20.25
CA SER A 502 -38.15 -2.60 21.69
C SER A 502 -39.46 -2.95 22.38
N TRP A 503 -39.46 -2.93 23.71
CA TRP A 503 -40.67 -3.09 24.49
C TRP A 503 -40.51 -2.53 25.90
N ASN A 504 -41.59 -1.98 26.44
CA ASN A 504 -41.52 -1.20 27.68
C ASN A 504 -41.57 -2.10 28.92
N CYS A 505 -41.91 -3.37 28.71
CA CYS A 505 -42.42 -4.21 29.79
C CYS A 505 -43.68 -3.62 30.41
N GLY A 506 -44.48 -2.94 29.58
CA GLY A 506 -45.83 -2.56 29.96
C GLY A 506 -45.88 -1.17 30.57
N ALA A 507 -45.24 -0.22 29.90
CA ALA A 507 -45.32 1.19 30.31
C ALA A 507 -44.64 2.09 29.30
N GLU A 508 -44.28 3.29 29.73
CA GLU A 508 -43.17 4.03 29.13
C GLU A 508 -42.45 4.89 30.17
N GLY A 509 -41.13 4.77 30.21
CA GLY A 509 -40.33 5.52 31.17
C GLY A 509 -40.18 4.80 32.50
N PRO A 510 -39.58 5.49 33.46
CA PRO A 510 -39.41 4.92 34.81
C PRO A 510 -40.75 4.52 35.42
N THR A 511 -40.71 3.67 36.44
CA THR A 511 -41.92 3.05 36.99
C THR A 511 -41.73 2.69 38.45
N ASN A 512 -42.84 2.36 39.11
CA ASN A 512 -42.79 1.78 40.45
C ASN A 512 -43.34 0.35 40.49
N ASP A 513 -44.21 0.04 39.52
CA ASP A 513 -44.86 -1.26 39.49
C ASP A 513 -43.83 -2.39 39.48
N GLN A 514 -43.69 -3.06 40.62
CA GLN A 514 -42.65 -4.07 40.79
C GLN A 514 -42.72 -5.11 39.69
N ASN A 515 -43.93 -5.54 39.34
CA ASN A 515 -44.13 -6.51 38.28
C ASN A 515 -43.45 -6.06 36.99
N VAL A 516 -43.34 -4.75 36.81
CA VAL A 516 -42.69 -4.19 35.64
C VAL A 516 -41.17 -4.28 35.74
N VAL A 517 -40.61 -3.57 36.72
CA VAL A 517 -39.18 -3.61 36.98
C VAL A 517 -38.64 -5.04 36.87
N ILE A 518 -39.37 -5.98 37.45
CA ILE A 518 -38.96 -7.38 37.43
C ILE A 518 -38.81 -7.89 36.00
N CYS A 519 -39.80 -7.61 35.16
CA CYS A 519 -39.72 -7.93 33.74
C CYS A 519 -38.45 -7.37 33.12
N ARG A 520 -38.26 -6.06 33.24
CA ARG A 520 -37.09 -5.40 32.66
C ARG A 520 -35.81 -6.07 33.12
N GLU A 521 -35.68 -6.30 34.43
CA GLU A 521 -34.49 -6.90 34.99
C GLU A 521 -34.26 -8.31 34.46
N LYS A 522 -35.35 -9.03 34.24
CA LYS A 522 -35.29 -10.32 33.55
C LYS A 522 -34.73 -10.17 32.14
N GLN A 523 -35.47 -9.46 31.30
CA GLN A 523 -35.06 -9.26 29.91
C GLN A 523 -33.58 -8.89 29.82
N LYS A 524 -33.20 -7.83 30.54
CA LYS A 524 -31.81 -7.41 30.59
C LYS A 524 -30.86 -8.62 30.70
N ARG A 525 -31.32 -9.65 31.40
CA ARG A 525 -30.49 -10.82 31.66
C ARG A 525 -30.67 -11.89 30.59
N ASN A 526 -31.85 -11.89 29.96
CA ASN A 526 -32.06 -12.65 28.74
C ASN A 526 -31.15 -12.20 27.60
N PHE A 527 -31.16 -10.88 27.35
CA PHE A 527 -30.23 -10.29 26.40
C PHE A 527 -28.79 -10.66 26.73
N MET A 528 -28.42 -10.51 28.00
CA MET A 528 -27.04 -10.66 28.42
C MET A 528 -26.58 -12.10 28.33
N ILE A 529 -27.47 -13.02 28.70
CA ILE A 529 -27.20 -14.45 28.56
C ILE A 529 -27.00 -14.83 27.09
N THR A 530 -27.89 -14.32 26.23
CA THR A 530 -27.78 -14.55 24.80
C THR A 530 -26.42 -14.12 24.27
N LEU A 531 -26.22 -12.81 24.18
CA LEU A 531 -25.00 -12.25 23.59
C LEU A 531 -23.77 -13.02 24.03
N LEU A 532 -23.73 -13.36 25.32
CA LEU A 532 -22.54 -13.98 25.91
C LEU A 532 -22.63 -15.50 25.87
N VAL A 533 -23.44 -16.02 24.94
CA VAL A 533 -23.52 -17.46 24.72
C VAL A 533 -23.68 -17.77 23.24
N SER A 534 -23.87 -16.73 22.43
CA SER A 534 -23.85 -16.87 20.98
C SER A 534 -22.42 -16.94 20.45
N GLN A 535 -22.19 -17.81 19.48
CA GLN A 535 -20.94 -17.82 18.73
C GLN A 535 -20.66 -16.46 18.11
N GLY A 536 -19.37 -16.17 17.90
CA GLY A 536 -18.97 -14.88 17.36
C GLY A 536 -18.34 -13.98 18.41
N THR A 537 -18.21 -12.70 18.09
CA THR A 537 -17.52 -11.76 18.97
C THR A 537 -18.51 -10.79 19.60
N PRO A 538 -18.65 -10.88 20.92
CA PRO A 538 -19.66 -10.10 21.64
C PRO A 538 -19.17 -8.68 21.95
N MET A 539 -20.06 -7.70 21.80
CA MET A 539 -19.73 -6.32 22.14
C MET A 539 -20.67 -5.79 23.23
N ILE A 540 -20.10 -5.33 24.33
CA ILE A 540 -20.88 -4.65 25.37
C ILE A 540 -20.89 -3.14 25.14
N LEU A 541 -22.07 -2.55 25.23
CA LEU A 541 -22.21 -1.10 25.21
C LEU A 541 -21.80 -0.49 26.55
N GLY A 542 -20.81 0.40 26.53
CA GLY A 542 -20.25 0.95 27.74
C GLY A 542 -21.30 1.59 28.62
N GLY A 543 -21.65 0.91 29.71
CA GLY A 543 -22.56 1.47 30.70
C GLY A 543 -23.71 0.54 31.02
N ASP A 544 -24.00 -0.36 30.09
CA ASP A 544 -25.13 -1.28 30.25
C ASP A 544 -24.93 -2.20 31.44
N GLU A 545 -23.69 -2.33 31.89
CA GLU A 545 -23.40 -2.97 33.17
C GLU A 545 -23.71 -2.03 34.33
N LEU A 546 -24.06 -0.79 34.02
CA LEU A 546 -24.55 0.15 35.02
C LEU A 546 -26.03 0.44 34.83
N SER A 547 -26.64 -0.22 33.86
CA SER A 547 -28.02 0.06 33.47
C SER A 547 -28.17 1.51 33.01
N ARG A 548 -27.19 1.99 32.25
CA ARG A 548 -27.17 3.38 31.84
C ARG A 548 -28.44 3.76 31.07
N THR A 549 -28.95 4.95 31.35
CA THR A 549 -30.19 5.41 30.72
C THR A 549 -29.97 6.74 29.99
N GLN A 550 -30.55 6.86 28.81
CA GLN A 550 -30.63 8.14 28.12
C GLN A 550 -32.07 8.62 28.01
N ARG A 551 -32.89 8.24 28.99
CA ARG A 551 -34.27 8.72 29.06
C ARG A 551 -35.00 8.49 27.74
N GLY A 552 -34.72 7.36 27.10
CA GLY A 552 -35.44 6.95 25.91
C GLY A 552 -35.05 7.78 24.69
N ASN A 553 -34.06 8.65 24.87
CA ASN A 553 -33.30 9.19 23.75
C ASN A 553 -32.49 8.11 23.04
N ASN A 554 -32.94 7.71 21.85
CA ASN A 554 -32.26 6.71 21.06
C ASN A 554 -31.36 7.32 20.00
N ASN A 555 -31.04 8.60 20.17
CA ASN A 555 -30.15 9.30 19.24
C ASN A 555 -29.44 10.47 19.91
N ALA A 556 -28.80 10.20 21.04
CA ALA A 556 -28.31 11.26 21.91
C ALA A 556 -26.96 11.78 21.44
N PHE A 557 -26.87 12.08 20.15
CA PHE A 557 -25.60 12.38 19.51
C PHE A 557 -25.11 13.78 19.89
N CYS A 558 -26.05 14.64 20.27
CA CYS A 558 -25.74 16.03 20.57
C CYS A 558 -25.92 16.33 22.06
N GLN A 559 -26.10 15.27 22.85
CA GLN A 559 -26.42 15.43 24.26
C GLN A 559 -25.17 15.32 25.13
N ASP A 560 -24.43 16.42 25.23
CA ASP A 560 -23.23 16.45 26.05
C ASP A 560 -23.56 16.88 27.48
N ASN A 561 -24.13 15.95 28.24
CA ASN A 561 -24.68 16.28 29.56
C ASN A 561 -25.08 15.03 30.33
N GLU A 562 -25.94 15.21 31.34
CA GLU A 562 -26.28 14.14 32.26
C GLU A 562 -27.03 13.01 31.55
N ILE A 563 -27.60 13.33 30.39
CA ILE A 563 -28.34 12.35 29.61
C ILE A 563 -27.46 11.18 29.19
N THR A 564 -26.16 11.44 29.08
CA THR A 564 -25.24 10.49 28.45
C THR A 564 -24.02 10.24 29.33
N TRP A 565 -23.68 11.22 30.16
CA TRP A 565 -22.85 10.97 31.33
C TRP A 565 -23.08 9.56 31.89
N PHE A 566 -21.99 8.87 32.19
CA PHE A 566 -22.06 7.68 33.03
C PHE A 566 -22.45 8.03 34.46
N ASP A 567 -23.49 7.38 34.97
CA ASP A 567 -23.87 7.49 36.37
C ASP A 567 -23.35 6.31 37.18
N TRP A 568 -22.48 6.59 38.15
CA TRP A 568 -21.79 5.55 38.89
C TRP A 568 -22.47 5.30 40.23
N ASN A 569 -23.37 6.19 40.61
CA ASN A 569 -24.22 5.96 41.77
C ASN A 569 -25.12 4.75 41.60
N LEU A 570 -24.76 3.64 42.25
CA LEU A 570 -25.45 2.38 42.06
C LEU A 570 -26.20 1.96 43.31
N ASP A 571 -27.52 1.83 43.20
CA ASP A 571 -28.33 1.23 44.24
C ASP A 571 -28.25 -0.29 44.22
N GLU A 572 -29.17 -0.95 44.90
CA GLU A 572 -29.26 -2.39 44.89
C GLU A 572 -29.42 -2.93 43.47
N ARG A 573 -30.54 -2.60 42.85
CA ARG A 573 -30.86 -3.10 41.52
C ARG A 573 -29.70 -2.89 40.55
N LYS A 574 -29.38 -1.63 40.29
CA LYS A 574 -28.40 -1.29 39.25
C LYS A 574 -27.12 -2.11 39.42
N SER A 575 -26.68 -2.27 40.66
CA SER A 575 -25.39 -2.88 40.94
C SER A 575 -25.46 -4.40 40.87
N LYS A 576 -26.52 -4.95 41.44
CA LYS A 576 -26.71 -6.40 41.46
C LYS A 576 -26.67 -6.98 40.04
N PHE A 577 -26.94 -6.14 39.05
CA PHE A 577 -26.84 -6.53 37.66
C PHE A 577 -25.40 -6.50 37.18
N LEU A 578 -24.71 -5.38 37.44
CA LEU A 578 -23.27 -5.31 37.28
C LEU A 578 -22.61 -6.64 37.62
N GLU A 579 -22.98 -7.20 38.77
CA GLU A 579 -22.45 -8.49 39.20
C GLU A 579 -22.79 -9.58 38.20
N PHE A 580 -23.95 -9.46 37.55
CA PHE A 580 -24.41 -10.46 36.62
C PHE A 580 -23.60 -10.42 35.32
N VAL A 581 -23.39 -9.22 34.80
CA VAL A 581 -22.58 -9.04 33.60
C VAL A 581 -21.16 -9.53 33.82
N LYS A 582 -20.63 -9.30 35.01
CA LYS A 582 -19.29 -9.75 35.36
C LYS A 582 -19.17 -11.27 35.28
N LYS A 583 -20.14 -11.95 35.89
CA LYS A 583 -20.10 -13.41 35.99
C LYS A 583 -20.39 -14.06 34.65
N MET A 584 -21.29 -13.45 33.88
CA MET A 584 -21.58 -13.90 32.53
C MET A 584 -20.34 -13.83 31.64
N ILE A 585 -19.70 -12.66 31.63
CA ILE A 585 -18.48 -12.46 30.85
C ILE A 585 -17.43 -13.51 31.20
N GLN A 586 -17.19 -13.69 32.50
CA GLN A 586 -16.23 -14.68 32.97
C GLN A 586 -16.59 -16.07 32.45
N PHE A 587 -17.88 -16.37 32.44
CA PHE A 587 -18.37 -17.63 31.88
C PHE A 587 -17.96 -17.78 30.41
N TYR A 588 -18.32 -16.80 29.60
CA TYR A 588 -17.94 -16.78 28.19
C TYR A 588 -16.45 -17.03 28.02
N ARG A 589 -15.65 -16.41 28.88
CA ARG A 589 -14.20 -16.40 28.71
C ARG A 589 -13.59 -17.73 29.12
N ALA A 590 -14.21 -18.38 30.10
CA ALA A 590 -13.64 -19.58 30.70
C ALA A 590 -13.93 -20.82 29.85
N HIS A 591 -14.64 -20.61 28.74
CA HIS A 591 -15.19 -21.72 27.97
C HIS A 591 -14.93 -21.53 26.48
N PRO A 592 -14.16 -22.44 25.90
CA PRO A 592 -13.79 -22.35 24.48
C PRO A 592 -14.98 -22.60 23.56
N ALA A 593 -15.95 -23.38 24.05
CA ALA A 593 -17.07 -23.81 23.23
C ALA A 593 -17.93 -22.62 22.81
N PHE A 594 -17.43 -21.42 23.06
CA PHE A 594 -18.15 -20.20 22.70
C PHE A 594 -17.22 -19.19 22.01
N ARG A 595 -15.93 -19.36 22.22
CA ARG A 595 -14.92 -18.58 21.50
C ARG A 595 -14.26 -19.42 20.40
N ARG A 596 -15.00 -19.67 19.33
CA ARG A 596 -14.59 -20.65 18.34
C ARG A 596 -14.01 -19.98 17.10
N GLU A 597 -12.99 -20.61 16.51
CA GLU A 597 -12.44 -20.15 15.24
C GLU A 597 -13.12 -20.84 14.06
N ARG A 598 -13.82 -21.94 14.35
CA ARG A 598 -14.58 -22.65 13.33
C ARG A 598 -16.05 -22.77 13.72
N TYR A 599 -16.92 -22.81 12.71
CA TYR A 599 -18.35 -22.99 12.94
C TYR A 599 -18.65 -24.43 13.39
N PHE A 600 -19.76 -24.59 14.09
CA PHE A 600 -20.36 -25.91 14.27
C PHE A 600 -21.06 -26.38 13.00
N GLN A 601 -20.59 -27.51 12.46
CA GLN A 601 -21.42 -28.35 11.61
C GLN A 601 -22.39 -29.19 12.44
N GLY A 602 -23.37 -29.79 11.76
CA GLY A 602 -24.38 -30.58 12.44
C GLY A 602 -24.18 -32.07 12.22
N LYS A 603 -23.16 -32.63 12.87
CA LYS A 603 -22.80 -34.02 12.66
C LYS A 603 -21.91 -34.53 13.80
N LYS A 604 -21.55 -35.81 13.74
CA LYS A 604 -20.58 -36.38 14.67
C LYS A 604 -19.17 -36.32 14.09
N LEU A 605 -18.21 -35.89 14.92
CA LEU A 605 -16.84 -35.70 14.45
C LEU A 605 -15.89 -36.65 15.18
N PHE A 606 -14.75 -36.92 14.55
CA PHE A 606 -13.66 -37.63 15.21
C PHE A 606 -14.10 -39.01 15.67
N GLY A 607 -15.20 -39.50 15.10
CA GLY A 607 -15.68 -40.84 15.40
C GLY A 607 -16.35 -40.92 16.76
N MET A 608 -16.93 -39.82 17.20
CA MET A 608 -17.72 -39.80 18.43
C MET A 608 -19.17 -40.14 18.16
N PRO A 609 -19.91 -40.49 19.21
CA PRO A 609 -21.31 -40.89 19.08
C PRO A 609 -22.26 -39.72 19.28
N LEU A 610 -21.72 -38.51 19.31
CA LEU A 610 -22.51 -37.31 19.57
C LEU A 610 -22.28 -36.26 18.48
N LYS A 611 -23.20 -35.31 18.40
CA LYS A 611 -23.02 -34.16 17.52
C LYS A 611 -22.38 -32.99 18.27
N ASP A 612 -21.45 -32.30 17.60
CA ASP A 612 -20.89 -31.07 18.12
C ASP A 612 -21.99 -30.07 18.48
N VAL A 613 -23.16 -30.24 17.87
CA VAL A 613 -24.32 -29.43 18.21
C VAL A 613 -25.61 -30.17 17.90
N THR A 614 -26.71 -29.70 18.50
CA THR A 614 -28.01 -30.34 18.31
C THR A 614 -29.14 -29.42 18.75
N PHE A 615 -30.10 -29.19 17.84
CA PHE A 615 -31.23 -28.33 18.14
C PHE A 615 -32.48 -29.16 18.44
N TYR A 616 -33.04 -28.99 19.63
CA TYR A 616 -34.17 -29.79 20.08
C TYR A 616 -35.48 -29.00 19.97
N THR A 617 -36.59 -29.71 20.08
CA THR A 617 -37.89 -29.07 20.28
C THR A 617 -38.30 -29.11 21.75
N LEU A 618 -39.57 -28.81 22.01
CA LEU A 618 -39.97 -28.20 23.27
C LEU A 618 -40.24 -29.26 24.34
N GLU A 619 -40.80 -30.39 23.91
CA GLU A 619 -40.23 -31.70 24.21
C GLU A 619 -39.21 -32.11 23.16
N GLY A 620 -38.83 -33.38 23.17
CA GLY A 620 -37.48 -33.77 23.54
C GLY A 620 -36.67 -34.26 22.35
N ARG A 621 -36.64 -33.47 21.29
CA ARG A 621 -36.76 -34.00 19.94
C ARG A 621 -35.93 -33.17 18.95
N GLU A 622 -35.00 -33.83 18.27
CA GLU A 622 -34.17 -33.18 17.27
C GLU A 622 -35.03 -32.51 16.20
N VAL A 623 -34.61 -31.33 15.76
CA VAL A 623 -35.39 -30.55 14.81
C VAL A 623 -35.38 -31.20 13.43
N ASP A 624 -36.50 -31.04 12.71
CA ASP A 624 -36.62 -31.60 11.37
C ASP A 624 -36.84 -30.50 10.34
N GLU A 625 -36.76 -30.87 9.06
CA GLU A 625 -36.68 -29.89 7.98
C GLU A 625 -37.79 -28.84 8.12
N LYS A 626 -38.91 -29.25 8.71
CA LYS A 626 -40.10 -28.42 8.73
C LYS A 626 -40.16 -27.54 9.98
N THR A 627 -39.96 -28.16 11.14
CA THR A 627 -39.86 -27.42 12.39
C THR A 627 -38.70 -26.44 12.36
N TRP A 628 -37.71 -26.72 11.51
CA TRP A 628 -36.53 -25.88 11.40
C TRP A 628 -36.81 -24.61 10.63
N SER A 629 -37.78 -24.67 9.72
CA SER A 629 -38.14 -23.53 8.89
C SER A 629 -39.29 -22.75 9.50
N SER A 630 -40.06 -23.41 10.36
CA SER A 630 -41.25 -22.80 10.95
C SER A 630 -40.90 -21.99 12.19
N PRO A 631 -41.66 -20.94 12.45
CA PRO A 631 -41.31 -19.96 13.47
C PRO A 631 -41.22 -20.58 14.86
N THR A 632 -40.93 -19.77 15.86
CA THR A 632 -40.85 -20.25 17.24
C THR A 632 -40.51 -19.12 18.21
N GLN A 633 -40.76 -19.35 19.49
CA GLN A 633 -40.28 -18.45 20.53
C GLN A 633 -39.51 -19.22 21.61
N LEU A 634 -39.08 -20.43 21.26
CA LEU A 634 -38.41 -21.30 22.23
C LEU A 634 -37.29 -22.09 21.55
N VAL A 635 -36.06 -21.62 21.73
CA VAL A 635 -34.89 -22.28 21.17
C VAL A 635 -34.15 -23.10 22.22
N ILE A 636 -33.67 -24.28 21.83
CA ILE A 636 -33.03 -25.19 22.76
C ILE A 636 -32.03 -26.09 22.05
N PHE A 637 -30.79 -26.08 22.51
CA PHE A 637 -29.66 -26.59 21.73
C PHE A 637 -28.52 -27.05 22.63
N VAL A 638 -27.81 -28.07 22.18
CA VAL A 638 -26.74 -28.67 22.98
C VAL A 638 -25.40 -28.59 22.27
N LEU A 639 -24.41 -28.01 22.94
CA LEU A 639 -23.06 -27.93 22.41
C LEU A 639 -22.15 -28.97 23.05
N GLU A 640 -21.56 -29.84 22.24
CA GLU A 640 -20.73 -30.92 22.74
C GLU A 640 -19.27 -30.49 22.88
N GLY A 641 -18.93 -29.94 24.03
CA GLY A 641 -17.57 -29.51 24.30
C GLY A 641 -16.54 -30.43 23.69
N SER A 642 -16.72 -31.73 23.86
CA SER A 642 -15.67 -32.70 23.60
C SER A 642 -15.55 -33.01 22.12
N VAL A 643 -16.68 -33.02 21.43
CA VAL A 643 -16.71 -33.31 20.00
C VAL A 643 -16.66 -32.04 19.18
N MET A 644 -15.80 -31.11 19.56
CA MET A 644 -15.56 -29.90 18.79
C MET A 644 -14.39 -30.08 17.83
N ASP A 645 -14.45 -29.40 16.69
CA ASP A 645 -13.31 -29.31 15.78
C ASP A 645 -12.56 -28.00 15.99
N GLU A 646 -12.16 -27.73 17.22
CA GLU A 646 -11.39 -26.54 17.54
C GLU A 646 -9.93 -26.90 17.86
N ILE A 647 -9.01 -26.42 17.05
CA ILE A 647 -7.58 -26.61 17.29
C ILE A 647 -6.91 -25.28 17.65
N ASN A 648 -6.09 -25.31 18.69
CA ASN A 648 -5.25 -24.17 19.04
C ASN A 648 -4.04 -24.04 18.11
N MET A 649 -3.20 -23.06 18.38
CA MET A 649 -2.10 -22.73 17.48
C MET A 649 -0.97 -23.75 17.60
N TYR A 650 -1.10 -24.67 18.55
CA TYR A 650 -0.10 -25.71 18.75
C TYR A 650 -0.58 -27.05 18.22
N GLY A 651 -1.77 -27.06 17.64
CA GLY A 651 -2.26 -28.22 16.92
C GLY A 651 -2.97 -29.21 17.82
N GLU A 652 -3.30 -28.77 19.03
CA GLU A 652 -4.15 -29.55 19.93
C GLU A 652 -5.63 -29.23 19.70
N ARG A 653 -6.45 -30.27 19.61
CA ARG A 653 -7.89 -30.12 19.72
C ARG A 653 -8.31 -29.84 21.16
N ILE A 654 -9.52 -29.32 21.33
CA ILE A 654 -9.83 -28.45 22.45
C ILE A 654 -11.20 -28.77 23.05
N ALA A 655 -11.25 -29.75 23.93
CA ALA A 655 -12.48 -30.11 24.62
C ALA A 655 -13.02 -28.94 25.42
N ASP A 656 -14.35 -28.85 25.49
CA ASP A 656 -15.01 -28.18 26.62
C ASP A 656 -15.95 -29.13 27.34
N ASP A 657 -16.84 -28.57 28.16
CA ASP A 657 -17.96 -29.32 28.70
C ASP A 657 -19.17 -29.26 27.77
N SER A 658 -20.12 -30.16 27.99
CA SER A 658 -21.35 -30.19 27.19
C SER A 658 -22.45 -29.35 27.85
N PHE A 659 -22.96 -28.39 27.11
CA PHE A 659 -23.96 -27.46 27.65
C PHE A 659 -25.34 -27.72 27.05
N LEU A 660 -26.37 -27.18 27.69
CA LEU A 660 -27.71 -27.20 27.14
C LEU A 660 -28.41 -25.86 27.34
N ILE A 661 -28.40 -25.03 26.30
CA ILE A 661 -28.99 -23.70 26.38
C ILE A 661 -30.47 -23.74 26.06
N ILE A 662 -31.29 -23.25 26.98
CA ILE A 662 -32.73 -23.18 26.79
C ILE A 662 -33.23 -21.74 26.77
N LEU A 663 -33.56 -21.24 25.58
CA LEU A 663 -34.05 -19.89 25.42
C LEU A 663 -35.55 -19.84 25.19
N ASN A 664 -36.27 -19.20 26.10
CA ASN A 664 -37.73 -19.10 26.00
C ASN A 664 -38.21 -17.66 25.94
N ALA A 665 -38.60 -17.22 24.75
CA ALA A 665 -39.12 -15.87 24.57
C ALA A 665 -40.65 -15.86 24.64
N ASN A 666 -41.25 -17.04 24.58
CA ASN A 666 -42.67 -17.19 24.82
C ASN A 666 -43.14 -16.44 26.06
N PRO A 667 -44.16 -15.60 25.89
CA PRO A 667 -44.71 -14.83 27.01
C PRO A 667 -45.27 -15.73 28.11
N ASN A 668 -45.87 -16.84 27.72
CA ASN A 668 -46.38 -17.81 28.68
C ASN A 668 -45.31 -18.82 29.11
N ASN A 669 -45.64 -19.63 30.11
CA ASN A 669 -44.75 -20.70 30.53
C ASN A 669 -44.79 -21.90 29.61
N VAL A 670 -43.78 -22.76 29.70
CA VAL A 670 -43.71 -23.96 28.87
C VAL A 670 -43.07 -25.11 29.63
N LYS A 671 -43.21 -26.32 29.09
CA LYS A 671 -42.63 -27.51 29.69
C LYS A 671 -41.74 -28.25 28.71
N VAL A 672 -40.43 -28.19 28.94
CA VAL A 672 -39.45 -28.80 28.05
C VAL A 672 -39.00 -30.16 28.57
N LYS A 673 -38.76 -31.09 27.65
CA LYS A 673 -38.26 -32.40 28.01
C LYS A 673 -36.75 -32.50 27.78
N PHE A 674 -36.00 -32.68 28.87
CA PHE A 674 -34.55 -32.71 28.80
C PHE A 674 -34.06 -33.98 28.10
N PRO A 675 -33.08 -33.83 27.22
CA PRO A 675 -32.47 -34.97 26.54
C PRO A 675 -31.59 -35.80 27.48
N LYS A 676 -31.23 -37.00 27.06
CA LYS A 676 -30.61 -37.97 27.96
C LYS A 676 -29.57 -37.31 28.85
N GLY A 677 -29.32 -37.92 30.00
CA GLY A 677 -28.22 -37.50 30.86
C GLY A 677 -28.63 -36.44 31.86
N LYS A 678 -27.66 -35.96 32.63
CA LYS A 678 -27.95 -35.28 33.89
C LYS A 678 -27.23 -33.93 33.97
N TRP A 679 -27.95 -32.92 34.45
CA TRP A 679 -27.86 -31.58 33.87
C TRP A 679 -27.94 -30.52 34.96
N GLU A 680 -26.81 -30.28 35.63
CA GLU A 680 -26.74 -29.26 36.68
C GLU A 680 -27.04 -27.88 36.12
N LEU A 681 -27.60 -27.01 36.97
CA LEU A 681 -27.96 -25.67 36.55
C LEU A 681 -26.77 -24.72 36.64
N VAL A 682 -26.65 -23.84 35.65
CA VAL A 682 -25.61 -22.80 35.67
C VAL A 682 -26.08 -21.55 34.96
N ILE A 683 -26.45 -20.54 35.74
CA ILE A 683 -26.94 -19.27 35.20
C ILE A 683 -28.42 -19.36 34.86
N SER A 684 -29.10 -18.23 34.89
CA SER A 684 -30.44 -18.11 34.33
C SER A 684 -30.94 -16.67 34.36
N SER A 685 -32.21 -16.48 34.04
CA SER A 685 -32.83 -15.17 34.12
C SER A 685 -33.53 -14.97 35.47
N TYR A 686 -33.77 -16.07 36.17
CA TYR A 686 -34.57 -16.04 37.39
C TYR A 686 -33.97 -15.11 38.43
N LEU A 687 -34.69 -14.05 38.78
CA LEU A 687 -34.29 -13.16 39.86
C LEU A 687 -34.69 -13.73 41.21
N ARG A 688 -35.43 -14.83 41.19
CA ARG A 688 -35.94 -15.43 42.41
C ARG A 688 -35.09 -16.63 42.84
N GLU A 689 -35.11 -16.94 44.13
CA GLU A 689 -34.47 -18.14 44.65
C GLU A 689 -34.72 -19.33 43.73
N ILE A 690 -33.65 -19.86 43.13
CA ILE A 690 -33.76 -20.99 42.22
C ILE A 690 -34.35 -22.21 42.92
N LYS A 691 -35.54 -22.62 42.48
CA LYS A 691 -36.23 -23.74 43.09
C LYS A 691 -35.33 -24.97 43.19
N PRO A 692 -35.37 -25.64 44.34
CA PRO A 692 -34.41 -26.70 44.64
C PRO A 692 -34.65 -27.94 43.78
N GLU A 693 -35.68 -27.88 42.93
CA GLU A 693 -35.97 -28.97 42.00
C GLU A 693 -35.60 -28.58 40.58
N GLU A 694 -34.98 -27.42 40.42
CA GLU A 694 -34.55 -26.94 39.12
C GLU A 694 -33.04 -27.05 38.95
N ARG A 695 -32.36 -27.38 40.05
CA ARG A 695 -30.90 -27.33 40.08
C ARG A 695 -30.28 -28.63 39.58
N ILE A 696 -31.13 -29.57 39.21
CA ILE A 696 -30.70 -30.73 38.45
C ILE A 696 -31.84 -31.32 37.63
N ILE A 697 -31.49 -31.99 36.54
CA ILE A 697 -32.47 -32.74 35.75
C ILE A 697 -31.89 -34.07 35.27
N GLU A 698 -32.67 -35.14 35.44
CA GLU A 698 -32.20 -36.48 35.13
C GLU A 698 -33.16 -37.21 34.19
N GLY A 699 -32.65 -38.21 33.50
CA GLY A 699 -33.48 -39.25 32.93
C GLY A 699 -34.58 -38.69 32.05
N GLU A 700 -34.21 -37.76 31.17
CA GLU A 700 -35.06 -37.40 30.03
C GLU A 700 -36.37 -36.79 30.50
N LYS A 701 -36.53 -36.65 31.81
CA LYS A 701 -37.69 -35.99 32.38
C LYS A 701 -37.67 -34.49 32.10
N GLU A 702 -38.60 -33.76 32.71
CA GLU A 702 -39.06 -32.49 32.16
C GLU A 702 -39.25 -31.45 33.26
N LEU A 703 -39.43 -30.20 32.85
CA LEU A 703 -39.49 -29.09 33.81
C LEU A 703 -40.21 -27.89 33.21
N GLU A 704 -40.93 -27.15 34.07
CA GLU A 704 -41.67 -25.98 33.62
C GLU A 704 -40.79 -24.74 33.65
N ILE A 705 -41.02 -23.84 32.70
CA ILE A 705 -40.20 -22.65 32.55
C ILE A 705 -41.06 -21.42 32.28
N GLU A 706 -41.11 -20.50 33.24
CA GLU A 706 -41.72 -19.20 33.04
C GLU A 706 -41.29 -18.58 31.71
N GLY A 707 -42.25 -18.02 30.99
CA GLY A 707 -41.95 -17.22 29.82
C GLY A 707 -40.83 -16.23 30.06
N ARG A 708 -40.31 -15.65 28.98
CA ARG A 708 -39.17 -14.74 29.08
C ARG A 708 -38.15 -15.23 30.10
N THR A 709 -37.39 -16.26 29.72
CA THR A 709 -36.41 -16.85 30.61
C THR A 709 -35.34 -17.61 29.83
N ALA A 710 -34.08 -17.39 30.18
CA ALA A 710 -32.96 -18.12 29.59
C ALA A 710 -32.28 -19.01 30.62
N LEU A 711 -31.94 -20.23 30.20
CA LEU A 711 -31.27 -21.18 31.08
C LEU A 711 -30.14 -21.90 30.37
N VAL A 712 -28.99 -21.96 31.02
CA VAL A 712 -27.87 -22.78 30.53
C VAL A 712 -27.60 -23.95 31.48
N TYR A 713 -27.39 -25.13 30.91
CA TYR A 713 -27.15 -26.33 31.69
C TYR A 713 -25.88 -27.05 31.30
N ARG A 714 -25.26 -27.70 32.29
CA ARG A 714 -24.02 -28.44 32.09
C ARG A 714 -24.21 -29.93 32.39
N ARG A 715 -24.08 -30.76 31.36
CA ARG A 715 -24.22 -32.20 31.55
C ARG A 715 -23.05 -32.71 32.37
N ILE A 716 -23.35 -33.28 33.55
CA ILE A 716 -22.33 -33.82 34.43
C ILE A 716 -22.35 -35.35 34.44
N GLU A 717 -23.16 -35.93 33.56
CA GLU A 717 -23.23 -37.38 33.48
C GLU A 717 -24.16 -37.80 32.36
N LEU A 718 -23.71 -38.75 31.54
CA LEU A 718 -24.49 -39.23 30.41
C LEU A 718 -24.40 -40.75 30.40
N PHE B 5 -0.85 -44.54 8.52
CA PHE B 5 -0.75 -43.22 9.11
C PHE B 5 -1.34 -42.16 8.19
N ARG B 6 -2.24 -41.34 8.74
CA ARG B 6 -2.87 -40.27 7.96
C ARG B 6 -2.08 -38.97 8.06
N THR B 7 -2.46 -37.99 7.26
CA THR B 7 -1.83 -36.67 7.30
C THR B 7 -1.88 -36.08 8.70
N ARG B 8 -2.53 -36.79 9.61
CA ARG B 8 -2.78 -36.26 10.95
C ARG B 8 -2.04 -37.08 12.00
N ASP B 9 -1.29 -38.08 11.55
CA ASP B 9 -0.47 -38.89 12.45
C ASP B 9 0.99 -38.47 12.38
N ARG B 10 1.24 -37.25 11.92
CA ARG B 10 2.49 -36.57 12.20
C ARG B 10 2.24 -35.17 12.76
N PRO B 11 3.10 -34.74 13.68
CA PRO B 11 2.92 -33.46 14.37
C PRO B 11 2.79 -32.30 13.38
N LEU B 12 1.80 -31.44 13.58
CA LEU B 12 1.66 -30.22 12.81
C LEU B 12 1.00 -29.11 13.61
N ARG B 13 1.18 -27.87 13.17
CA ARG B 13 0.36 -26.76 13.63
C ARG B 13 -0.35 -26.08 12.47
N PRO B 14 -1.51 -25.50 12.75
CA PRO B 14 -2.34 -24.89 11.71
C PRO B 14 -1.59 -23.77 10.98
N GLY B 15 -0.63 -23.16 11.67
CA GLY B 15 0.23 -22.16 11.05
C GLY B 15 -0.46 -20.82 10.89
N ASP B 16 0.11 -19.97 10.04
CA ASP B 16 -0.41 -18.61 9.86
C ASP B 16 -0.48 -18.25 8.38
N PRO B 17 -1.48 -17.44 8.03
CA PRO B 17 -1.65 -16.99 6.65
C PRO B 17 -0.58 -15.99 6.24
N TYR B 18 -0.41 -14.93 7.02
CA TYR B 18 0.68 -13.99 6.82
C TYR B 18 1.94 -14.43 7.56
N PRO B 19 3.09 -14.23 6.94
CA PRO B 19 3.14 -13.75 5.55
C PRO B 19 3.23 -14.90 4.56
N LEU B 20 3.31 -14.58 3.27
CA LEU B 20 3.28 -15.59 2.22
C LEU B 20 4.65 -16.26 2.08
N GLY B 21 4.64 -17.54 1.73
CA GLY B 21 5.86 -18.28 1.46
C GLY B 21 6.25 -19.20 2.61
N SER B 22 7.48 -19.68 2.58
CA SER B 22 8.05 -20.42 3.71
C SER B 22 8.92 -19.51 4.58
N ASN B 23 8.74 -19.61 5.89
CA ASN B 23 9.38 -18.70 6.82
C ASN B 23 9.96 -19.42 8.04
N TRP B 24 11.27 -19.41 8.16
CA TRP B 24 11.95 -20.05 9.29
C TRP B 24 11.61 -19.33 10.60
N ILE B 25 10.92 -20.04 11.49
CA ILE B 25 10.51 -19.48 12.77
C ILE B 25 11.31 -20.07 13.92
N GLU B 26 12.46 -19.46 14.22
CA GLU B 26 13.41 -20.04 15.14
C GLU B 26 12.71 -20.58 16.39
N ASP B 27 11.93 -19.73 17.04
CA ASP B 27 11.49 -19.98 18.41
C ASP B 27 10.62 -21.21 18.50
N ASP B 28 9.89 -21.51 17.43
CA ASP B 28 8.96 -22.63 17.43
C ASP B 28 9.58 -23.86 16.79
N ASP B 29 10.85 -23.75 16.43
CA ASP B 29 11.58 -24.87 15.83
C ASP B 29 10.77 -25.50 14.70
N GLY B 30 10.62 -24.78 13.61
CA GLY B 30 9.93 -25.30 12.43
C GLY B 30 9.61 -24.21 11.43
N VAL B 31 9.09 -24.62 10.27
CA VAL B 31 8.83 -23.69 9.17
C VAL B 31 7.34 -23.45 8.99
N ASN B 32 6.99 -22.23 8.59
CA ASN B 32 5.61 -21.89 8.29
C ASN B 32 5.37 -21.73 6.79
N PHE B 33 4.51 -22.57 6.24
CA PHE B 33 4.25 -22.57 4.80
C PHE B 33 2.91 -21.91 4.49
N SER B 34 2.94 -20.89 3.63
CA SER B 34 1.72 -20.18 3.24
C SER B 34 1.68 -19.95 1.73
N LEU B 35 0.49 -20.09 1.15
CA LEU B 35 0.34 -20.15 -0.30
C LEU B 35 -1.04 -19.69 -0.73
N PHE B 36 -1.08 -18.64 -1.56
CA PHE B 36 -2.33 -18.13 -2.08
C PHE B 36 -2.91 -19.05 -3.15
N SER B 37 -4.17 -19.44 -2.97
CA SER B 37 -4.88 -20.19 -4.00
C SER B 37 -6.39 -19.99 -3.87
N GLU B 38 -6.97 -19.29 -4.84
CA GLU B 38 -8.39 -18.98 -4.82
C GLU B 38 -9.24 -20.21 -5.08
N ASN B 39 -8.81 -21.03 -6.02
CA ASN B 39 -9.69 -21.98 -6.69
C ASN B 39 -9.31 -23.43 -6.39
N ALA B 40 -8.09 -23.63 -5.89
CA ALA B 40 -7.64 -24.94 -5.46
C ALA B 40 -8.66 -25.60 -4.55
N GLU B 41 -8.92 -26.89 -4.78
CA GLU B 41 -9.72 -27.68 -3.86
C GLU B 41 -8.85 -28.41 -2.84
N LYS B 42 -7.57 -28.57 -3.17
CA LYS B 42 -6.65 -29.30 -2.32
C LYS B 42 -5.21 -28.86 -2.54
N VAL B 43 -4.42 -28.85 -1.47
CA VAL B 43 -3.02 -28.46 -1.56
C VAL B 43 -2.13 -29.43 -0.79
N GLU B 44 -0.98 -29.77 -1.37
CA GLU B 44 -0.09 -30.77 -0.79
C GLU B 44 1.35 -30.28 -0.77
N LEU B 45 1.97 -30.36 0.40
CA LEU B 45 3.32 -29.83 0.59
C LEU B 45 4.37 -30.93 0.49
N LEU B 46 5.28 -30.79 -0.47
CA LEU B 46 6.25 -31.83 -0.75
C LEU B 46 7.61 -31.50 -0.14
N LEU B 47 8.14 -32.44 0.63
CA LEU B 47 9.46 -32.28 1.24
C LEU B 47 10.48 -33.23 0.62
N TYR B 48 11.44 -32.67 -0.12
CA TYR B 48 12.49 -33.46 -0.73
C TYR B 48 13.76 -33.44 0.12
N SER B 49 14.63 -34.43 -0.09
CA SER B 49 15.97 -34.40 0.49
C SER B 49 17.01 -33.95 -0.53
N LEU B 50 18.12 -33.42 -0.03
CA LEU B 50 19.22 -32.99 -0.90
C LEU B 50 19.59 -34.08 -1.90
N THR B 51 19.72 -35.32 -1.41
CA THR B 51 20.13 -36.43 -2.23
C THR B 51 19.04 -36.80 -3.23
N ASN B 52 17.87 -37.18 -2.72
CA ASN B 52 16.76 -37.58 -3.57
C ASN B 52 15.83 -36.42 -3.89
N GLN B 53 15.73 -36.06 -5.17
CA GLN B 53 14.72 -35.11 -5.63
C GLN B 53 13.97 -35.66 -6.84
N LYS B 54 13.94 -36.98 -6.97
CA LYS B 54 13.03 -37.63 -7.89
C LYS B 54 11.64 -37.77 -7.29
N TYR B 55 11.57 -38.42 -6.13
CA TYR B 55 10.33 -38.49 -5.36
C TYR B 55 10.40 -37.61 -4.11
N PRO B 56 9.25 -37.38 -3.49
CA PRO B 56 9.19 -36.61 -2.25
C PRO B 56 9.56 -37.46 -1.03
N LYS B 57 10.48 -36.97 -0.22
CA LYS B 57 10.76 -37.57 1.08
C LYS B 57 9.48 -37.75 1.89
N GLU B 58 8.61 -36.74 1.84
CA GLU B 58 7.33 -36.80 2.54
C GLU B 58 6.27 -35.96 1.84
N ILE B 59 5.02 -36.37 1.96
CA ILE B 59 3.91 -35.57 1.48
C ILE B 59 3.02 -35.09 2.63
N ILE B 60 2.83 -33.79 2.72
CA ILE B 60 1.95 -33.21 3.73
C ILE B 60 0.83 -32.40 3.09
N GLU B 61 -0.41 -32.72 3.46
CA GLU B 61 -1.56 -32.00 2.94
C GLU B 61 -1.85 -30.74 3.75
N VAL B 62 -1.85 -29.59 3.06
CA VAL B 62 -2.20 -28.34 3.70
C VAL B 62 -3.70 -28.22 3.91
N LYS B 63 -4.16 -28.65 5.09
CA LYS B 63 -5.59 -28.73 5.37
C LYS B 63 -6.14 -27.37 5.79
N ASN B 64 -5.39 -26.66 6.61
CA ASN B 64 -5.85 -25.40 7.18
C ASN B 64 -5.93 -24.28 6.15
N LYS B 65 -6.89 -23.39 6.31
CA LYS B 65 -7.09 -22.29 5.36
C LYS B 65 -7.62 -21.05 6.06
N THR B 66 -7.37 -19.89 5.47
CA THR B 66 -7.82 -18.62 6.02
C THR B 66 -8.18 -17.63 4.92
N GLY B 67 -9.45 -17.60 4.54
CA GLY B 67 -9.87 -16.93 3.33
C GLY B 67 -9.45 -17.67 2.07
N ASP B 68 -8.54 -17.06 1.32
CA ASP B 68 -8.05 -17.65 0.08
C ASP B 68 -6.57 -18.01 0.17
N ILE B 69 -6.12 -18.30 1.39
CA ILE B 69 -4.71 -18.59 1.62
C ILE B 69 -4.55 -19.88 2.42
N TRP B 70 -3.96 -20.89 1.78
CA TRP B 70 -3.62 -22.14 2.46
C TRP B 70 -2.32 -22.00 3.23
N HIS B 71 -2.24 -22.65 4.39
CA HIS B 71 -1.04 -22.61 5.22
C HIS B 71 -0.98 -23.82 6.14
N VAL B 72 0.24 -24.30 6.39
CA VAL B 72 0.50 -25.17 7.54
C VAL B 72 1.85 -24.85 8.18
N PHE B 73 2.01 -25.29 9.42
CA PHE B 73 3.30 -25.18 10.10
C PHE B 73 3.87 -26.56 10.43
N VAL B 74 5.01 -26.89 9.81
CA VAL B 74 5.63 -28.19 9.99
C VAL B 74 6.74 -28.12 11.03
N PRO B 75 6.53 -28.80 12.16
CA PRO B 75 7.57 -28.89 13.20
C PRO B 75 8.81 -29.61 12.69
N GLY B 76 9.99 -29.16 13.14
CA GLY B 76 11.21 -29.90 12.93
C GLY B 76 12.05 -29.34 11.79
N LEU B 77 11.36 -28.82 10.77
CA LEU B 77 12.04 -28.31 9.58
C LEU B 77 12.97 -27.15 9.92
N ARG B 78 14.11 -27.09 9.25
CA ARG B 78 14.99 -25.94 9.34
C ARG B 78 15.24 -25.32 7.97
N PRO B 79 15.80 -24.12 7.97
CA PRO B 79 16.29 -23.50 6.72
C PRO B 79 17.21 -24.43 5.94
N GLY B 80 17.13 -24.38 4.62
CA GLY B 80 17.86 -25.31 3.77
C GLY B 80 16.96 -26.37 3.18
N GLN B 81 15.72 -26.41 3.64
CA GLN B 81 14.79 -27.49 3.29
C GLN B 81 14.27 -27.33 1.87
N LEU B 82 14.24 -28.43 1.12
CA LEU B 82 13.64 -28.43 -0.21
C LEU B 82 12.15 -28.77 -0.14
N TYR B 83 11.36 -28.07 -0.95
CA TYR B 83 9.91 -28.29 -0.96
C TYR B 83 9.31 -27.80 -2.27
N ALA B 84 8.22 -28.45 -2.69
CA ALA B 84 7.34 -27.89 -3.70
C ALA B 84 5.87 -28.12 -3.34
N TYR B 85 4.98 -27.76 -4.25
CA TYR B 85 3.54 -27.89 -4.02
C TYR B 85 2.79 -28.62 -5.13
N ARG B 86 1.68 -29.26 -4.74
CA ARG B 86 0.79 -29.94 -5.70
C ARG B 86 -0.56 -29.28 -5.49
N VAL B 87 -1.06 -28.61 -6.52
CA VAL B 87 -2.35 -27.94 -6.39
C VAL B 87 -3.46 -28.70 -7.10
N TYR B 88 -4.34 -29.31 -6.32
CA TYR B 88 -5.47 -30.04 -6.86
C TYR B 88 -6.62 -29.07 -7.17
N GLY B 89 -7.30 -29.31 -8.29
CA GLY B 89 -8.39 -28.45 -8.68
C GLY B 89 -9.07 -28.96 -9.93
N PRO B 90 -10.12 -28.27 -10.41
CA PRO B 90 -10.83 -28.69 -11.62
C PRO B 90 -10.02 -28.39 -12.88
N TYR B 91 -10.21 -29.21 -13.91
CA TYR B 91 -9.49 -29.02 -15.17
C TYR B 91 -10.46 -28.70 -16.32
N LYS B 92 -10.70 -27.42 -16.55
CA LYS B 92 -11.61 -27.01 -17.62
C LYS B 92 -10.95 -25.88 -18.37
N PRO B 93 -9.91 -26.20 -19.14
CA PRO B 93 -9.11 -25.30 -19.94
C PRO B 93 -9.83 -24.24 -20.77
N GLU B 94 -11.00 -24.59 -21.33
CA GLU B 94 -11.72 -23.60 -22.13
C GLU B 94 -12.34 -22.58 -21.20
N LEU B 95 -12.32 -22.88 -19.90
CA LEU B 95 -12.86 -21.97 -18.90
C LEU B 95 -11.74 -21.22 -18.18
N GLY B 96 -10.50 -21.68 -18.38
CA GLY B 96 -9.35 -21.07 -17.74
C GLY B 96 -8.86 -21.86 -16.56
N LEU B 97 -9.57 -22.93 -16.22
CA LEU B 97 -9.17 -23.81 -15.14
C LEU B 97 -8.17 -24.87 -15.60
N ARG B 98 -6.92 -24.71 -15.18
CA ARG B 98 -5.83 -25.53 -15.70
C ARG B 98 -5.05 -26.18 -14.56
N PHE B 99 -5.77 -26.70 -13.57
CA PHE B 99 -5.15 -27.38 -12.45
C PHE B 99 -4.74 -28.81 -12.80
N ASN B 100 -3.54 -29.20 -12.37
CA ASN B 100 -3.02 -30.53 -12.65
C ASN B 100 -2.02 -31.00 -11.60
N PRO B 101 -2.52 -31.71 -10.59
CA PRO B 101 -1.71 -32.04 -9.41
C PRO B 101 -0.60 -33.04 -9.75
N ASN B 102 -0.56 -33.49 -11.00
CA ASN B 102 0.56 -34.28 -11.49
C ASN B 102 1.81 -33.43 -11.71
N LYS B 103 1.62 -32.13 -11.82
CA LYS B 103 2.73 -31.20 -12.04
C LYS B 103 3.20 -30.57 -10.74
N VAL B 104 4.42 -30.91 -10.33
CA VAL B 104 5.02 -30.32 -9.14
C VAL B 104 5.43 -28.87 -9.39
N LEU B 105 5.00 -27.98 -8.50
CA LEU B 105 5.02 -26.54 -8.78
C LEU B 105 5.99 -25.81 -7.86
N ILE B 106 6.54 -24.70 -8.34
CA ILE B 106 7.40 -23.86 -7.54
C ILE B 106 6.60 -22.86 -6.71
N ASP B 107 6.98 -22.69 -5.45
CA ASP B 107 6.33 -21.73 -4.58
C ASP B 107 6.66 -20.30 -5.00
N PRO B 108 5.63 -19.55 -5.40
CA PRO B 108 5.82 -18.24 -6.01
C PRO B 108 6.38 -17.22 -5.02
N TYR B 109 6.46 -17.61 -3.75
CA TYR B 109 7.10 -16.78 -2.73
C TYR B 109 8.42 -17.40 -2.27
N ALA B 110 8.94 -18.31 -3.07
CA ALA B 110 10.26 -18.90 -2.81
C ALA B 110 11.35 -17.84 -2.82
N LYS B 111 12.03 -17.68 -1.69
CA LYS B 111 13.15 -16.75 -1.59
C LYS B 111 14.43 -17.36 -2.14
N ALA B 112 14.37 -18.64 -2.49
CA ALA B 112 15.50 -19.33 -3.08
C ALA B 112 15.06 -20.57 -3.87
N ILE B 113 15.46 -20.61 -5.14
CA ILE B 113 15.19 -21.77 -5.98
C ILE B 113 16.47 -22.52 -6.33
N ASN B 114 16.42 -23.84 -6.28
CA ASN B 114 17.61 -24.66 -6.41
C ASN B 114 17.69 -25.37 -7.76
N GLY B 115 18.34 -24.73 -8.73
CA GLY B 115 18.46 -25.29 -10.06
C GLY B 115 17.39 -24.77 -11.00
N SER B 116 17.28 -25.41 -12.16
CA SER B 116 16.36 -24.95 -13.20
C SER B 116 15.60 -26.11 -13.82
N VAL B 117 14.82 -25.83 -14.85
CA VAL B 117 13.97 -26.83 -15.47
C VAL B 117 14.80 -27.84 -16.28
N ILE B 118 14.59 -29.13 -16.00
CA ILE B 118 15.06 -30.19 -16.88
C ILE B 118 14.05 -30.47 -17.99
N TRP B 119 14.19 -29.77 -19.11
CA TRP B 119 13.12 -29.69 -20.10
C TRP B 119 12.65 -31.08 -20.52
N ASN B 120 11.34 -31.26 -20.57
CA ASN B 120 10.75 -32.58 -20.74
C ASN B 120 9.23 -32.53 -20.84
N ASP B 121 8.67 -33.37 -21.73
CA ASP B 121 7.27 -33.24 -22.11
C ASP B 121 6.36 -33.33 -20.90
N ALA B 122 6.92 -33.75 -19.77
CA ALA B 122 6.11 -34.16 -18.62
C ALA B 122 5.66 -32.95 -17.81
N VAL B 123 6.13 -31.77 -18.22
CA VAL B 123 6.05 -30.58 -17.36
C VAL B 123 5.06 -29.58 -17.92
N PHE B 124 4.04 -30.07 -18.61
CA PHE B 124 3.24 -29.24 -19.50
C PHE B 124 1.75 -29.40 -19.23
N GLY B 125 1.41 -30.39 -18.42
CA GLY B 125 0.06 -30.51 -17.89
C GLY B 125 -0.94 -30.94 -18.93
N TYR B 126 -0.66 -30.63 -20.19
CA TYR B 126 -1.38 -31.21 -21.32
C TYR B 126 -0.48 -32.12 -22.14
N LYS B 127 -1.09 -33.07 -22.83
CA LYS B 127 -0.35 -33.98 -23.71
C LYS B 127 0.34 -33.22 -24.83
N ILE B 128 1.67 -33.22 -24.83
CA ILE B 128 2.44 -32.50 -25.82
C ILE B 128 2.05 -32.93 -27.23
N GLY B 129 1.84 -34.22 -27.42
CA GLY B 129 1.61 -34.79 -28.74
C GLY B 129 0.19 -34.56 -29.23
N ASP B 130 -0.77 -34.68 -28.31
CA ASP B 130 -2.15 -34.89 -28.68
C ASP B 130 -2.66 -33.78 -29.60
N GLN B 131 -3.71 -34.08 -30.36
CA GLN B 131 -4.09 -33.25 -31.49
C GLN B 131 -4.97 -32.08 -31.06
N ASN B 132 -5.60 -32.23 -29.90
CA ASN B 132 -6.34 -31.14 -29.28
C ASN B 132 -5.52 -30.38 -28.24
N GLN B 133 -4.21 -30.60 -28.27
CA GLN B 133 -3.28 -29.71 -27.58
C GLN B 133 -3.75 -29.42 -26.16
N ASP B 134 -3.94 -28.13 -25.86
CA ASP B 134 -3.92 -27.67 -24.48
C ASP B 134 -5.20 -28.06 -23.75
N LEU B 135 -6.14 -28.63 -24.49
CA LEU B 135 -7.41 -29.07 -23.91
C LEU B 135 -7.26 -30.43 -23.23
N THR B 136 -6.09 -31.02 -23.36
CA THR B 136 -5.86 -32.38 -22.90
C THR B 136 -5.17 -32.39 -21.53
N TYR B 137 -5.23 -33.53 -20.85
CA TYR B 137 -4.78 -33.63 -19.47
C TYR B 137 -3.67 -34.67 -19.32
N ASP B 138 -2.43 -34.21 -19.28
CA ASP B 138 -1.28 -35.10 -19.17
C ASP B 138 -1.03 -35.49 -17.72
N GLU B 139 -0.81 -36.79 -17.49
CA GLU B 139 -0.81 -37.33 -16.14
C GLU B 139 0.56 -37.87 -15.75
N ARG B 140 1.60 -37.34 -16.40
CA ARG B 140 2.97 -37.65 -16.03
C ARG B 140 3.43 -36.80 -14.85
N ASP B 141 4.05 -37.44 -13.87
CA ASP B 141 4.60 -36.74 -12.72
C ASP B 141 5.86 -35.96 -13.10
N SER B 142 5.83 -34.66 -12.88
CA SER B 142 6.87 -33.77 -13.41
C SER B 142 7.94 -33.48 -12.36
N GLY B 143 7.88 -34.21 -11.25
CA GLY B 143 8.68 -33.87 -10.09
C GLY B 143 10.16 -33.83 -10.39
N GLU B 144 10.66 -34.88 -11.03
CA GLU B 144 12.10 -35.07 -11.18
C GLU B 144 12.68 -34.06 -12.17
N TYR B 145 11.81 -33.25 -12.76
CA TYR B 145 12.23 -32.32 -13.81
C TYR B 145 12.14 -30.87 -13.33
N VAL B 146 11.54 -30.67 -12.17
CA VAL B 146 11.28 -29.33 -11.66
C VAL B 146 12.21 -28.99 -10.50
N PRO B 147 12.84 -27.82 -10.58
CA PRO B 147 13.63 -27.30 -9.45
C PRO B 147 12.81 -27.23 -8.17
N LYS B 148 13.47 -27.50 -7.04
CA LYS B 148 12.80 -27.43 -5.75
C LYS B 148 12.99 -26.05 -5.11
N SER B 149 11.96 -25.59 -4.40
CA SER B 149 12.08 -24.38 -3.58
C SER B 149 12.85 -24.65 -2.29
N VAL B 150 13.52 -23.63 -1.78
CA VAL B 150 14.32 -23.77 -0.57
C VAL B 150 13.85 -22.81 0.52
N VAL B 151 13.80 -23.30 1.75
CA VAL B 151 13.64 -22.42 2.90
C VAL B 151 14.95 -21.75 3.28
N ILE B 152 14.98 -20.42 3.19
CA ILE B 152 16.20 -19.66 3.47
C ILE B 152 16.16 -19.07 4.87
N ASN B 153 17.32 -19.03 5.52
CA ASN B 153 17.51 -18.20 6.71
C ASN B 153 17.84 -16.76 6.35
N PRO B 154 16.94 -15.84 6.71
CA PRO B 154 16.98 -14.48 6.16
C PRO B 154 18.06 -13.63 6.82
N TYR B 155 18.51 -14.04 8.00
CA TYR B 155 19.45 -13.26 8.78
C TYR B 155 20.64 -12.81 7.93
N PHE B 156 21.20 -11.66 8.28
CA PHE B 156 22.40 -11.17 7.61
C PHE B 156 22.84 -9.82 8.19
N GLU B 157 24.06 -9.78 8.71
CA GLU B 157 24.63 -8.55 9.26
C GLU B 157 25.11 -7.63 8.15
N TRP B 158 24.27 -6.69 7.75
CA TRP B 158 24.70 -5.53 6.96
C TRP B 158 25.59 -4.61 7.80
N ASP B 159 26.87 -4.97 7.90
CA ASP B 159 27.91 -3.99 8.19
C ASP B 159 27.91 -2.86 7.16
N ASP B 160 28.67 -1.81 7.44
CA ASP B 160 28.10 -0.57 7.97
C ASP B 160 26.70 -0.31 7.40
N GLU B 161 26.66 0.07 6.13
CA GLU B 161 25.52 -0.27 5.28
C GLU B 161 24.31 0.59 5.59
N ASP B 162 24.12 0.89 6.87
CA ASP B 162 22.88 1.48 7.34
C ASP B 162 22.98 2.99 7.45
N PHE B 163 23.89 3.57 6.67
CA PHE B 163 24.27 4.97 6.85
C PHE B 163 24.24 5.73 5.52
N ILE B 164 24.56 5.02 4.44
CA ILE B 164 23.98 5.31 3.14
C ILE B 164 22.46 5.45 3.23
N LYS B 165 21.87 4.75 4.19
CA LYS B 165 20.52 5.08 4.65
C LYS B 165 20.55 6.03 5.83
N GLY B 166 20.14 7.27 5.60
CA GLY B 166 21.05 8.30 5.15
C GLY B 166 20.59 8.94 3.85
N LYS B 167 21.39 9.87 3.33
CA LYS B 167 21.28 10.28 1.93
C LYS B 167 22.05 9.32 1.02
N LYS B 168 21.61 9.24 -0.23
CA LYS B 168 22.38 8.57 -1.27
C LYS B 168 22.51 9.42 -2.52
N VAL B 169 22.89 8.80 -3.63
CA VAL B 169 23.00 9.49 -4.90
C VAL B 169 21.64 9.97 -5.39
N PRO B 170 21.39 11.27 -5.27
CA PRO B 170 20.17 11.88 -5.78
C PRO B 170 20.10 11.83 -7.30
N LEU B 171 18.91 11.61 -7.84
CA LEU B 171 18.74 11.45 -9.29
C LEU B 171 19.40 12.57 -10.06
N LYS B 172 19.55 13.73 -9.40
CA LYS B 172 20.08 14.92 -10.06
C LYS B 172 21.49 14.67 -10.59
N ASP B 173 22.27 13.90 -9.83
CA ASP B 173 23.70 13.78 -10.09
C ASP B 173 24.09 12.37 -10.50
N THR B 174 23.07 11.55 -10.77
CA THR B 174 23.28 10.12 -10.98
C THR B 174 23.96 9.85 -12.31
N VAL B 175 24.67 8.72 -12.39
CA VAL B 175 25.18 8.23 -13.66
C VAL B 175 25.08 6.71 -13.74
N ILE B 176 24.26 6.22 -14.68
CA ILE B 176 23.75 4.85 -14.62
C ILE B 176 24.60 3.91 -15.46
N TYR B 177 24.92 2.75 -14.91
CA TYR B 177 25.82 1.81 -15.56
C TYR B 177 25.17 0.44 -15.70
N GLU B 178 24.57 0.19 -16.86
CA GLU B 178 23.84 -1.04 -17.10
C GLU B 178 24.80 -2.22 -17.31
N VAL B 179 24.76 -3.18 -16.40
CA VAL B 179 25.72 -4.28 -16.41
C VAL B 179 25.00 -5.63 -16.39
N HIS B 180 25.65 -6.65 -16.94
CA HIS B 180 25.14 -8.01 -16.88
C HIS B 180 26.04 -8.90 -16.02
N VAL B 181 25.60 -9.17 -14.80
CA VAL B 181 26.44 -9.82 -13.80
C VAL B 181 27.39 -10.82 -14.46
N LYS B 182 26.87 -11.58 -15.41
CA LYS B 182 27.63 -12.65 -16.06
C LYS B 182 28.75 -12.08 -16.91
N GLY B 183 28.39 -11.39 -17.98
CA GLY B 183 29.36 -10.86 -18.92
C GLY B 183 30.36 -9.93 -18.28
N PHE B 184 29.92 -9.23 -17.23
CA PHE B 184 30.75 -8.23 -16.57
C PHE B 184 32.10 -8.81 -16.17
N THR B 185 32.08 -10.02 -15.61
CA THR B 185 33.23 -10.55 -14.90
C THR B 185 33.45 -12.02 -15.23
N LYS B 186 32.70 -12.53 -16.20
CA LYS B 186 33.03 -13.79 -16.86
C LYS B 186 34.48 -13.81 -17.31
N LEU B 187 34.78 -13.03 -18.35
CA LEU B 187 36.11 -13.06 -18.97
C LEU B 187 37.11 -12.23 -18.16
N ARG B 188 37.05 -12.38 -16.84
CA ARG B 188 37.88 -11.56 -15.94
C ARG B 188 38.96 -12.41 -15.28
N LEU B 189 39.98 -12.78 -16.06
CA LEU B 189 41.19 -13.38 -15.51
C LEU B 189 42.09 -12.31 -14.88
N ASP B 190 41.48 -11.39 -14.16
CA ASP B 190 41.93 -11.05 -12.81
C ASP B 190 41.57 -12.15 -11.82
N LEU B 191 40.30 -12.23 -11.46
CA LEU B 191 39.86 -13.06 -10.35
C LEU B 191 40.00 -14.54 -10.68
N PRO B 192 39.95 -15.38 -9.64
CA PRO B 192 39.46 -16.76 -9.80
C PRO B 192 38.10 -16.80 -10.45
N GLU B 193 37.94 -17.66 -11.46
CA GLU B 193 36.67 -18.33 -11.72
C GLU B 193 36.26 -19.19 -10.53
N ASN B 194 35.16 -19.92 -10.69
CA ASN B 194 34.18 -20.08 -9.62
C ASN B 194 33.83 -18.76 -8.96
N ILE B 195 34.14 -17.65 -9.64
CA ILE B 195 33.73 -16.33 -9.18
C ILE B 195 33.68 -15.34 -10.35
N ARG B 196 33.83 -15.86 -11.57
CA ARG B 196 33.71 -15.04 -12.77
C ARG B 196 32.29 -15.12 -13.33
N GLY B 197 31.63 -13.97 -13.41
CA GLY B 197 30.26 -13.91 -13.87
C GLY B 197 29.26 -14.17 -12.76
N THR B 198 29.67 -13.89 -11.53
CA THR B 198 28.83 -14.17 -10.36
C THR B 198 28.65 -12.92 -9.50
N TYR B 199 27.59 -12.92 -8.70
CA TYR B 199 27.36 -11.83 -7.76
C TYR B 199 28.64 -11.41 -7.06
N GLU B 200 29.33 -12.39 -6.46
CA GLU B 200 30.54 -12.11 -5.70
C GLU B 200 31.61 -11.45 -6.56
N GLY B 201 31.84 -12.02 -7.74
CA GLY B 201 32.79 -11.46 -8.69
C GLY B 201 32.51 -10.00 -8.99
N LEU B 202 31.25 -9.68 -9.22
CA LEU B 202 30.85 -8.30 -9.53
C LEU B 202 31.27 -7.35 -8.42
N ALA B 203 31.42 -7.88 -7.21
CA ALA B 203 31.62 -7.05 -6.03
C ALA B 203 33.04 -7.16 -5.51
N SER B 204 33.89 -7.87 -6.24
CA SER B 204 35.30 -7.99 -5.89
C SER B 204 35.99 -6.63 -5.91
N GLU B 205 37.04 -6.49 -5.10
CA GLU B 205 37.72 -5.22 -4.94
C GLU B 205 38.24 -4.69 -6.28
N GLN B 206 38.59 -5.62 -7.17
CA GLN B 206 39.12 -5.25 -8.48
C GLN B 206 38.08 -4.52 -9.31
N MET B 207 36.83 -4.92 -9.17
CA MET B 207 35.74 -4.37 -9.99
C MET B 207 35.18 -3.10 -9.37
N ILE B 208 34.98 -3.13 -8.05
CA ILE B 208 34.68 -1.92 -7.30
C ILE B 208 35.63 -0.78 -7.68
N SER B 209 36.92 -1.02 -7.53
CA SER B 209 37.94 -0.05 -7.92
C SER B 209 37.70 0.44 -9.34
N TYR B 210 37.62 -0.47 -10.28
CA TYR B 210 37.29 -0.14 -11.67
C TYR B 210 36.10 0.81 -11.74
N LEU B 211 35.04 0.47 -11.02
CA LEU B 211 33.79 1.22 -11.09
C LEU B 211 33.94 2.62 -10.51
N LYS B 212 34.83 2.75 -9.54
CA LYS B 212 35.14 4.05 -8.95
C LYS B 212 36.02 4.88 -9.89
N ASP B 213 37.06 4.26 -10.42
CA ASP B 213 37.84 4.87 -11.49
C ASP B 213 36.94 5.46 -12.57
N LEU B 214 36.13 4.60 -13.19
CA LEU B 214 35.23 5.03 -14.26
C LEU B 214 34.35 6.18 -13.80
N GLY B 215 33.82 6.07 -12.59
CA GLY B 215 33.20 7.21 -11.92
C GLY B 215 31.69 7.20 -12.04
N ILE B 216 31.13 6.03 -12.32
CA ILE B 216 29.69 5.84 -12.30
C ILE B 216 29.15 5.78 -10.88
N THR B 217 27.91 6.21 -10.69
CA THR B 217 27.35 6.38 -9.36
C THR B 217 26.49 5.18 -8.96
N THR B 218 25.79 4.61 -9.95
CA THR B 218 24.88 3.51 -9.69
C THR B 218 24.95 2.47 -10.80
N VAL B 219 24.94 1.20 -10.40
CA VAL B 219 24.87 0.09 -11.36
C VAL B 219 23.44 -0.38 -11.54
N GLU B 220 23.06 -0.65 -12.79
CA GLU B 220 21.76 -1.25 -13.09
C GLU B 220 21.92 -2.64 -13.67
N LEU B 221 21.62 -3.65 -12.86
CA LEU B 221 21.77 -5.04 -13.27
C LEU B 221 20.63 -5.47 -14.19
N MET B 222 20.97 -6.18 -15.26
CA MET B 222 20.00 -7.03 -15.96
C MET B 222 19.26 -7.94 -14.98
N PRO B 223 18.08 -8.40 -15.39
CA PRO B 223 17.24 -9.24 -14.52
C PRO B 223 18.07 -10.19 -13.68
N VAL B 224 17.84 -10.19 -12.38
CA VAL B 224 18.44 -11.19 -11.50
C VAL B 224 17.35 -12.03 -10.82
N PHE B 225 16.11 -11.82 -11.23
CA PHE B 225 15.02 -12.70 -10.85
C PHE B 225 15.18 -14.09 -11.46
N HIS B 226 15.24 -15.10 -10.61
CA HIS B 226 15.36 -16.48 -11.07
C HIS B 226 14.51 -16.72 -12.32
N PHE B 227 15.16 -17.18 -13.39
CA PHE B 227 14.48 -17.39 -14.66
C PHE B 227 14.83 -18.74 -15.26
N ILE B 228 14.10 -19.14 -16.30
CA ILE B 228 14.36 -20.39 -16.99
C ILE B 228 14.76 -20.16 -18.44
N ASP B 229 15.54 -21.08 -18.99
CA ASP B 229 15.83 -21.09 -20.42
C ASP B 229 14.65 -21.62 -21.22
N GLN B 230 14.04 -20.75 -22.01
CA GLN B 230 12.99 -21.17 -22.94
C GLN B 230 13.42 -22.40 -23.73
N ARG B 231 12.49 -23.35 -23.87
CA ARG B 231 12.81 -24.64 -24.46
C ARG B 231 13.19 -24.51 -25.93
N PHE B 232 12.55 -23.56 -26.62
CA PHE B 232 12.89 -23.27 -28.00
C PHE B 232 14.27 -22.64 -28.11
N LEU B 233 14.90 -22.41 -26.97
CA LEU B 233 16.33 -22.07 -26.93
C LEU B 233 17.18 -23.29 -26.62
N THR B 234 16.72 -24.09 -25.64
CA THR B 234 17.42 -25.31 -25.28
C THR B 234 17.61 -26.22 -26.49
N ASP B 235 16.57 -26.35 -27.30
CA ASP B 235 16.64 -27.15 -28.52
C ASP B 235 17.29 -26.37 -29.65
N LYS B 236 18.28 -25.55 -29.31
CA LYS B 236 19.16 -24.95 -30.31
C LYS B 236 20.59 -24.86 -29.80
N GLY B 237 20.86 -25.52 -28.67
CA GLY B 237 22.13 -25.37 -28.00
C GLY B 237 22.26 -24.04 -27.30
N LEU B 238 21.14 -23.36 -27.10
CA LEU B 238 21.14 -21.97 -26.68
C LEU B 238 20.56 -21.81 -25.27
N THR B 239 20.70 -20.62 -24.72
CA THR B 239 20.16 -20.32 -23.39
C THR B 239 19.61 -18.90 -23.32
N ASN B 240 18.91 -18.60 -22.23
CA ASN B 240 18.46 -17.24 -21.96
C ASN B 240 19.51 -16.42 -21.23
N TYR B 241 20.16 -15.51 -21.96
CA TYR B 241 21.32 -14.80 -21.43
C TYR B 241 20.89 -13.60 -20.59
N TRP B 242 19.97 -12.80 -21.13
CA TRP B 242 19.48 -11.62 -20.43
C TRP B 242 18.60 -12.01 -19.24
N GLY B 243 17.78 -13.04 -19.43
CA GLY B 243 16.99 -13.58 -18.35
C GLY B 243 15.69 -12.83 -18.15
N TYR B 244 15.19 -12.21 -19.22
CA TYR B 244 13.92 -11.49 -19.18
C TYR B 244 12.74 -12.45 -19.26
N ASP B 245 12.65 -13.35 -18.30
CA ASP B 245 11.67 -14.43 -18.36
C ASP B 245 11.70 -15.27 -17.08
N PRO B 246 11.20 -14.71 -15.99
CA PRO B 246 11.32 -15.33 -14.66
C PRO B 246 10.09 -16.17 -14.32
N ILE B 247 10.21 -17.01 -13.31
CA ILE B 247 9.05 -17.70 -12.74
C ILE B 247 8.90 -17.40 -11.25
N ASN B 248 9.84 -16.63 -10.71
CA ASN B 248 9.80 -16.23 -9.30
C ASN B 248 10.35 -14.83 -9.09
N PHE B 249 9.68 -14.07 -8.23
CA PHE B 249 9.93 -12.63 -8.11
C PHE B 249 10.72 -12.31 -6.85
N PHE B 250 11.09 -13.34 -6.11
CA PHE B 250 11.65 -13.18 -4.78
C PHE B 250 13.08 -13.71 -4.71
N SER B 251 13.35 -14.77 -5.45
CA SER B 251 14.63 -15.45 -5.37
C SER B 251 15.55 -15.06 -6.53
N PRO B 252 16.81 -14.78 -6.21
CA PRO B 252 17.77 -14.33 -7.22
C PRO B 252 18.28 -15.51 -8.06
N GLU B 253 18.66 -15.23 -9.30
CA GLU B 253 19.05 -16.28 -10.24
C GLU B 253 20.16 -17.14 -9.65
N CYS B 254 19.97 -18.46 -9.68
CA CYS B 254 20.96 -19.39 -9.17
C CYS B 254 22.24 -19.34 -10.00
N ARG B 255 22.09 -19.13 -11.30
CA ARG B 255 23.19 -19.33 -12.24
C ARG B 255 24.21 -18.21 -12.14
N TYR B 256 23.97 -17.25 -11.24
CA TYR B 256 24.88 -16.15 -11.03
C TYR B 256 25.59 -16.25 -9.68
N SER B 257 25.43 -17.41 -9.04
CA SER B 257 25.82 -17.56 -7.63
C SER B 257 27.10 -18.37 -7.51
N SER B 258 28.08 -17.82 -6.79
CA SER B 258 29.36 -18.48 -6.62
C SER B 258 29.28 -19.59 -5.58
N THR B 259 28.40 -19.41 -4.60
CA THR B 259 28.34 -20.32 -3.47
C THR B 259 27.19 -21.33 -3.63
N GLY B 260 27.03 -21.83 -4.85
CA GLY B 260 25.89 -22.65 -5.19
C GLY B 260 24.57 -21.94 -4.95
N CYS B 261 23.53 -22.72 -4.65
CA CYS B 261 22.20 -22.16 -4.48
C CYS B 261 21.28 -23.14 -3.75
N LEU B 262 21.64 -23.48 -2.52
CA LEU B 262 20.66 -23.90 -1.52
C LEU B 262 20.44 -22.80 -0.48
N GLY B 263 20.22 -21.59 -0.95
CA GLY B 263 20.35 -20.40 -0.11
C GLY B 263 21.62 -19.63 -0.40
N GLY B 264 22.52 -20.24 -1.15
CA GLY B 264 23.76 -19.58 -1.54
C GLY B 264 23.52 -18.31 -2.33
N GLN B 265 22.58 -18.37 -3.26
CA GLN B 265 22.37 -17.27 -4.19
C GLN B 265 21.83 -16.03 -3.47
N VAL B 266 21.08 -16.26 -2.41
CA VAL B 266 20.62 -15.18 -1.53
C VAL B 266 21.80 -14.58 -0.76
N LEU B 267 22.44 -15.39 0.07
CA LEU B 267 23.64 -14.97 0.78
C LEU B 267 24.58 -14.21 -0.14
N SER B 268 24.89 -14.81 -1.29
CA SER B 268 25.92 -14.28 -2.17
C SER B 268 25.52 -12.92 -2.74
N PHE B 269 24.22 -12.70 -2.86
CA PHE B 269 23.70 -11.47 -3.46
C PHE B 269 23.81 -10.30 -2.49
N LYS B 270 23.38 -10.51 -1.25
CA LYS B 270 23.44 -9.47 -0.24
C LYS B 270 24.85 -8.92 -0.09
N LYS B 271 25.83 -9.81 -0.04
CA LYS B 271 27.21 -9.42 0.23
C LYS B 271 27.80 -8.64 -0.93
N MET B 272 27.30 -8.91 -2.13
CA MET B 272 27.59 -8.07 -3.30
C MET B 272 27.03 -6.67 -3.11
N VAL B 273 25.75 -6.58 -2.77
CA VAL B 273 25.11 -5.30 -2.52
C VAL B 273 25.78 -4.57 -1.35
N ASN B 274 26.03 -5.29 -0.27
CA ASN B 274 26.73 -4.72 0.88
C ASN B 274 28.04 -4.04 0.49
N GLU B 275 28.79 -4.70 -0.38
CA GLU B 275 30.12 -4.21 -0.77
C GLU B 275 30.02 -2.97 -1.64
N LEU B 276 29.19 -3.06 -2.68
CA LEU B 276 28.86 -1.89 -3.49
C LEU B 276 28.56 -0.68 -2.62
N HIS B 277 27.83 -0.90 -1.53
CA HIS B 277 27.34 0.19 -0.70
C HIS B 277 28.45 0.78 0.17
N ASN B 278 29.44 -0.05 0.49
CA ASN B 278 30.62 0.41 1.21
C ASN B 278 31.55 1.22 0.32
N ALA B 279 31.32 1.15 -0.99
CA ALA B 279 32.04 2.00 -1.94
C ALA B 279 31.13 3.10 -2.48
N GLY B 280 30.02 3.34 -1.79
CA GLY B 280 29.11 4.41 -2.16
C GLY B 280 28.57 4.25 -3.57
N ILE B 281 28.14 3.04 -3.90
CA ILE B 281 27.53 2.76 -5.18
C ILE B 281 26.09 2.28 -5.02
N GLU B 282 25.18 2.91 -5.76
CA GLU B 282 23.76 2.52 -5.73
C GLU B 282 23.51 1.29 -6.59
N VAL B 283 22.55 0.46 -6.17
CA VAL B 283 22.19 -0.73 -6.91
C VAL B 283 20.75 -0.65 -7.42
N ILE B 284 20.59 -0.56 -8.73
CA ILE B 284 19.29 -0.67 -9.36
C ILE B 284 19.16 -1.97 -10.15
N ILE B 285 18.04 -2.65 -9.98
CA ILE B 285 17.78 -3.92 -10.68
C ILE B 285 16.68 -3.76 -11.71
N ASP B 286 17.04 -3.95 -12.98
CA ASP B 286 16.07 -4.34 -14.00
C ASP B 286 15.17 -5.46 -13.50
N VAL B 287 13.86 -5.21 -13.53
CA VAL B 287 12.89 -6.17 -13.00
C VAL B 287 11.79 -6.44 -14.01
N VAL B 288 11.40 -7.71 -14.13
CA VAL B 288 10.27 -8.09 -14.97
C VAL B 288 9.08 -8.57 -14.14
N TYR B 289 8.01 -7.78 -14.14
CA TYR B 289 6.83 -8.11 -13.37
C TYR B 289 5.63 -8.38 -14.28
N ASN B 290 5.83 -8.16 -15.58
CA ASN B 290 4.71 -8.01 -16.50
C ASN B 290 4.28 -9.34 -17.12
N HIS B 291 5.19 -10.31 -17.06
CA HIS B 291 4.96 -11.61 -17.70
C HIS B 291 5.78 -12.71 -17.04
N THR B 292 5.43 -13.96 -17.33
CA THR B 292 6.10 -15.10 -16.72
C THR B 292 6.72 -16.01 -17.77
N ALA B 293 7.57 -16.93 -17.32
CA ALA B 293 8.24 -17.86 -18.23
C ALA B 293 7.34 -19.04 -18.56
N GLU B 294 6.07 -18.93 -18.21
CA GLU B 294 5.10 -19.98 -18.47
C GLU B 294 4.38 -19.75 -19.80
N GLY B 295 4.79 -18.72 -20.52
CA GLY B 295 4.29 -18.46 -21.85
C GLY B 295 2.78 -18.42 -21.91
N ASN B 296 2.22 -18.57 -23.09
CA ASN B 296 0.79 -18.80 -23.25
C ASN B 296 0.38 -20.22 -22.86
N HIS B 297 -0.85 -20.59 -23.20
CA HIS B 297 -1.20 -21.99 -23.40
C HIS B 297 -0.17 -22.70 -24.27
N LEU B 298 -0.12 -24.02 -24.17
CA LEU B 298 0.93 -24.81 -24.79
C LEU B 298 2.26 -24.64 -24.05
N GLY B 299 2.37 -23.54 -23.29
CA GLY B 299 3.47 -23.36 -22.38
C GLY B 299 3.48 -24.38 -21.25
N PRO B 300 4.53 -24.36 -20.44
CA PRO B 300 4.70 -25.34 -19.37
C PRO B 300 3.83 -25.01 -18.16
N THR B 301 3.77 -25.93 -17.20
CA THR B 301 3.00 -25.71 -15.98
C THR B 301 3.87 -25.91 -14.75
N LEU B 302 4.41 -24.80 -14.23
CA LEU B 302 5.55 -24.86 -13.31
C LEU B 302 5.21 -24.25 -11.96
N SER B 303 4.41 -23.20 -11.98
CA SER B 303 4.29 -22.30 -10.83
C SER B 303 2.89 -21.70 -10.75
N PHE B 304 2.60 -20.74 -11.63
CA PHE B 304 1.40 -19.94 -11.52
C PHE B 304 0.21 -20.63 -12.19
N ARG B 305 0.34 -20.92 -13.47
CA ARG B 305 -0.66 -21.70 -14.19
C ARG B 305 -1.23 -22.80 -13.31
N GLY B 306 -0.39 -23.36 -12.45
CA GLY B 306 -0.74 -24.55 -11.71
C GLY B 306 -1.33 -24.25 -10.35
N ILE B 307 -0.98 -23.10 -9.79
CA ILE B 307 -1.42 -22.72 -8.46
C ILE B 307 -2.74 -21.97 -8.51
N ASP B 308 -2.85 -21.01 -9.42
CA ASP B 308 -4.14 -20.49 -9.86
C ASP B 308 -4.03 -19.80 -11.21
N ASN B 309 -4.76 -20.32 -12.20
CA ASN B 309 -4.63 -19.85 -13.57
C ASN B 309 -5.58 -18.69 -13.88
N THR B 310 -6.68 -18.63 -13.13
CA THR B 310 -7.65 -17.55 -13.29
C THR B 310 -7.23 -16.31 -12.51
N ALA B 311 -6.23 -16.47 -11.65
CA ALA B 311 -5.83 -15.42 -10.73
C ALA B 311 -4.66 -14.61 -11.30
N TYR B 312 -3.64 -15.30 -11.78
CA TYR B 312 -2.34 -14.70 -11.99
C TYR B 312 -2.23 -14.08 -13.38
N TYR B 313 -3.03 -14.61 -14.32
CA TYR B 313 -2.83 -14.34 -15.74
C TYR B 313 -4.03 -13.64 -16.35
N MET B 314 -3.79 -12.62 -17.16
CA MET B 314 -4.83 -11.99 -17.95
C MET B 314 -5.35 -12.94 -19.03
N LEU B 315 -6.58 -13.42 -18.84
CA LEU B 315 -7.19 -14.33 -19.80
C LEU B 315 -8.15 -13.59 -20.73
N GLN B 316 -8.07 -13.90 -22.02
CA GLN B 316 -9.12 -13.51 -22.96
C GLN B 316 -10.50 -13.64 -22.35
N PRO B 317 -11.21 -12.51 -22.25
CA PRO B 317 -12.46 -12.46 -21.48
C PRO B 317 -13.57 -13.26 -22.14
N ASP B 318 -13.43 -13.52 -23.43
CA ASP B 318 -14.44 -14.26 -24.18
C ASP B 318 -14.16 -15.76 -24.18
N ASN B 319 -12.91 -16.11 -23.87
CA ASN B 319 -12.48 -17.50 -23.94
C ASN B 319 -11.94 -18.00 -22.60
N LYS B 320 -10.97 -17.28 -22.04
CA LYS B 320 -10.38 -17.65 -20.76
C LYS B 320 -9.65 -18.99 -20.85
N ARG B 321 -9.52 -19.50 -22.08
CA ARG B 321 -8.59 -20.59 -22.35
C ARG B 321 -7.38 -20.08 -23.14
N TYR B 322 -7.47 -18.85 -23.62
CA TYR B 322 -6.33 -18.19 -24.26
C TYR B 322 -5.83 -17.02 -23.41
N TYR B 323 -4.55 -16.71 -23.55
CA TYR B 323 -3.93 -15.67 -22.72
C TYR B 323 -3.77 -14.37 -23.50
N LEU B 324 -4.32 -13.29 -22.95
CA LEU B 324 -4.00 -11.95 -23.42
C LEU B 324 -2.50 -11.68 -23.33
N ASP B 325 -1.92 -11.28 -24.46
CA ASP B 325 -0.47 -11.12 -24.55
C ASP B 325 -0.11 -9.68 -24.93
N PHE B 326 0.25 -8.89 -23.93
CA PHE B 326 0.64 -7.50 -24.14
C PHE B 326 2.15 -7.34 -24.09
N THR B 327 2.85 -8.42 -23.77
CA THR B 327 4.30 -8.38 -23.60
C THR B 327 5.02 -8.96 -24.81
N GLY B 328 4.39 -9.95 -25.45
CA GLY B 328 5.00 -10.62 -26.57
C GLY B 328 5.68 -11.91 -26.17
N THR B 329 5.48 -12.33 -24.92
CA THR B 329 6.17 -13.48 -24.37
C THR B 329 5.20 -14.59 -23.99
N GLY B 330 4.00 -14.52 -24.56
CA GLY B 330 3.03 -15.60 -24.42
C GLY B 330 1.88 -15.24 -23.51
N ASN B 331 2.20 -14.56 -22.41
CA ASN B 331 1.20 -14.26 -21.38
C ASN B 331 1.38 -12.86 -20.80
N THR B 332 0.46 -12.48 -19.91
CA THR B 332 0.56 -11.19 -19.23
C THR B 332 -0.02 -11.28 -17.82
N LEU B 333 0.81 -11.03 -16.82
CA LEU B 333 0.34 -10.87 -15.45
C LEU B 333 -0.72 -9.78 -15.35
N ASN B 334 -1.84 -10.10 -14.70
CA ASN B 334 -2.91 -9.13 -14.49
C ASN B 334 -2.84 -8.49 -13.12
N LEU B 335 -2.25 -7.30 -13.05
CA LEU B 335 -2.11 -6.57 -11.79
C LEU B 335 -3.42 -5.91 -11.39
N SER B 336 -4.53 -6.55 -11.74
CA SER B 336 -5.85 -6.10 -11.29
C SER B 336 -6.35 -6.98 -10.14
N HIS B 337 -5.70 -8.10 -9.92
CA HIS B 337 -6.07 -9.02 -8.85
C HIS B 337 -5.39 -8.63 -7.54
N PRO B 338 -6.16 -8.69 -6.45
CA PRO B 338 -5.69 -8.17 -5.16
C PRO B 338 -4.45 -8.89 -4.67
N ARG B 339 -4.36 -10.18 -4.98
CA ARG B 339 -3.25 -11.01 -4.50
C ARG B 339 -2.05 -10.91 -5.43
N VAL B 340 -2.31 -10.82 -6.73
CA VAL B 340 -1.27 -10.53 -7.71
C VAL B 340 -0.59 -9.20 -7.43
N ILE B 341 -1.41 -8.16 -7.24
CA ILE B 341 -0.88 -6.84 -6.90
C ILE B 341 -0.07 -6.87 -5.61
N GLN B 342 -0.52 -7.70 -4.66
CA GLN B 342 0.16 -7.82 -3.38
C GLN B 342 1.54 -8.48 -3.54
N MET B 343 1.62 -9.46 -4.43
CA MET B 343 2.85 -10.19 -4.65
C MET B 343 3.92 -9.30 -5.27
N VAL B 344 3.55 -8.60 -6.34
CA VAL B 344 4.46 -7.65 -6.98
C VAL B 344 4.96 -6.61 -5.98
N LEU B 345 4.06 -6.11 -5.14
CA LEU B 345 4.40 -5.09 -4.17
C LEU B 345 5.20 -5.67 -3.01
N ASP B 346 4.79 -6.84 -2.54
CA ASP B 346 5.60 -7.62 -1.61
C ASP B 346 7.01 -7.80 -2.13
N SER B 347 7.13 -8.29 -3.36
CA SER B 347 8.44 -8.51 -3.98
C SER B 347 9.28 -7.24 -3.93
N LEU B 348 8.72 -6.15 -4.43
CA LEU B 348 9.43 -4.87 -4.47
C LEU B 348 9.94 -4.48 -3.08
N ARG B 349 9.07 -4.59 -2.08
CA ARG B 349 9.44 -4.27 -0.71
C ARG B 349 10.50 -5.21 -0.18
N TYR B 350 10.49 -6.45 -0.67
CA TYR B 350 11.42 -7.47 -0.21
C TYR B 350 12.85 -7.15 -0.66
N TRP B 351 12.99 -6.78 -1.93
CA TRP B 351 14.30 -6.48 -2.49
C TRP B 351 14.85 -5.18 -1.93
N VAL B 352 13.98 -4.36 -1.37
CA VAL B 352 14.37 -3.08 -0.80
C VAL B 352 14.87 -3.24 0.64
N THR B 353 13.99 -3.73 1.51
CA THR B 353 14.29 -3.80 2.93
C THR B 353 15.12 -5.04 3.27
N GLU B 354 15.18 -5.97 2.31
CA GLU B 354 15.76 -7.28 2.58
C GLU B 354 17.04 -7.49 1.79
N MET B 355 17.04 -7.03 0.54
CA MET B 355 18.21 -7.13 -0.33
C MET B 355 18.90 -5.79 -0.49
N HIS B 356 18.32 -4.76 0.11
CA HIS B 356 18.92 -3.43 0.12
C HIS B 356 19.23 -2.96 -1.29
N VAL B 357 18.31 -3.22 -2.21
CA VAL B 357 18.30 -2.55 -3.51
C VAL B 357 17.84 -1.11 -3.38
N ASP B 358 18.29 -0.26 -4.30
CA ASP B 358 18.10 1.19 -4.17
C ASP B 358 17.03 1.68 -5.14
N GLY B 359 16.56 0.79 -6.01
CA GLY B 359 15.53 1.14 -6.97
C GLY B 359 15.44 0.15 -8.11
N PHE B 360 14.37 0.25 -8.88
CA PHE B 360 14.15 -0.67 -10.01
C PHE B 360 13.92 0.10 -11.31
N ARG B 361 14.40 -0.48 -12.41
CA ARG B 361 13.95 -0.08 -13.73
C ARG B 361 13.02 -1.12 -14.34
N PHE B 362 11.74 -0.78 -14.45
CA PHE B 362 10.73 -1.74 -14.88
C PHE B 362 10.80 -1.98 -16.38
N ASP B 363 10.86 -3.25 -16.77
CA ASP B 363 10.88 -3.62 -18.18
C ASP B 363 9.46 -3.76 -18.73
N LEU B 364 9.17 -2.99 -19.79
CA LEU B 364 7.82 -2.95 -20.35
C LEU B 364 6.82 -2.43 -19.33
N ALA B 365 7.15 -1.32 -18.69
CA ALA B 365 6.41 -0.86 -17.52
C ALA B 365 4.93 -0.65 -17.86
N ALA B 366 4.66 -0.36 -19.12
CA ALA B 366 3.29 -0.08 -19.56
C ALA B 366 2.38 -1.27 -19.30
N ALA B 367 2.86 -2.47 -19.59
CA ALA B 367 2.08 -3.68 -19.43
C ALA B 367 1.63 -3.86 -17.98
N LEU B 368 2.24 -3.11 -17.08
CA LEU B 368 1.86 -3.13 -15.67
C LEU B 368 0.65 -2.25 -15.41
N ALA B 369 0.32 -1.40 -16.37
CA ALA B 369 -0.80 -0.47 -16.23
C ALA B 369 -2.04 -0.98 -16.94
N ARG B 370 -1.87 -2.06 -17.71
CA ARG B 370 -3.00 -2.68 -18.41
C ARG B 370 -3.97 -3.32 -17.42
N GLU B 371 -5.22 -2.88 -17.45
CA GLU B 371 -6.18 -3.21 -16.40
C GLU B 371 -7.61 -3.04 -16.89
N LEU B 372 -8.27 -4.17 -17.17
CA LEU B 372 -8.95 -4.36 -18.45
C LEU B 372 -7.97 -4.35 -19.60
N TYR B 373 -8.36 -3.74 -20.71
CA TYR B 373 -7.72 -3.97 -22.00
C TYR B 373 -6.66 -2.91 -22.28
N SER B 374 -6.70 -1.83 -21.51
CA SER B 374 -6.03 -0.59 -21.92
C SER B 374 -5.05 -0.12 -20.84
N VAL B 375 -4.28 0.90 -21.15
CA VAL B 375 -3.38 1.52 -20.19
C VAL B 375 -4.09 2.61 -19.39
N ASN B 376 -4.62 2.24 -18.23
CA ASN B 376 -4.94 3.20 -17.19
C ASN B 376 -3.75 3.47 -16.26
N MET B 377 -3.15 4.64 -16.41
CA MET B 377 -2.03 5.04 -15.56
C MET B 377 -2.50 5.39 -14.15
N LEU B 378 -3.78 5.17 -13.89
CA LEU B 378 -4.36 5.45 -12.57
C LEU B 378 -4.79 4.17 -11.88
N ASN B 379 -4.11 3.07 -12.20
CA ASN B 379 -4.53 1.74 -11.76
C ASN B 379 -4.29 1.52 -10.27
N THR B 380 -4.79 0.41 -9.75
CA THR B 380 -4.67 0.11 -8.33
C THR B 380 -3.22 -0.12 -7.93
N PHE B 381 -2.48 -0.82 -8.77
CA PHE B 381 -1.09 -1.18 -8.47
C PHE B 381 -0.23 0.07 -8.30
N PHE B 382 -0.26 0.94 -9.29
CA PHE B 382 0.55 2.17 -9.26
C PHE B 382 0.18 3.03 -8.05
N ILE B 383 -1.10 3.05 -7.71
CA ILE B 383 -1.59 3.89 -6.63
C ILE B 383 -1.10 3.39 -5.28
N ALA B 384 -1.31 2.10 -5.02
CA ALA B 384 -0.75 1.47 -3.83
C ALA B 384 0.75 1.68 -3.75
N LEU B 385 1.42 1.59 -4.90
CA LEU B 385 2.87 1.73 -4.96
C LEU B 385 3.29 3.16 -4.58
N GLN B 386 2.50 4.13 -5.02
CA GLN B 386 2.79 5.53 -4.72
C GLN B 386 2.69 5.80 -3.22
N GLN B 387 1.70 5.21 -2.58
CA GLN B 387 1.35 5.57 -1.21
C GLN B 387 2.16 4.76 -0.20
N ASP B 388 2.94 3.81 -0.71
CA ASP B 388 3.70 2.90 0.13
C ASP B 388 4.83 3.64 0.86
N PRO B 389 4.91 3.46 2.17
CA PRO B 389 5.94 4.12 2.98
C PRO B 389 7.34 3.76 2.50
N ILE B 390 7.58 2.48 2.24
CA ILE B 390 8.91 2.01 1.90
C ILE B 390 9.28 2.40 0.47
N LEU B 391 8.49 1.93 -0.50
CA LEU B 391 8.79 2.16 -1.90
C LEU B 391 8.69 3.64 -2.26
N SER B 392 8.28 4.45 -1.30
CA SER B 392 8.08 5.88 -1.52
C SER B 392 9.42 6.60 -1.69
N GLN B 393 10.49 5.96 -1.25
CA GLN B 393 11.78 6.62 -1.13
C GLN B 393 12.77 6.12 -2.18
N VAL B 394 12.41 5.02 -2.83
CA VAL B 394 13.31 4.38 -3.79
C VAL B 394 13.12 4.97 -5.19
N LYS B 395 14.03 4.62 -6.10
CA LYS B 395 13.93 5.08 -7.48
C LYS B 395 13.06 4.13 -8.30
N LEU B 396 12.25 4.72 -9.19
CA LEU B 396 11.40 3.93 -10.09
C LEU B 396 11.57 4.39 -11.53
N ILE B 397 12.38 3.65 -12.29
CA ILE B 397 12.55 3.91 -13.71
C ILE B 397 11.74 2.91 -14.54
N ALA B 398 11.41 3.30 -15.77
CA ALA B 398 10.41 2.61 -16.56
C ALA B 398 10.81 2.53 -18.03
N GLU B 399 10.68 1.35 -18.61
CA GLU B 399 10.34 1.23 -20.03
C GLU B 399 8.91 1.67 -20.30
N PRO B 400 8.75 2.88 -20.79
CA PRO B 400 7.43 3.54 -20.83
C PRO B 400 6.62 3.06 -22.03
N TRP B 401 6.45 1.75 -22.17
CA TRP B 401 5.68 1.19 -23.27
C TRP B 401 5.69 -0.34 -23.21
N ASP B 402 4.84 -0.95 -24.03
CA ASP B 402 4.94 -2.38 -24.30
C ASP B 402 4.62 -2.70 -25.76
N VAL B 403 4.67 -3.97 -26.12
CA VAL B 403 4.39 -4.40 -27.48
C VAL B 403 2.90 -4.36 -27.78
N GLY B 404 2.11 -3.90 -26.80
CA GLY B 404 0.67 -3.97 -26.89
C GLY B 404 0.08 -2.93 -27.83
N GLN B 405 -1.23 -2.93 -27.96
CA GLN B 405 -1.93 -1.92 -28.74
C GLN B 405 -2.10 -0.63 -27.95
N GLY B 406 -1.59 0.47 -28.50
CA GLY B 406 -1.64 1.75 -27.82
C GLY B 406 -0.79 1.78 -26.57
N GLY B 407 0.27 0.97 -26.57
CA GLY B 407 1.07 0.78 -25.37
C GLY B 407 2.08 1.89 -25.17
N TYR B 408 2.48 2.52 -26.27
CA TYR B 408 3.43 3.63 -26.20
C TYR B 408 2.97 4.70 -25.20
N GLN B 409 3.66 4.75 -24.06
CA GLN B 409 3.18 5.55 -22.94
C GLN B 409 4.25 6.52 -22.45
N VAL B 410 5.14 6.91 -23.37
CA VAL B 410 6.21 7.85 -23.04
C VAL B 410 5.65 9.11 -22.38
N GLY B 411 6.08 9.36 -21.15
CA GLY B 411 5.84 10.64 -20.50
C GLY B 411 4.58 10.62 -19.64
N ASN B 412 3.82 9.53 -19.74
CA ASN B 412 2.54 9.44 -19.06
C ASN B 412 2.66 8.85 -17.66
N PHE B 413 3.88 8.50 -17.28
CA PHE B 413 4.13 7.73 -16.06
C PHE B 413 3.97 8.62 -14.83
N PRO B 414 3.49 8.02 -13.74
CA PRO B 414 3.39 8.73 -12.46
C PRO B 414 4.70 9.42 -12.08
N TYR B 415 4.65 10.26 -11.06
CA TYR B 415 5.82 11.05 -10.67
C TYR B 415 6.68 10.30 -9.66
N GLN B 416 7.88 10.81 -9.42
CA GLN B 416 8.97 9.98 -8.89
C GLN B 416 9.43 8.95 -9.91
N TRP B 417 8.50 8.50 -10.75
CA TRP B 417 8.84 7.71 -11.91
C TRP B 417 9.77 8.49 -12.86
N ALA B 418 10.88 7.86 -13.24
CA ALA B 418 11.65 8.32 -14.38
C ALA B 418 11.42 7.44 -15.61
N GLU B 419 11.82 7.93 -16.77
CA GLU B 419 11.59 7.22 -18.02
C GLU B 419 12.86 7.13 -18.84
N TRP B 420 13.21 5.91 -19.26
CA TRP B 420 13.98 5.71 -20.49
C TRP B 420 13.44 6.56 -21.62
N ASN B 421 14.24 7.54 -22.05
CA ASN B 421 13.86 8.40 -23.17
C ASN B 421 14.21 7.79 -24.52
N GLY B 422 13.26 7.08 -25.11
CA GLY B 422 13.48 6.45 -26.40
C GLY B 422 13.65 7.45 -27.53
N LYS B 423 13.03 8.61 -27.37
CA LYS B 423 13.10 9.66 -28.39
C LYS B 423 14.48 10.27 -28.46
N TYR B 424 15.08 10.55 -27.31
CA TYR B 424 16.48 10.90 -27.23
C TYR B 424 17.35 9.89 -27.95
N ARG B 425 17.32 8.65 -27.48
CA ARG B 425 18.07 7.57 -28.11
C ARG B 425 18.06 7.71 -29.63
N ASP B 426 16.87 7.85 -30.20
CA ASP B 426 16.70 7.86 -31.65
C ASP B 426 17.18 9.18 -32.24
N SER B 427 16.64 10.29 -31.74
CA SER B 427 16.97 11.60 -32.26
C SER B 427 18.48 11.79 -32.36
N ILE B 428 19.19 11.47 -31.28
CA ILE B 428 20.62 11.68 -31.22
C ILE B 428 21.35 10.75 -32.20
N ARG B 429 20.91 9.50 -32.27
CA ARG B 429 21.42 8.57 -33.26
C ARG B 429 21.34 9.15 -34.66
N ARG B 430 20.17 9.68 -35.01
CA ARG B 430 19.91 10.14 -36.36
C ARG B 430 20.67 11.44 -36.66
N PHE B 431 20.80 12.28 -35.65
CA PHE B 431 21.55 13.52 -35.78
C PHE B 431 22.96 13.27 -36.29
N TRP B 432 23.69 12.42 -35.57
CA TRP B 432 25.09 12.17 -35.89
C TRP B 432 25.24 11.21 -37.07
N ARG B 433 24.14 10.55 -37.42
CA ARG B 433 24.14 9.63 -38.56
C ARG B 433 24.08 10.39 -39.88
N GLY B 434 23.62 11.63 -39.82
CA GLY B 434 23.51 12.46 -41.01
C GLY B 434 22.20 13.21 -41.07
N GLU B 435 21.09 12.47 -40.98
CA GLU B 435 19.76 13.06 -41.07
C GLU B 435 19.73 14.43 -40.41
N ALA B 436 18.96 15.34 -41.00
CA ALA B 436 18.82 16.69 -40.46
C ALA B 436 17.45 16.90 -39.83
N LEU B 437 17.43 17.09 -38.51
CA LEU B 437 16.19 17.30 -37.79
C LEU B 437 15.94 18.78 -37.53
N PRO B 438 14.69 19.11 -37.21
CA PRO B 438 14.34 20.46 -36.75
C PRO B 438 15.22 20.89 -35.58
N TYR B 439 15.82 22.08 -35.68
CA TYR B 439 16.62 22.64 -34.61
C TYR B 439 15.91 22.51 -33.26
N SER B 440 14.58 22.44 -33.31
CA SER B 440 13.78 22.28 -32.10
C SER B 440 13.93 20.88 -31.53
N GLU B 441 13.95 19.87 -32.40
CA GLU B 441 14.04 18.48 -31.99
C GLU B 441 15.28 18.26 -31.11
N ILE B 442 16.46 18.35 -31.72
CA ILE B 442 17.71 18.14 -31.01
C ILE B 442 17.82 19.06 -29.80
N ALA B 443 17.39 20.31 -29.98
CA ALA B 443 17.44 21.29 -28.90
C ALA B 443 16.73 20.78 -27.66
N ASN B 444 15.55 20.20 -27.85
CA ASN B 444 14.75 19.69 -26.75
C ASN B 444 15.41 18.50 -26.05
N ARG B 445 15.93 17.58 -26.84
CA ARG B 445 16.67 16.44 -26.30
C ARG B 445 17.78 16.90 -25.36
N LEU B 446 18.34 18.08 -25.64
CA LEU B 446 19.53 18.54 -24.95
C LEU B 446 19.18 19.28 -23.66
N LEU B 447 18.01 19.91 -23.66
CA LEU B 447 17.50 20.58 -22.46
C LEU B 447 16.68 19.63 -21.61
N GLY B 448 16.94 18.34 -21.75
CA GLY B 448 16.27 17.34 -20.94
C GLY B 448 14.88 16.99 -21.46
N SER B 449 14.59 17.44 -22.68
CA SER B 449 13.35 17.07 -23.35
C SER B 449 12.13 17.55 -22.57
N PRO B 450 12.07 18.85 -22.32
CA PRO B 450 10.93 19.45 -21.60
C PRO B 450 9.62 19.26 -22.37
N ASP B 451 9.70 19.24 -23.70
CA ASP B 451 8.53 19.11 -24.54
C ASP B 451 7.81 17.78 -24.28
N ILE B 452 8.39 16.96 -23.41
CA ILE B 452 7.78 15.69 -23.04
C ILE B 452 7.40 15.67 -21.56
N TYR B 453 8.41 15.67 -20.70
CA TYR B 453 8.22 15.37 -19.28
C TYR B 453 7.78 16.61 -18.51
N LEU B 454 7.88 17.77 -19.16
CA LEU B 454 7.52 19.04 -18.53
C LEU B 454 6.00 19.18 -18.41
N GLY B 455 5.29 18.60 -19.35
CA GLY B 455 3.84 18.68 -19.37
C GLY B 455 3.20 17.98 -18.19
N ASN B 456 3.88 16.96 -17.67
CA ASN B 456 3.35 16.17 -16.57
C ASN B 456 3.92 16.61 -15.23
N ASN B 457 4.66 17.72 -15.23
CA ASN B 457 5.15 18.31 -14.00
C ASN B 457 6.51 17.74 -13.59
N LYS B 458 7.05 16.86 -14.44
CA LYS B 458 8.27 16.14 -14.10
C LYS B 458 9.50 17.02 -14.25
N THR B 459 10.63 16.54 -13.74
CA THR B 459 11.88 17.30 -13.80
C THR B 459 12.76 16.82 -14.94
N PRO B 460 13.85 17.53 -15.18
CA PRO B 460 14.76 17.20 -16.29
C PRO B 460 15.50 15.89 -16.04
N PHE B 461 15.60 15.49 -14.77
CA PHE B 461 16.35 14.30 -14.40
C PHE B 461 15.46 13.07 -14.36
N ALA B 462 14.16 13.29 -14.49
CA ALA B 462 13.21 12.20 -14.72
C ALA B 462 13.38 11.62 -16.12
N SER B 463 14.02 12.39 -17.00
CA SER B 463 14.37 11.89 -18.32
C SER B 463 15.72 11.18 -18.31
N ILE B 464 15.71 9.89 -18.63
CA ILE B 464 16.92 9.08 -18.61
C ILE B 464 17.52 8.95 -20.00
N ASN B 465 18.55 9.75 -20.28
CA ASN B 465 19.13 9.82 -21.61
C ASN B 465 20.13 8.69 -21.87
N TYR B 466 20.05 8.09 -23.05
CA TYR B 466 20.99 7.04 -23.45
C TYR B 466 21.06 6.92 -24.96
N VAL B 467 22.28 6.69 -25.47
CA VAL B 467 22.47 6.42 -26.89
C VAL B 467 22.49 4.93 -27.17
N THR B 468 22.63 4.13 -26.12
CA THR B 468 22.77 2.69 -26.26
C THR B 468 22.19 1.96 -25.05
N SER B 469 21.61 0.79 -25.29
CA SER B 469 21.27 -0.15 -24.22
C SER B 469 21.37 -1.59 -24.69
N HIS B 470 20.94 -2.51 -23.85
CA HIS B 470 21.07 -3.94 -24.13
C HIS B 470 20.20 -4.36 -25.30
N ASP B 471 19.10 -3.62 -25.49
CA ASP B 471 18.31 -3.74 -26.71
C ASP B 471 19.03 -3.08 -27.89
N GLY B 472 19.41 -3.88 -28.88
CA GLY B 472 19.99 -3.36 -30.10
C GLY B 472 21.52 -3.36 -30.05
N PHE B 473 22.13 -2.47 -30.84
CA PHE B 473 23.58 -2.40 -30.92
C PHE B 473 24.19 -1.96 -29.60
N THR B 474 25.46 -2.28 -29.40
CA THR B 474 26.31 -1.50 -28.50
C THR B 474 26.85 -0.25 -29.19
N LEU B 475 27.63 0.53 -28.45
CA LEU B 475 28.18 1.77 -28.98
C LEU B 475 29.21 1.50 -30.08
N GLU B 476 30.05 0.49 -29.85
CA GLU B 476 31.03 0.08 -30.85
C GLU B 476 30.36 -0.40 -32.13
N ASP B 477 29.27 -1.14 -31.97
CA ASP B 477 28.55 -1.69 -33.12
C ASP B 477 27.62 -0.63 -33.73
N LEU B 478 27.29 0.39 -32.95
CA LEU B 478 26.41 1.45 -33.41
C LEU B 478 27.06 2.26 -34.53
N VAL B 479 28.39 2.27 -34.55
CA VAL B 479 29.13 3.04 -35.55
C VAL B 479 29.92 2.12 -36.47
N SER B 480 29.35 0.97 -36.79
CA SER B 480 30.12 -0.17 -37.26
C SER B 480 29.26 -1.14 -38.05
N TYR B 481 27.94 -0.95 -37.99
CA TYR B 481 27.00 -1.74 -38.78
C TYR B 481 25.81 -0.90 -39.21
N ASN B 482 25.37 -1.11 -40.45
CA ASN B 482 24.10 -0.58 -40.91
C ASN B 482 22.96 -1.58 -40.77
N GLN B 483 23.29 -2.86 -40.95
CA GLN B 483 22.32 -3.93 -40.76
C GLN B 483 22.65 -4.77 -39.53
N LYS B 484 21.70 -5.59 -39.10
CA LYS B 484 21.93 -6.49 -37.97
C LYS B 484 22.42 -7.85 -38.46
N HIS B 485 23.18 -8.53 -37.60
CA HIS B 485 23.65 -9.88 -37.90
C HIS B 485 23.30 -10.85 -36.78
N ASN B 486 22.01 -11.16 -36.65
CA ASN B 486 21.54 -12.02 -35.58
C ASN B 486 21.52 -13.50 -35.97
N GLU B 487 22.07 -13.79 -37.15
CA GLU B 487 22.17 -15.16 -37.62
C GLU B 487 22.39 -16.13 -36.46
N ALA B 488 23.23 -15.73 -35.52
CA ALA B 488 23.75 -16.66 -34.51
C ALA B 488 22.64 -17.12 -33.56
N ASN B 489 21.51 -16.41 -33.61
CA ASN B 489 20.36 -16.75 -32.77
C ASN B 489 19.53 -17.88 -33.36
N GLY B 490 19.74 -18.17 -34.64
CA GLY B 490 19.07 -19.26 -35.30
C GLY B 490 17.60 -18.97 -35.56
N PHE B 491 17.32 -17.75 -36.01
CA PHE B 491 15.94 -17.35 -36.30
C PHE B 491 15.82 -16.74 -37.69
N ASN B 492 16.63 -17.25 -38.62
CA ASN B 492 16.71 -16.68 -39.95
C ASN B 492 16.81 -15.15 -39.93
N ASN B 493 17.39 -14.63 -38.85
CA ASN B 493 17.62 -13.19 -38.73
C ASN B 493 16.31 -12.40 -38.79
N GLN B 494 15.24 -12.99 -38.28
CA GLN B 494 13.93 -12.33 -38.24
C GLN B 494 13.73 -11.59 -36.93
N ASP B 495 14.62 -11.85 -35.96
CA ASP B 495 14.54 -11.20 -34.66
C ASP B 495 15.35 -9.91 -34.65
N GLY B 496 15.08 -9.06 -33.66
CA GLY B 496 15.82 -7.81 -33.49
C GLY B 496 15.28 -6.71 -34.38
N MET B 497 15.26 -5.48 -33.85
CA MET B 497 14.80 -4.33 -34.60
C MET B 497 15.57 -4.17 -35.91
N ASN B 498 14.89 -3.68 -36.94
CA ASN B 498 15.50 -3.52 -38.26
C ASN B 498 16.08 -2.12 -38.45
N GLU B 499 15.35 -1.11 -37.99
CA GLU B 499 15.86 0.26 -37.99
C GLU B 499 16.69 0.53 -36.74
N ASN B 500 18.00 0.64 -36.93
CA ASN B 500 18.91 0.90 -35.82
C ASN B 500 19.48 2.31 -35.85
N TYR B 501 19.14 3.06 -36.88
CA TYR B 501 19.64 4.42 -37.05
C TYR B 501 21.16 4.46 -36.91
N SER B 502 21.82 3.38 -37.31
CA SER B 502 23.27 3.26 -37.16
C SER B 502 23.99 3.63 -38.45
N TRP B 503 25.29 3.83 -38.37
CA TRP B 503 26.10 4.18 -39.53
C TRP B 503 27.48 3.54 -39.45
N ASN B 504 27.73 2.58 -40.32
CA ASN B 504 28.81 1.62 -40.12
C ASN B 504 30.18 2.30 -40.07
N CYS B 505 30.17 3.62 -40.17
CA CYS B 505 31.25 4.35 -40.84
C CYS B 505 31.93 3.47 -41.89
N GLY B 506 31.20 3.18 -42.97
CA GLY B 506 31.79 3.07 -44.29
C GLY B 506 32.23 1.66 -44.60
N ALA B 507 32.33 0.82 -43.58
CA ALA B 507 32.33 -0.63 -43.76
C ALA B 507 31.05 -1.26 -43.22
N GLU B 508 30.92 -2.57 -43.42
CA GLU B 508 30.12 -3.40 -42.53
C GLU B 508 31.01 -4.33 -41.70
N GLY B 509 31.26 -3.95 -40.45
CA GLY B 509 32.01 -4.78 -39.54
C GLY B 509 33.41 -4.23 -39.28
N PRO B 510 34.32 -5.11 -38.87
CA PRO B 510 35.69 -4.71 -38.56
C PRO B 510 36.53 -4.54 -39.82
N THR B 511 37.42 -3.56 -39.82
CA THR B 511 38.06 -3.09 -41.05
C THR B 511 39.57 -2.97 -40.87
N ASN B 512 40.23 -2.39 -41.86
CA ASN B 512 41.61 -1.94 -41.72
C ASN B 512 41.80 -0.50 -42.18
N ASP B 513 41.06 -0.11 -43.20
CA ASP B 513 41.03 1.28 -43.64
C ASP B 513 40.99 2.23 -42.46
N GLN B 514 42.11 2.90 -42.21
CA GLN B 514 42.23 3.81 -41.07
C GLN B 514 41.20 4.93 -41.14
N ASN B 515 40.99 5.46 -42.34
CA ASN B 515 39.94 6.43 -42.58
C ASN B 515 38.65 6.02 -41.88
N VAL B 516 38.54 4.73 -41.57
CA VAL B 516 37.27 4.14 -41.18
C VAL B 516 37.26 3.75 -39.70
N VAL B 517 38.33 3.09 -39.27
CA VAL B 517 38.78 3.19 -37.89
C VAL B 517 38.46 4.56 -37.31
N ILE B 518 39.04 5.60 -37.89
CA ILE B 518 39.11 6.91 -37.25
C ILE B 518 37.74 7.58 -37.21
N CYS B 519 37.03 7.51 -38.33
CA CYS B 519 35.61 7.89 -38.37
C CYS B 519 34.85 7.27 -37.20
N ARG B 520 35.15 6.00 -36.91
CA ARG B 520 34.52 5.31 -35.79
C ARG B 520 34.79 6.04 -34.48
N GLU B 521 36.06 6.26 -34.17
CA GLU B 521 36.45 6.79 -32.87
C GLU B 521 36.00 8.24 -32.71
N LYS B 522 35.87 8.94 -33.83
CA LYS B 522 35.25 10.26 -33.84
C LYS B 522 33.78 10.19 -33.43
N GLN B 523 33.07 9.21 -33.98
CA GLN B 523 31.64 9.07 -33.72
C GLN B 523 31.39 8.62 -32.29
N LYS B 524 32.19 7.67 -31.82
CA LYS B 524 32.08 7.17 -30.45
C LYS B 524 32.16 8.32 -29.45
N ARG B 525 33.03 9.29 -29.73
CA ARG B 525 33.23 10.41 -28.82
C ARG B 525 32.19 11.49 -29.03
N ASN B 526 31.70 11.60 -30.26
CA ASN B 526 30.56 12.46 -30.55
C ASN B 526 29.32 12.08 -29.76
N PHE B 527 28.96 10.80 -29.82
CA PHE B 527 27.86 10.27 -29.01
C PHE B 527 28.14 10.47 -27.53
N MET B 528 29.39 10.22 -27.11
CA MET B 528 29.75 10.24 -25.71
C MET B 528 29.57 11.64 -25.12
N ILE B 529 30.08 12.64 -25.82
CA ILE B 529 29.96 14.03 -25.36
C ILE B 529 28.51 14.46 -25.24
N THR B 530 27.76 14.30 -26.33
CA THR B 530 26.37 14.69 -26.36
C THR B 530 25.61 14.17 -25.14
N LEU B 531 25.75 12.86 -24.89
CA LEU B 531 25.11 12.24 -23.74
C LEU B 531 25.49 12.96 -22.45
N LEU B 532 26.78 13.01 -22.16
CA LEU B 532 27.25 13.54 -20.88
C LEU B 532 27.24 15.06 -20.87
N VAL B 533 26.51 15.65 -21.81
CA VAL B 533 26.43 17.10 -21.92
C VAL B 533 24.98 17.56 -22.09
N SER B 534 24.06 16.61 -22.02
CA SER B 534 22.64 16.93 -22.06
C SER B 534 22.04 16.99 -20.66
N GLN B 535 21.01 17.81 -20.49
CA GLN B 535 20.19 17.78 -19.29
C GLN B 535 19.50 16.44 -19.12
N GLY B 536 19.43 15.97 -17.88
CA GLY B 536 18.80 14.69 -17.58
C GLY B 536 19.77 13.70 -16.98
N THR B 537 19.31 12.48 -16.76
CA THR B 537 20.15 11.41 -16.25
C THR B 537 20.72 10.56 -17.38
N PRO B 538 22.04 10.54 -17.49
CA PRO B 538 22.72 9.73 -18.52
C PRO B 538 22.88 8.27 -18.07
N MET B 539 22.60 7.35 -18.98
CA MET B 539 22.86 5.93 -18.73
C MET B 539 23.91 5.39 -19.69
N ILE B 540 25.05 4.98 -19.15
CA ILE B 540 26.06 4.26 -19.93
C ILE B 540 25.72 2.78 -20.03
N LEU B 541 25.84 2.24 -21.25
CA LEU B 541 25.71 0.80 -21.46
C LEU B 541 27.01 0.07 -21.15
N GLY B 542 27.02 -0.66 -20.04
CA GLY B 542 28.21 -1.42 -19.66
C GLY B 542 29.00 -1.91 -20.85
N GLY B 543 30.32 -1.80 -20.76
CA GLY B 543 31.21 -2.38 -21.75
C GLY B 543 31.45 -1.44 -22.92
N ASP B 544 30.72 -0.33 -22.95
CA ASP B 544 30.84 0.64 -24.02
C ASP B 544 32.16 1.40 -23.94
N GLU B 545 32.55 1.77 -22.71
CA GLU B 545 33.88 2.30 -22.45
C GLU B 545 34.95 1.28 -22.82
N LEU B 546 34.61 0.00 -22.74
CA LEU B 546 35.51 -1.06 -23.16
C LEU B 546 35.45 -1.29 -24.66
N SER B 547 34.68 -0.45 -25.35
CA SER B 547 34.48 -0.60 -26.78
C SER B 547 34.00 -2.00 -27.13
N ARG B 548 33.02 -2.49 -26.38
CA ARG B 548 32.55 -3.87 -26.54
C ARG B 548 31.81 -4.04 -27.86
N THR B 549 31.93 -5.24 -28.44
CA THR B 549 31.25 -5.55 -29.69
C THR B 549 30.54 -6.90 -29.62
N GLN B 550 29.28 -6.92 -30.05
CA GLN B 550 28.54 -8.17 -30.18
C GLN B 550 28.63 -8.71 -31.60
N ARG B 551 29.58 -8.19 -32.37
CA ARG B 551 29.76 -8.61 -33.75
C ARG B 551 28.55 -8.22 -34.61
N GLY B 552 27.90 -7.13 -34.23
CA GLY B 552 26.83 -6.58 -35.03
C GLY B 552 25.50 -7.25 -34.77
N ASN B 553 25.51 -8.26 -33.89
CA ASN B 553 24.29 -8.77 -33.28
C ASN B 553 23.63 -7.72 -32.40
N ASN B 554 22.41 -7.32 -32.77
CA ASN B 554 21.69 -6.27 -32.07
C ASN B 554 20.58 -6.83 -31.19
N ASN B 555 20.73 -8.08 -30.78
CA ASN B 555 19.70 -8.75 -29.99
C ASN B 555 20.22 -10.01 -29.31
N ALA B 556 21.42 -9.90 -28.72
CA ALA B 556 22.12 -11.06 -28.21
C ALA B 556 21.51 -11.57 -26.91
N PHE B 557 20.18 -11.75 -26.94
CA PHE B 557 19.44 -12.06 -25.72
C PHE B 557 19.70 -13.50 -25.26
N CYS B 558 20.16 -14.33 -26.19
CA CYS B 558 20.31 -15.76 -25.93
C CYS B 558 21.76 -16.20 -26.11
N GLN B 559 22.64 -15.24 -26.38
CA GLN B 559 24.04 -15.53 -26.64
C GLN B 559 24.87 -15.46 -25.36
N ASP B 560 24.96 -16.60 -24.66
CA ASP B 560 25.67 -16.66 -23.40
C ASP B 560 27.12 -17.10 -23.60
N ASN B 561 27.90 -16.25 -24.26
CA ASN B 561 29.20 -16.66 -24.78
C ASN B 561 30.10 -15.46 -25.08
N GLU B 562 31.06 -15.66 -25.97
CA GLU B 562 32.12 -14.69 -26.19
C GLU B 562 31.59 -13.41 -26.82
N ILE B 563 30.45 -13.53 -27.51
CA ILE B 563 29.82 -12.39 -28.14
C ILE B 563 29.44 -11.32 -27.11
N THR B 564 29.13 -11.77 -25.90
CA THR B 564 28.53 -10.90 -24.90
C THR B 564 29.44 -10.75 -23.68
N TRP B 565 30.25 -11.78 -23.43
CA TRP B 565 31.45 -11.62 -22.62
C TRP B 565 32.03 -10.21 -22.76
N PHE B 566 32.23 -9.55 -21.62
CA PHE B 566 33.12 -8.39 -21.56
C PHE B 566 34.54 -8.78 -21.92
N ASP B 567 35.03 -8.25 -23.03
CA ASP B 567 36.43 -8.41 -23.42
C ASP B 567 37.32 -7.38 -22.72
N TRP B 568 38.11 -7.83 -21.75
CA TRP B 568 38.85 -6.93 -20.89
C TRP B 568 40.22 -6.61 -21.46
N ASN B 569 40.64 -7.38 -22.46
CA ASN B 569 41.93 -7.19 -23.11
C ASN B 569 41.92 -5.97 -24.03
N LEU B 570 42.47 -4.86 -23.54
CA LEU B 570 42.40 -3.59 -24.27
C LEU B 570 43.76 -3.22 -24.86
N ASP B 571 43.76 -2.84 -26.13
CA ASP B 571 44.92 -2.19 -26.73
C ASP B 571 44.88 -0.68 -26.54
N GLU B 572 45.48 0.05 -27.46
CA GLU B 572 45.62 1.50 -27.33
C GLU B 572 44.32 2.21 -27.70
N ARG B 573 43.81 1.92 -28.89
CA ARG B 573 42.50 2.42 -29.31
C ARG B 573 41.47 2.26 -28.19
N LYS B 574 41.52 1.12 -27.51
CA LYS B 574 40.63 0.86 -26.39
C LYS B 574 40.91 1.81 -25.22
N SER B 575 42.14 1.75 -24.72
CA SER B 575 42.49 2.49 -23.50
C SER B 575 42.30 3.99 -23.70
N LYS B 576 42.50 4.46 -24.94
CA LYS B 576 42.33 5.87 -25.26
C LYS B 576 40.88 6.31 -25.10
N PHE B 577 39.96 5.45 -25.54
CA PHE B 577 38.54 5.72 -25.39
C PHE B 577 38.10 5.61 -23.94
N LEU B 578 38.41 4.47 -23.32
CA LEU B 578 38.26 4.32 -21.88
C LEU B 578 38.66 5.59 -21.15
N GLU B 579 39.90 6.01 -21.33
CA GLU B 579 40.39 7.26 -20.76
C GLU B 579 39.43 8.41 -21.06
N PHE B 580 39.01 8.51 -22.32
CA PHE B 580 38.19 9.63 -22.76
C PHE B 580 36.84 9.64 -22.06
N VAL B 581 36.20 8.48 -21.98
CA VAL B 581 34.94 8.34 -21.27
C VAL B 581 35.09 8.75 -19.81
N LYS B 582 36.13 8.26 -19.16
CA LYS B 582 36.48 8.69 -17.81
C LYS B 582 36.50 10.21 -17.71
N LYS B 583 37.39 10.84 -18.48
CA LYS B 583 37.57 12.29 -18.44
C LYS B 583 36.23 13.00 -18.65
N MET B 584 35.32 12.35 -19.38
CA MET B 584 34.07 12.99 -19.79
C MET B 584 33.01 12.84 -18.73
N ILE B 585 32.93 11.66 -18.13
CA ILE B 585 32.10 11.44 -16.95
C ILE B 585 32.54 12.35 -15.81
N GLN B 586 33.85 12.50 -15.63
CA GLN B 586 34.39 13.38 -14.61
C GLN B 586 33.97 14.82 -14.84
N PHE B 587 33.79 15.19 -16.10
CA PHE B 587 33.36 16.53 -16.46
C PHE B 587 31.90 16.75 -16.13
N TYR B 588 31.05 15.85 -16.62
CA TYR B 588 29.62 15.89 -16.29
C TYR B 588 29.41 16.19 -14.81
N ARG B 589 30.12 15.47 -13.95
CA ARG B 589 29.81 15.44 -12.53
C ARG B 589 30.47 16.61 -11.81
N ALA B 590 31.33 17.34 -12.53
CA ALA B 590 32.03 18.48 -11.96
C ALA B 590 31.17 19.74 -12.00
N HIS B 591 30.22 19.78 -12.93
CA HIS B 591 29.59 21.02 -13.33
C HIS B 591 28.06 20.94 -13.17
N PRO B 592 27.54 21.68 -12.20
CA PRO B 592 26.12 21.57 -11.83
C PRO B 592 25.20 21.97 -12.98
N ALA B 593 25.77 22.63 -13.99
CA ALA B 593 24.97 23.18 -15.08
C ALA B 593 24.30 22.08 -15.90
N PHE B 594 24.73 20.84 -15.67
CA PHE B 594 24.23 19.70 -16.43
C PHE B 594 23.45 18.75 -15.55
N ARG B 595 23.77 18.74 -14.27
CA ARG B 595 22.99 17.99 -13.27
C ARG B 595 21.89 18.85 -12.69
N ARG B 596 21.00 19.35 -13.54
CA ARG B 596 20.03 20.36 -13.14
C ARG B 596 18.77 19.71 -12.55
N GLU B 597 18.13 20.41 -11.62
CA GLU B 597 16.88 19.95 -11.05
C GLU B 597 15.69 20.63 -11.72
N ARG B 598 15.95 21.73 -12.42
CA ARG B 598 14.91 22.45 -13.13
C ARG B 598 15.33 22.76 -14.56
N TYR B 599 14.39 23.24 -15.37
CA TYR B 599 14.62 23.45 -16.79
C TYR B 599 15.15 24.85 -17.06
N PHE B 600 16.09 24.95 -17.99
CA PHE B 600 16.46 26.24 -18.58
C PHE B 600 15.24 26.94 -19.17
N GLN B 601 15.00 28.18 -18.74
CA GLN B 601 14.07 29.07 -19.43
C GLN B 601 14.80 29.92 -20.47
N GLY B 602 14.05 30.38 -21.46
CA GLY B 602 14.64 30.96 -22.65
C GLY B 602 15.08 32.39 -22.44
N LYS B 603 15.17 32.80 -21.18
CA LYS B 603 15.20 34.22 -20.83
C LYS B 603 16.27 34.50 -19.78
N LYS B 604 16.51 35.78 -19.52
CA LYS B 604 17.38 36.19 -18.43
C LYS B 604 16.78 35.84 -17.07
N LEU B 605 17.55 36.05 -16.01
CA LEU B 605 17.13 35.69 -14.67
C LEU B 605 17.91 36.46 -13.61
N PHE B 606 17.26 36.74 -12.48
CA PHE B 606 17.92 37.35 -11.34
C PHE B 606 18.48 38.72 -11.71
N GLY B 607 17.83 39.40 -12.65
CA GLY B 607 18.28 40.70 -13.11
C GLY B 607 19.72 40.68 -13.59
N MET B 608 20.06 39.65 -14.36
CA MET B 608 21.34 39.61 -15.07
C MET B 608 21.16 39.83 -16.57
N PRO B 609 22.11 40.54 -17.17
CA PRO B 609 22.11 40.73 -18.62
C PRO B 609 21.97 39.41 -19.38
N LEU B 610 22.90 38.49 -19.13
CA LEU B 610 22.94 37.24 -19.88
C LEU B 610 21.76 36.35 -19.53
N LYS B 611 21.28 35.59 -20.53
CA LYS B 611 20.17 34.66 -20.32
C LYS B 611 20.68 33.22 -20.18
N ASP B 612 20.07 32.48 -19.26
CA ASP B 612 20.67 31.26 -18.75
C ASP B 612 21.02 30.31 -19.89
N VAL B 613 20.27 30.39 -20.98
CA VAL B 613 20.44 29.48 -22.10
C VAL B 613 20.17 30.19 -23.43
N THR B 614 21.07 29.99 -24.39
CA THR B 614 20.91 30.57 -25.72
C THR B 614 21.35 29.61 -26.80
N PHE B 615 20.62 29.59 -27.91
CA PHE B 615 21.04 28.85 -29.10
C PHE B 615 21.45 29.80 -30.23
N TYR B 616 22.48 29.42 -30.97
CA TYR B 616 23.00 30.26 -32.04
C TYR B 616 22.95 29.53 -33.38
N THR B 617 23.22 30.27 -34.45
CA THR B 617 23.39 29.66 -35.77
C THR B 617 24.84 29.76 -36.23
N LEU B 618 25.13 29.18 -37.40
CA LEU B 618 26.44 29.31 -38.01
C LEU B 618 27.08 30.66 -37.68
N GLU B 619 26.29 31.72 -37.80
CA GLU B 619 26.76 33.06 -37.48
C GLU B 619 26.17 33.55 -36.16
N GLY B 620 26.67 34.69 -35.68
CA GLY B 620 26.41 35.13 -34.33
C GLY B 620 24.92 35.27 -34.05
N ARG B 621 24.17 35.70 -35.05
CA ARG B 621 22.76 36.03 -34.87
C ARG B 621 22.01 34.89 -34.18
N GLU B 622 21.36 35.19 -33.07
CA GLU B 622 20.71 34.18 -32.25
C GLU B 622 19.63 33.44 -33.05
N VAL B 623 19.35 32.21 -32.65
CA VAL B 623 18.37 31.39 -33.34
C VAL B 623 17.01 32.07 -33.38
N ASP B 624 16.68 32.67 -34.52
CA ASP B 624 15.37 33.24 -34.74
C ASP B 624 14.31 32.16 -34.92
N GLU B 625 13.17 32.54 -35.48
CA GLU B 625 11.98 31.69 -35.42
C GLU B 625 12.08 30.54 -36.43
N LYS B 626 11.89 30.86 -37.70
CA LYS B 626 11.88 29.85 -38.75
C LYS B 626 13.16 29.02 -38.71
N THR B 627 14.19 29.56 -38.07
CA THR B 627 15.44 28.83 -37.87
C THR B 627 15.33 27.81 -36.74
N TRP B 628 14.33 28.01 -35.88
CA TRP B 628 14.06 27.08 -34.79
C TRP B 628 13.25 25.88 -35.27
N SER B 629 12.63 26.03 -36.44
CA SER B 629 11.79 24.97 -37.00
C SER B 629 12.50 24.24 -38.12
N SER B 630 13.19 24.99 -38.98
CA SER B 630 13.89 24.43 -40.11
C SER B 630 14.95 23.43 -39.65
N PRO B 631 15.07 22.31 -40.37
CA PRO B 631 16.05 21.28 -40.05
C PRO B 631 17.46 21.85 -39.91
N THR B 632 18.39 21.06 -39.39
CA THR B 632 19.75 21.52 -39.15
C THR B 632 20.69 20.35 -38.90
N GLN B 633 21.91 20.47 -39.39
CA GLN B 633 22.97 19.51 -39.07
C GLN B 633 23.99 20.12 -38.11
N LEU B 634 23.66 21.30 -37.59
CA LEU B 634 24.57 22.02 -36.72
C LEU B 634 23.84 22.63 -35.53
N VAL B 635 24.27 22.26 -34.32
CA VAL B 635 23.71 22.83 -33.10
C VAL B 635 24.76 23.60 -32.31
N ILE B 636 24.38 24.78 -31.84
CA ILE B 636 25.25 25.57 -30.97
C ILE B 636 24.44 26.32 -29.92
N PHE B 637 24.90 26.26 -28.67
CA PHE B 637 24.16 26.86 -27.56
C PHE B 637 25.09 27.20 -26.40
N VAL B 638 24.72 28.21 -25.63
CA VAL B 638 25.57 28.71 -24.55
C VAL B 638 24.83 28.72 -23.23
N LEU B 639 25.29 27.89 -22.29
CA LEU B 639 24.73 27.85 -20.95
C LEU B 639 25.41 28.88 -20.04
N GLU B 640 24.61 29.71 -19.39
CA GLU B 640 25.13 30.76 -18.51
C GLU B 640 25.15 30.30 -17.06
N GLY B 641 26.24 29.64 -16.66
CA GLY B 641 26.29 28.96 -15.38
C GLY B 641 25.92 29.88 -14.23
N SER B 642 26.10 31.19 -14.43
CA SER B 642 26.03 32.15 -13.34
C SER B 642 24.65 32.78 -13.24
N VAL B 643 23.72 32.29 -14.05
CA VAL B 643 22.35 32.80 -14.05
C VAL B 643 21.34 31.67 -14.21
N MET B 644 21.57 30.57 -13.51
CA MET B 644 20.62 29.47 -13.49
C MET B 644 19.71 29.54 -12.26
N ASP B 645 18.45 29.16 -12.43
CA ASP B 645 17.55 28.94 -11.31
C ASP B 645 17.76 27.57 -10.69
N GLU B 646 18.88 27.40 -9.98
CA GLU B 646 19.21 26.13 -9.36
C GLU B 646 19.50 26.29 -7.88
N ILE B 647 18.73 25.61 -7.04
CA ILE B 647 18.87 25.74 -5.59
C ILE B 647 19.08 24.38 -4.94
N ASN B 648 20.18 24.23 -4.22
CA ASN B 648 20.42 23.04 -3.42
C ASN B 648 19.50 22.95 -2.21
N MET B 649 19.64 21.89 -1.44
CA MET B 649 18.70 21.59 -0.36
C MET B 649 18.89 22.56 0.81
N TYR B 650 19.71 23.58 0.59
CA TYR B 650 20.08 24.51 1.66
C TYR B 650 19.63 25.93 1.33
N GLY B 651 19.01 26.10 0.16
CA GLY B 651 18.51 27.38 -0.27
C GLY B 651 19.60 28.27 -0.85
N GLU B 652 20.67 27.64 -1.33
CA GLU B 652 21.72 28.36 -2.03
C GLU B 652 21.60 28.16 -3.55
N ARG B 653 21.50 29.27 -4.27
CA ARG B 653 21.68 29.26 -5.72
C ARG B 653 23.12 28.90 -6.09
N ILE B 654 23.29 28.20 -7.21
CA ILE B 654 24.40 27.27 -7.36
C ILE B 654 25.50 27.88 -8.23
N ALA B 655 25.13 28.38 -9.40
CA ALA B 655 26.10 28.86 -10.38
C ALA B 655 26.89 27.70 -10.97
N ASP B 656 27.46 27.92 -12.15
CA ASP B 656 28.56 27.10 -12.65
C ASP B 656 29.54 27.93 -13.46
N ASP B 657 30.26 27.26 -14.37
CA ASP B 657 30.91 27.95 -15.49
C ASP B 657 29.92 28.21 -16.61
N SER B 658 30.31 29.11 -17.52
CA SER B 658 29.53 29.35 -18.73
C SER B 658 30.14 28.62 -19.92
N PHE B 659 29.35 27.77 -20.56
CA PHE B 659 29.86 26.84 -21.57
C PHE B 659 29.24 27.11 -22.93
N LEU B 660 29.97 26.74 -23.98
CA LEU B 660 29.49 26.95 -25.34
C LEU B 660 29.63 25.68 -26.18
N ILE B 661 28.52 24.99 -26.41
CA ILE B 661 28.55 23.70 -27.07
C ILE B 661 28.44 23.85 -28.58
N ILE B 662 29.28 23.13 -29.31
CA ILE B 662 29.20 23.08 -30.77
C ILE B 662 29.00 21.64 -31.25
N LEU B 663 27.84 21.38 -31.85
CA LEU B 663 27.52 20.04 -32.33
C LEU B 663 27.30 20.04 -33.84
N ASN B 664 28.40 19.92 -34.58
CA ASN B 664 28.33 19.80 -36.04
C ASN B 664 28.21 18.35 -36.48
N ALA B 665 26.98 17.91 -36.74
CA ALA B 665 26.73 16.56 -37.24
C ALA B 665 26.91 16.50 -38.75
N ASN B 666 26.94 17.66 -39.39
CA ASN B 666 27.20 17.75 -40.82
C ASN B 666 28.50 17.07 -41.22
N PRO B 667 28.47 16.37 -42.34
CA PRO B 667 29.62 15.55 -42.77
C PRO B 667 30.76 16.40 -43.33
N ASN B 668 30.42 17.56 -43.88
CA ASN B 668 31.43 18.48 -44.38
C ASN B 668 31.91 19.45 -43.29
N ASN B 669 32.96 20.20 -43.61
CA ASN B 669 33.44 21.25 -42.72
C ASN B 669 32.46 22.41 -42.61
N VAL B 670 32.64 23.24 -41.60
CA VAL B 670 31.82 24.44 -41.43
C VAL B 670 32.58 25.52 -40.64
N LYS B 671 32.32 26.78 -40.99
CA LYS B 671 32.82 27.89 -40.21
C LYS B 671 31.76 28.43 -39.25
N VAL B 672 32.16 28.70 -38.02
CA VAL B 672 31.24 29.21 -37.00
C VAL B 672 31.78 30.49 -36.38
N LYS B 673 30.87 31.41 -36.04
CA LYS B 673 31.24 32.66 -35.39
C LYS B 673 30.88 32.62 -33.91
N PHE B 674 31.91 32.57 -33.06
CA PHE B 674 31.71 32.63 -31.62
C PHE B 674 31.04 33.94 -31.21
N PRO B 675 30.16 33.87 -30.21
CA PRO B 675 29.64 35.07 -29.56
C PRO B 675 30.71 35.77 -28.72
N LYS B 676 30.36 36.91 -28.13
CA LYS B 676 31.27 38.04 -28.05
C LYS B 676 32.58 37.64 -27.37
N GLY B 677 32.48 36.77 -26.38
CA GLY B 677 33.47 36.72 -25.32
C GLY B 677 34.76 36.06 -25.76
N LYS B 678 35.60 35.71 -24.78
CA LYS B 678 36.90 35.11 -25.07
C LYS B 678 36.98 33.69 -24.52
N TRP B 679 37.09 32.72 -25.41
CA TRP B 679 36.64 31.35 -25.12
C TRP B 679 37.80 30.37 -25.11
N GLU B 680 37.66 29.29 -24.36
CA GLU B 680 38.73 28.32 -24.20
C GLU B 680 38.24 26.90 -24.49
N LEU B 681 39.08 26.12 -25.16
CA LEU B 681 38.69 24.79 -25.60
C LEU B 681 38.87 23.77 -24.49
N VAL B 682 37.77 23.13 -24.09
CA VAL B 682 37.78 22.25 -22.93
C VAL B 682 37.82 20.78 -23.35
N ILE B 683 37.02 20.44 -24.35
CA ILE B 683 36.97 19.08 -24.88
C ILE B 683 36.37 19.03 -26.28
N SER B 684 36.88 18.13 -27.10
CA SER B 684 36.32 17.90 -28.42
C SER B 684 36.48 16.43 -28.84
N SER B 685 35.84 16.06 -29.94
CA SER B 685 35.87 14.69 -30.43
C SER B 685 37.03 14.49 -31.40
N TYR B 686 37.87 15.49 -31.55
CA TYR B 686 39.04 15.41 -32.42
C TYR B 686 40.04 14.38 -31.90
N LEU B 687 40.47 13.49 -32.79
CA LEU B 687 41.45 12.47 -32.44
C LEU B 687 42.87 12.95 -32.70
N ARG B 688 43.02 13.81 -33.70
CA ARG B 688 44.29 14.49 -33.93
C ARG B 688 44.57 15.51 -32.84
N GLU B 689 45.84 15.89 -32.70
CA GLU B 689 46.22 16.96 -31.80
C GLU B 689 45.57 18.29 -32.18
N ILE B 690 45.01 18.98 -31.19
CA ILE B 690 44.26 20.20 -31.43
C ILE B 690 45.19 21.35 -31.83
N LYS B 691 44.93 21.95 -32.98
CA LYS B 691 45.67 23.12 -33.42
C LYS B 691 45.59 24.25 -32.38
N PRO B 692 46.71 24.92 -32.17
CA PRO B 692 46.84 25.87 -31.05
C PRO B 692 45.87 27.04 -31.20
N GLU B 693 45.38 27.27 -32.42
CA GLU B 693 44.50 28.39 -32.69
C GLU B 693 43.04 27.98 -32.56
N GLU B 694 42.81 26.78 -32.05
CA GLU B 694 41.47 26.37 -31.61
C GLU B 694 41.35 26.40 -30.10
N ARG B 695 42.48 26.55 -29.42
CA ARG B 695 42.51 26.45 -27.97
C ARG B 695 41.93 27.71 -27.31
N ILE B 696 41.91 28.80 -28.06
CA ILE B 696 41.41 30.07 -27.55
C ILE B 696 40.84 30.93 -28.67
N ILE B 697 39.51 31.03 -28.72
CA ILE B 697 38.86 31.93 -29.66
C ILE B 697 38.44 33.23 -28.98
N GLU B 698 38.43 34.31 -29.74
CA GLU B 698 38.22 35.64 -29.18
C GLU B 698 37.50 36.55 -30.18
N GLY B 699 36.57 37.35 -29.66
CA GLY B 699 36.14 38.56 -30.36
C GLY B 699 35.39 38.25 -31.65
N GLU B 700 34.33 37.46 -31.54
CA GLU B 700 33.47 37.17 -32.68
C GLU B 700 34.26 36.48 -33.79
N LYS B 701 35.47 36.06 -33.47
CA LYS B 701 36.32 35.36 -34.43
C LYS B 701 35.61 34.15 -35.03
N GLU B 702 36.25 33.52 -36.00
CA GLU B 702 35.66 32.36 -36.68
C GLU B 702 36.57 31.14 -36.57
N LEU B 703 35.98 29.96 -36.71
CA LEU B 703 36.73 28.71 -36.57
C LEU B 703 36.25 27.66 -37.56
N GLU B 704 37.19 26.96 -38.18
CA GLU B 704 36.87 25.84 -39.05
C GLU B 704 36.53 24.59 -38.23
N ILE B 705 35.35 24.04 -38.45
CA ILE B 705 34.91 22.84 -37.75
C ILE B 705 34.69 21.68 -38.72
N GLU B 706 35.56 20.69 -38.64
CA GLU B 706 35.40 19.46 -39.41
C GLU B 706 34.04 18.82 -39.17
N GLY B 707 33.50 18.16 -40.19
CA GLY B 707 32.24 17.45 -40.06
C GLY B 707 32.31 16.34 -39.03
N ARG B 708 31.15 15.96 -38.51
CA ARG B 708 31.08 15.03 -37.39
C ARG B 708 32.07 15.41 -36.29
N THR B 709 31.78 16.51 -35.60
CA THR B 709 32.68 17.04 -34.59
C THR B 709 31.92 17.79 -33.51
N ALA B 710 32.17 17.43 -32.25
CA ALA B 710 31.50 18.06 -31.13
C ALA B 710 32.50 18.73 -30.19
N LEU B 711 32.18 19.95 -29.77
CA LEU B 711 33.13 20.77 -29.02
C LEU B 711 32.46 21.46 -27.84
N VAL B 712 33.12 21.46 -26.69
CA VAL B 712 32.67 22.23 -25.55
C VAL B 712 33.66 23.34 -25.20
N TYR B 713 33.13 24.51 -24.86
CA TYR B 713 33.96 25.71 -24.71
C TYR B 713 33.60 26.46 -23.44
N ARG B 714 34.62 27.07 -22.81
CA ARG B 714 34.40 27.87 -21.62
C ARG B 714 34.86 29.30 -21.83
N ARG B 715 34.00 30.25 -21.48
CA ARG B 715 34.27 31.66 -21.74
C ARG B 715 35.06 32.30 -20.61
N ILE B 716 36.37 32.40 -20.79
CA ILE B 716 37.27 32.80 -19.71
C ILE B 716 37.12 34.28 -19.39
N GLU B 717 36.66 35.06 -20.36
CA GLU B 717 36.53 36.50 -20.21
C GLU B 717 35.42 37.05 -21.09
N LEU B 718 34.86 38.19 -20.67
CA LEU B 718 33.78 38.83 -21.42
C LEU B 718 33.79 40.34 -21.22
#